data_6RCA
#
_entry.id   6RCA
#
_cell.length_a   93.245
_cell.length_b   93.245
_cell.length_c   152.928
_cell.angle_alpha   90.000
_cell.angle_beta   90.000
_cell.angle_gamma   120.000
#
_symmetry.space_group_name_H-M   'P 31'
#
loop_
_entity.id
_entity.type
_entity.pdbx_description
1 polymer 'Uridine phosphorylase'
2 non-polymer 'SODIUM ION'
3 non-polymer "2,2'-Anhydro-(1-beta-D-ribofuranosyl)uracil"
4 non-polymer GLYCEROL
5 non-polymer 'CHLORIDE ION'
6 non-polymer 'MAGNESIUM ION'
7 non-polymer 1,2-ETHANEDIOL
8 water water
#
_entity_poly.entity_id   1
_entity_poly.type   'polypeptide(L)'
_entity_poly.pdbx_seq_one_letter_code
;MTKTVFHLGVTEADLNGATLAIIPGDPARVQKIAELMDNPVFLASHREYTVYRAELDGQSVVVCSTGIGGPSTSIAVEEL
AQLGVRTFLRVGTTGAIQPHVNVGDMIVTTGSVRLDGASLHFAPMEFPAVPDFDVATAMKAAAQESGATVHMGVTASSDT
FYPGQERYDTFTGRVVRRFQGSMKEWQDMGVLNFEMESATLLTMCASSGLKAGCVAGVIINRTQKEIPDHATLKETEARS
IKVVVEAARKMLK
;
_entity_poly.pdbx_strand_id   A,B,C,D,E,F
#
# COMPACT_ATOMS: atom_id res chain seq x y z
N LYS A 3 -27.35 -6.55 -31.90
CA LYS A 3 -26.22 -6.26 -30.96
C LYS A 3 -26.66 -6.07 -29.48
N THR A 4 -26.29 -7.08 -28.67
CA THR A 4 -26.89 -7.42 -27.34
C THR A 4 -25.84 -7.33 -26.25
N VAL A 5 -26.32 -7.33 -25.00
CA VAL A 5 -25.43 -7.18 -23.82
C VAL A 5 -25.76 -8.29 -22.82
N PHE A 6 -24.92 -8.50 -21.87
CA PHE A 6 -25.06 -9.69 -20.98
C PHE A 6 -26.18 -9.51 -19.95
N HIS A 7 -26.40 -8.33 -19.42
CA HIS A 7 -27.27 -8.10 -18.28
C HIS A 7 -28.51 -7.28 -18.58
N LEU A 8 -28.42 -6.17 -19.32
CA LEU A 8 -29.51 -5.19 -19.39
C LEU A 8 -30.69 -5.66 -20.23
N GLY A 9 -30.54 -6.61 -21.12
CA GLY A 9 -31.72 -7.12 -21.82
C GLY A 9 -32.21 -6.27 -22.96
N VAL A 10 -31.39 -5.32 -23.44
CA VAL A 10 -31.78 -4.37 -24.48
C VAL A 10 -30.77 -4.46 -25.59
N THR A 11 -31.19 -4.05 -26.76
CA THR A 11 -30.32 -3.92 -27.97
C THR A 11 -30.05 -2.47 -28.26
N GLU A 12 -29.12 -2.24 -29.17
CA GLU A 12 -28.80 -0.86 -29.61
C GLU A 12 -30.05 -0.24 -30.28
N ALA A 13 -30.75 -1.00 -31.10
CA ALA A 13 -31.99 -0.55 -31.76
C ALA A 13 -33.02 -0.09 -30.72
N ASP A 14 -33.14 -0.77 -29.59
CA ASP A 14 -34.12 -0.41 -28.57
C ASP A 14 -33.91 0.97 -28.02
N LEU A 15 -32.66 1.50 -28.11
CA LEU A 15 -32.39 2.80 -27.54
C LEU A 15 -32.75 3.95 -28.50
N ASN A 16 -33.09 3.65 -29.75
N ASN A 16 -33.06 3.65 -29.75
CA ASN A 16 -33.55 4.66 -30.73
CA ASN A 16 -33.53 4.66 -30.73
C ASN A 16 -32.54 5.82 -30.80
C ASN A 16 -32.54 5.82 -30.82
N GLY A 17 -31.25 5.52 -30.80
CA GLY A 17 -30.16 6.48 -31.02
C GLY A 17 -29.76 7.26 -29.77
N ALA A 18 -30.25 6.89 -28.60
CA ALA A 18 -29.90 7.64 -27.39
C ALA A 18 -28.39 7.59 -27.15
N THR A 19 -27.84 8.73 -26.79
CA THR A 19 -26.46 8.81 -26.36
C THR A 19 -26.32 9.31 -24.94
N LEU A 20 -27.41 9.53 -24.25
CA LEU A 20 -27.42 10.05 -22.88
C LEU A 20 -28.33 9.18 -22.04
N ALA A 21 -27.85 8.79 -20.86
CA ALA A 21 -28.61 7.97 -19.91
C ALA A 21 -28.72 8.71 -18.58
N ILE A 22 -29.88 8.63 -17.94
CA ILE A 22 -30.09 8.97 -16.54
C ILE A 22 -30.08 7.65 -15.78
N ILE A 23 -29.28 7.57 -14.71
CA ILE A 23 -28.96 6.33 -14.01
C ILE A 23 -29.27 6.47 -12.52
N PRO A 24 -30.56 6.34 -12.08
CA PRO A 24 -30.85 6.24 -10.67
C PRO A 24 -30.45 4.85 -10.10
N GLY A 25 -30.41 4.72 -8.77
CA GLY A 25 -30.15 3.43 -8.13
C GLY A 25 -31.36 2.51 -8.10
N ASP A 26 -32.51 3.05 -7.76
CA ASP A 26 -33.68 2.23 -7.43
C ASP A 26 -34.42 1.92 -8.72
N PRO A 27 -34.59 0.61 -9.08
CA PRO A 27 -35.43 0.27 -10.25
C PRO A 27 -36.82 0.91 -10.26
N ALA A 28 -37.42 1.10 -9.10
CA ALA A 28 -38.77 1.71 -9.02
C ALA A 28 -38.79 3.18 -9.41
N ARG A 29 -37.66 3.85 -9.44
CA ARG A 29 -37.65 5.27 -9.83
C ARG A 29 -37.54 5.46 -11.35
N VAL A 30 -37.22 4.42 -12.08
CA VAL A 30 -36.93 4.52 -13.52
C VAL A 30 -38.17 5.05 -14.24
N GLN A 31 -39.34 4.41 -13.99
CA GLN A 31 -40.60 4.80 -14.69
C GLN A 31 -40.95 6.25 -14.33
N LYS A 32 -40.69 6.64 -13.07
CA LYS A 32 -41.05 7.98 -12.59
C LYS A 32 -40.21 9.00 -13.38
N ILE A 33 -38.92 8.76 -13.56
CA ILE A 33 -38.07 9.69 -14.32
C ILE A 33 -38.51 9.70 -15.76
N ALA A 34 -38.72 8.55 -16.33
CA ALA A 34 -39.07 8.45 -17.77
C ALA A 34 -40.37 9.25 -18.01
N GLU A 35 -41.34 9.20 -17.09
CA GLU A 35 -42.64 9.88 -17.27
C GLU A 35 -42.54 11.39 -17.15
N LEU A 36 -41.40 11.92 -16.70
CA LEU A 36 -41.20 13.37 -16.80
C LEU A 36 -40.89 13.79 -18.21
N MET A 37 -40.58 12.85 -19.12
CA MET A 37 -40.24 13.17 -20.52
C MET A 37 -41.37 12.72 -21.42
N ASP A 38 -41.16 12.86 -22.72
CA ASP A 38 -42.20 12.49 -23.68
C ASP A 38 -42.08 11.03 -24.09
N ASN A 39 -43.19 10.41 -24.42
CA ASN A 39 -43.21 9.08 -25.02
C ASN A 39 -42.34 8.06 -24.23
N PRO A 40 -42.53 7.93 -22.91
CA PRO A 40 -41.80 6.92 -22.14
C PRO A 40 -42.22 5.50 -22.60
N VAL A 41 -41.26 4.62 -22.76
CA VAL A 41 -41.44 3.24 -23.21
C VAL A 41 -40.63 2.36 -22.27
N PHE A 42 -41.26 1.36 -21.70
CA PHE A 42 -40.62 0.30 -20.96
C PHE A 42 -39.90 -0.62 -21.94
N LEU A 43 -38.62 -0.84 -21.65
CA LEU A 43 -37.77 -1.74 -22.48
C LEU A 43 -37.53 -3.08 -21.84
N ALA A 44 -37.10 -3.14 -20.57
CA ALA A 44 -36.72 -4.42 -19.97
C ALA A 44 -36.58 -4.25 -18.48
N SER A 45 -36.73 -5.36 -17.77
CA SER A 45 -36.39 -5.44 -16.35
C SER A 45 -35.79 -6.80 -16.05
N HIS A 46 -34.57 -6.81 -15.50
N HIS A 46 -34.61 -6.80 -15.45
CA HIS A 46 -33.83 -8.03 -15.12
CA HIS A 46 -33.93 -8.05 -15.04
C HIS A 46 -33.03 -7.67 -13.88
C HIS A 46 -33.03 -7.70 -13.88
N ARG A 47 -33.15 -8.42 -12.78
CA ARG A 47 -32.35 -8.13 -11.59
C ARG A 47 -32.61 -6.69 -11.14
N GLU A 48 -31.56 -5.95 -10.79
CA GLU A 48 -31.75 -4.56 -10.37
C GLU A 48 -31.85 -3.58 -11.55
N TYR A 49 -31.91 -4.07 -12.79
CA TYR A 49 -31.80 -3.25 -13.99
C TYR A 49 -33.17 -3.12 -14.67
N THR A 50 -33.80 -1.99 -14.47
CA THR A 50 -35.04 -1.62 -15.18
C THR A 50 -34.67 -0.51 -16.17
N VAL A 51 -35.06 -0.68 -17.43
CA VAL A 51 -34.61 0.18 -18.52
C VAL A 51 -35.84 0.74 -19.24
N TYR A 52 -35.90 2.06 -19.36
CA TYR A 52 -36.90 2.79 -20.16
C TYR A 52 -36.18 3.61 -21.21
N ARG A 53 -36.87 3.98 -22.29
N ARG A 53 -36.92 3.98 -22.24
CA ARG A 53 -36.45 5.11 -23.12
CA ARG A 53 -36.56 5.06 -23.17
C ARG A 53 -37.56 6.16 -23.11
C ARG A 53 -37.58 6.20 -22.98
N ALA A 54 -37.19 7.41 -23.37
CA ALA A 54 -38.14 8.51 -23.52
C ALA A 54 -37.52 9.51 -24.48
N GLU A 55 -38.22 10.57 -24.69
CA GLU A 55 -37.80 11.63 -25.61
C GLU A 55 -37.79 12.96 -24.90
N LEU A 56 -36.72 13.71 -25.09
CA LEU A 56 -36.51 15.03 -24.44
C LEU A 56 -36.16 16.00 -25.54
N ASP A 57 -37.04 16.97 -25.76
CA ASP A 57 -36.84 17.93 -26.88
C ASP A 57 -36.59 17.16 -28.18
N GLY A 58 -37.33 16.06 -28.38
CA GLY A 58 -37.21 15.32 -29.64
C GLY A 58 -36.06 14.32 -29.67
N GLN A 59 -35.23 14.23 -28.64
CA GLN A 59 -34.05 13.35 -28.66
C GLN A 59 -34.27 12.19 -27.72
N SER A 60 -33.82 11.03 -28.12
N SER A 60 -33.85 11.01 -28.14
CA SER A 60 -33.97 9.82 -27.30
CA SER A 60 -34.01 9.78 -27.33
C SER A 60 -33.03 9.88 -26.11
C SER A 60 -33.06 9.84 -26.15
N VAL A 61 -33.58 9.54 -24.95
CA VAL A 61 -32.91 9.46 -23.63
CA VAL A 61 -32.76 9.36 -23.75
C VAL A 61 -33.17 8.05 -23.07
N VAL A 62 -32.17 7.44 -22.46
N VAL A 62 -32.20 7.40 -22.45
CA VAL A 62 -32.36 6.21 -21.68
CA VAL A 62 -32.45 6.12 -21.75
C VAL A 62 -32.49 6.55 -20.21
C VAL A 62 -32.37 6.38 -20.26
N VAL A 63 -33.27 5.75 -19.51
CA VAL A 63 -33.25 5.74 -18.04
C VAL A 63 -33.00 4.31 -17.62
N CYS A 64 -32.00 4.06 -16.77
CA CYS A 64 -31.57 2.70 -16.44
C CYS A 64 -31.19 2.68 -14.96
N SER A 65 -31.79 1.85 -14.14
CA SER A 65 -31.33 1.72 -12.73
C SER A 65 -30.01 0.99 -12.65
N THR A 66 -29.30 1.21 -11.56
CA THR A 66 -27.96 0.65 -11.36
C THR A 66 -27.94 -0.38 -10.23
N GLY A 67 -28.93 -0.39 -9.33
CA GLY A 67 -28.74 -1.04 -8.05
C GLY A 67 -27.84 -0.27 -7.12
N ILE A 68 -27.66 -0.79 -5.93
CA ILE A 68 -26.75 -0.20 -4.93
C ILE A 68 -25.34 -0.67 -5.21
N GLY A 69 -24.42 0.29 -5.23
CA GLY A 69 -22.99 0.02 -5.22
C GLY A 69 -22.31 0.12 -6.57
N GLY A 70 -20.98 0.26 -6.50
CA GLY A 70 -20.16 0.33 -7.69
C GLY A 70 -20.21 -0.89 -8.58
N PRO A 71 -20.20 -2.13 -8.02
CA PRO A 71 -20.17 -3.29 -8.91
C PRO A 71 -21.38 -3.32 -9.90
N SER A 72 -22.59 -3.23 -9.36
CA SER A 72 -23.76 -3.24 -10.25
C SER A 72 -23.81 -2.04 -11.17
N THR A 73 -23.37 -0.88 -10.67
CA THR A 73 -23.28 0.32 -11.49
C THR A 73 -22.36 0.10 -12.67
N SER A 74 -21.18 -0.50 -12.41
CA SER A 74 -20.17 -0.67 -13.44
C SER A 74 -20.69 -1.50 -14.60
N ILE A 75 -21.54 -2.51 -14.30
CA ILE A 75 -22.11 -3.34 -15.37
C ILE A 75 -23.03 -2.49 -16.23
N ALA A 76 -23.93 -1.72 -15.61
CA ALA A 76 -24.93 -0.93 -16.38
C ALA A 76 -24.19 0.09 -17.27
N VAL A 77 -23.16 0.76 -16.73
CA VAL A 77 -22.45 1.79 -17.51
C VAL A 77 -21.78 1.14 -18.69
N GLU A 78 -21.06 0.05 -18.47
CA GLU A 78 -20.32 -0.64 -19.53
C GLU A 78 -21.28 -1.07 -20.63
N GLU A 79 -22.40 -1.65 -20.25
CA GLU A 79 -23.33 -2.20 -21.27
C GLU A 79 -24.02 -1.07 -22.06
N LEU A 80 -24.42 -0.02 -21.35
CA LEU A 80 -24.97 1.15 -22.03
C LEU A 80 -23.95 1.76 -23.01
N ALA A 81 -22.67 1.82 -22.62
CA ALA A 81 -21.64 2.33 -23.49
C ALA A 81 -21.49 1.45 -24.72
N GLN A 82 -21.53 0.12 -24.53
CA GLN A 82 -21.50 -0.78 -25.69
C GLN A 82 -22.61 -0.46 -26.68
N LEU A 83 -23.73 0.01 -26.18
CA LEU A 83 -24.91 0.33 -27.00
C LEU A 83 -24.97 1.79 -27.43
N GLY A 84 -23.92 2.56 -27.25
CA GLY A 84 -23.78 3.90 -27.81
C GLY A 84 -23.93 5.04 -26.82
N VAL A 85 -24.21 4.76 -25.55
CA VAL A 85 -24.40 5.84 -24.57
C VAL A 85 -23.02 6.41 -24.23
N ARG A 86 -22.92 7.75 -24.20
CA ARG A 86 -21.65 8.43 -23.91
C ARG A 86 -21.75 9.37 -22.72
N THR A 87 -22.94 9.79 -22.29
CA THR A 87 -23.15 10.73 -21.20
C THR A 87 -24.05 10.09 -20.18
N PHE A 88 -23.64 10.11 -18.90
CA PHE A 88 -24.36 9.45 -17.79
C PHE A 88 -24.63 10.41 -16.66
N LEU A 89 -25.87 10.60 -16.34
CA LEU A 89 -26.26 11.45 -15.29
C LEU A 89 -26.83 10.69 -14.14
N ARG A 90 -26.13 10.67 -13.07
CA ARG A 90 -26.62 10.04 -11.88
C ARG A 90 -27.41 10.94 -10.95
N VAL A 91 -28.61 10.49 -10.57
CA VAL A 91 -29.42 11.13 -9.59
C VAL A 91 -29.65 10.20 -8.40
N GLY A 92 -29.65 10.71 -7.20
CA GLY A 92 -29.91 9.83 -6.04
C GLY A 92 -30.13 10.63 -4.80
N THR A 93 -30.02 9.90 -3.69
CA THR A 93 -30.14 10.40 -2.31
C THR A 93 -28.83 10.32 -1.60
N THR A 94 -28.69 11.15 -0.59
CA THR A 94 -27.41 11.22 0.13
C THR A 94 -27.65 11.65 1.58
N GLY A 95 -26.70 11.25 2.44
CA GLY A 95 -26.62 11.69 3.82
C GLY A 95 -25.54 12.78 3.91
N ALA A 96 -25.89 13.95 4.38
CA ALA A 96 -24.92 15.06 4.58
C ALA A 96 -24.20 14.84 5.90
N ILE A 97 -22.97 15.29 5.97
CA ILE A 97 -22.15 15.17 7.21
C ILE A 97 -21.71 16.55 7.71
N GLN A 98 -22.06 17.62 7.02
CA GLN A 98 -21.74 18.99 7.44
C GLN A 98 -22.96 19.61 8.09
N PRO A 99 -22.82 20.28 9.25
CA PRO A 99 -23.97 20.88 9.93
C PRO A 99 -24.70 21.89 9.06
N HIS A 100 -24.02 22.59 8.18
CA HIS A 100 -24.62 23.70 7.42
C HIS A 100 -25.52 23.20 6.29
N VAL A 101 -25.43 21.93 5.95
CA VAL A 101 -26.16 21.36 4.80
C VAL A 101 -27.50 20.85 5.31
N ASN A 102 -28.60 21.34 4.79
CA ASN A 102 -29.92 20.97 5.33
C ASN A 102 -30.55 19.87 4.51
N VAL A 103 -31.42 19.08 5.18
CA VAL A 103 -32.29 18.14 4.47
C VAL A 103 -33.05 18.98 3.42
N GLY A 104 -33.11 18.48 2.21
CA GLY A 104 -33.77 19.16 1.10
C GLY A 104 -32.86 19.96 0.22
N ASP A 105 -31.65 20.23 0.69
CA ASP A 105 -30.62 20.84 -0.19
C ASP A 105 -30.23 19.81 -1.25
N MET A 106 -29.51 20.27 -2.26
N MET A 106 -29.58 20.29 -2.30
CA MET A 106 -28.97 19.45 -3.32
CA MET A 106 -28.98 19.46 -3.35
C MET A 106 -27.44 19.58 -3.37
C MET A 106 -27.45 19.55 -3.24
N ILE A 107 -26.78 18.48 -3.66
CA ILE A 107 -25.30 18.43 -3.78
C ILE A 107 -24.94 17.96 -5.18
N VAL A 108 -24.05 18.69 -5.82
CA VAL A 108 -23.45 18.28 -7.06
C VAL A 108 -21.97 17.96 -6.73
N THR A 109 -21.59 16.70 -6.97
CA THR A 109 -20.27 16.20 -6.59
C THR A 109 -19.21 16.80 -7.51
N THR A 110 -18.16 17.41 -6.96
CA THR A 110 -17.02 17.90 -7.76
C THR A 110 -15.86 16.89 -7.74
N GLY A 111 -15.89 15.91 -6.84
CA GLY A 111 -14.91 14.84 -6.77
C GLY A 111 -15.31 13.92 -5.67
N SER A 112 -14.95 12.65 -5.81
CA SER A 112 -15.31 11.66 -4.78
C SER A 112 -14.11 11.07 -4.11
N VAL A 113 -14.23 10.90 -2.78
CA VAL A 113 -13.27 10.09 -2.00
C VAL A 113 -13.55 8.62 -2.34
N ARG A 114 -12.53 7.94 -2.83
CA ARG A 114 -12.69 6.58 -3.41
C ARG A 114 -12.61 5.55 -2.28
N LEU A 115 -13.72 5.35 -1.57
CA LEU A 115 -13.82 4.36 -0.48
C LEU A 115 -14.48 3.09 -1.02
N ASP A 116 -14.26 2.82 -2.30
CA ASP A 116 -14.87 1.71 -3.04
C ASP A 116 -13.75 0.76 -3.51
N GLY A 117 -14.14 -0.28 -4.18
CA GLY A 117 -13.21 -1.13 -4.87
C GLY A 117 -13.28 -1.07 -6.35
N ALA A 118 -14.45 -0.85 -6.94
CA ALA A 118 -14.59 -0.99 -8.39
C ALA A 118 -13.81 0.09 -9.14
N SER A 119 -13.64 1.27 -8.53
CA SER A 119 -12.89 2.34 -9.22
C SER A 119 -11.46 1.87 -9.58
N LEU A 120 -10.85 1.05 -8.71
CA LEU A 120 -9.51 0.48 -8.89
C LEU A 120 -9.45 -0.50 -10.03
N HIS A 121 -10.59 -0.96 -10.52
CA HIS A 121 -10.62 -1.83 -11.70
C HIS A 121 -10.55 -1.04 -13.01
N PHE A 122 -10.55 0.31 -12.90
CA PHE A 122 -10.44 1.19 -14.07
C PHE A 122 -9.19 2.11 -14.02
N ALA A 123 -8.79 2.52 -12.83
CA ALA A 123 -7.65 3.44 -12.72
C ALA A 123 -7.05 3.24 -11.33
N PRO A 124 -5.72 3.41 -11.19
CA PRO A 124 -5.11 3.28 -9.88
C PRO A 124 -5.57 4.42 -8.97
N MET A 125 -5.36 4.27 -7.67
CA MET A 125 -5.95 5.16 -6.66
C MET A 125 -5.56 6.61 -6.90
N GLU A 126 -4.36 6.86 -7.44
CA GLU A 126 -3.92 8.25 -7.65
C GLU A 126 -4.86 9.04 -8.56
N PHE A 127 -5.56 8.35 -9.45
CA PHE A 127 -6.42 9.01 -10.46
C PHE A 127 -7.65 9.65 -9.77
N PRO A 128 -8.03 10.87 -10.15
CA PRO A 128 -9.12 11.54 -9.44
C PRO A 128 -10.50 11.02 -9.90
N ALA A 129 -11.38 10.82 -8.94
CA ALA A 129 -12.81 10.46 -9.22
C ALA A 129 -13.53 11.80 -9.43
N VAL A 130 -13.46 12.30 -10.66
N VAL A 130 -13.44 12.30 -10.67
CA VAL A 130 -13.97 13.66 -10.97
CA VAL A 130 -13.93 13.66 -11.00
C VAL A 130 -14.98 13.61 -12.10
C VAL A 130 -15.01 13.57 -12.07
N PRO A 131 -16.02 14.45 -12.01
CA PRO A 131 -17.04 14.48 -13.05
C PRO A 131 -16.53 15.19 -14.30
N ASP A 132 -17.23 14.96 -15.40
CA ASP A 132 -17.09 15.79 -16.58
C ASP A 132 -17.55 17.20 -16.23
N PHE A 133 -16.77 18.19 -16.65
CA PHE A 133 -17.04 19.60 -16.29
C PHE A 133 -18.38 20.08 -16.87
N ASP A 134 -18.68 19.70 -18.08
CA ASP A 134 -19.95 20.12 -18.69
C ASP A 134 -21.12 19.53 -17.93
N VAL A 135 -21.02 18.27 -17.51
CA VAL A 135 -22.14 17.64 -16.78
C VAL A 135 -22.29 18.33 -15.43
N ALA A 136 -21.18 18.54 -14.72
CA ALA A 136 -21.28 19.19 -13.42
C ALA A 136 -21.88 20.60 -13.57
N THR A 137 -21.46 21.31 -14.62
CA THR A 137 -22.01 22.66 -14.87
C THR A 137 -23.52 22.65 -15.17
N ALA A 138 -23.97 21.67 -15.94
CA ALA A 138 -25.38 21.52 -16.25
C ALA A 138 -26.15 21.17 -14.99
N MET A 139 -25.62 20.27 -14.16
N MET A 139 -25.61 20.27 -14.18
CA MET A 139 -26.31 19.88 -12.93
CA MET A 139 -26.23 19.82 -12.92
C MET A 139 -26.44 21.06 -11.95
C MET A 139 -26.42 21.02 -11.98
N LYS A 140 -25.36 21.82 -11.80
CA LYS A 140 -25.44 23.00 -10.93
C LYS A 140 -26.52 23.99 -11.48
N ALA A 141 -26.48 24.26 -12.76
CA ALA A 141 -27.45 25.20 -13.34
C ALA A 141 -28.89 24.70 -13.16
N ALA A 142 -29.12 23.42 -13.43
CA ALA A 142 -30.47 22.88 -13.27
C ALA A 142 -30.91 22.91 -11.82
N ALA A 143 -30.02 22.56 -10.91
CA ALA A 143 -30.34 22.57 -9.49
C ALA A 143 -30.64 23.98 -9.02
N GLN A 144 -29.82 24.95 -9.40
CA GLN A 144 -30.04 26.33 -8.93
C GLN A 144 -31.33 26.91 -9.56
N GLU A 145 -31.55 26.66 -10.84
CA GLU A 145 -32.77 27.19 -11.53
C GLU A 145 -34.01 26.64 -10.87
N SER A 146 -33.94 25.46 -10.22
CA SER A 146 -35.14 24.90 -9.57
C SER A 146 -35.51 25.64 -8.30
N GLY A 147 -34.64 26.47 -7.77
CA GLY A 147 -34.84 27.20 -6.52
C GLY A 147 -34.25 26.51 -5.33
N ALA A 148 -33.60 25.38 -5.55
CA ALA A 148 -32.94 24.62 -4.45
C ALA A 148 -31.71 25.40 -3.94
N THR A 149 -31.32 25.09 -2.71
CA THR A 149 -30.00 25.48 -2.17
C THR A 149 -29.04 24.39 -2.62
N VAL A 150 -28.01 24.76 -3.30
CA VAL A 150 -27.06 23.83 -3.97
C VAL A 150 -25.66 23.98 -3.40
N HIS A 151 -25.06 22.87 -3.12
CA HIS A 151 -23.68 22.79 -2.67
C HIS A 151 -22.84 22.06 -3.73
N MET A 152 -21.68 22.61 -4.06
CA MET A 152 -20.70 21.96 -4.90
C MET A 152 -19.58 21.47 -3.97
N GLY A 153 -19.22 20.19 -4.07
CA GLY A 153 -18.07 19.76 -3.22
C GLY A 153 -17.81 18.28 -3.26
N VAL A 154 -16.97 17.87 -2.38
CA VAL A 154 -16.47 16.48 -2.36
C VAL A 154 -17.44 15.57 -1.60
N THR A 155 -17.61 14.39 -2.16
CA THR A 155 -18.51 13.33 -1.68
C THR A 155 -17.66 12.12 -1.27
N ALA A 156 -17.90 11.53 -0.11
CA ALA A 156 -17.25 10.26 0.29
C ALA A 156 -18.09 9.08 -0.25
N SER A 157 -17.50 8.23 -1.06
CA SER A 157 -18.22 7.19 -1.79
C SER A 157 -17.76 5.85 -1.28
N SER A 158 -18.63 5.20 -0.53
CA SER A 158 -18.31 3.98 0.27
C SER A 158 -18.91 2.71 -0.32
N ASP A 159 -18.14 1.61 -0.33
CA ASP A 159 -18.67 0.27 -0.66
C ASP A 159 -19.54 -0.31 0.43
N THR A 160 -19.71 0.35 1.56
CA THR A 160 -20.68 -0.11 2.56
C THR A 160 -21.54 1.04 3.06
N PHE A 161 -22.75 0.70 3.50
CA PHE A 161 -23.63 1.65 4.16
C PHE A 161 -23.27 1.84 5.59
N TYR A 162 -22.75 0.77 6.21
CA TYR A 162 -22.58 0.67 7.65
C TYR A 162 -21.15 1.05 8.10
N PRO A 163 -20.15 0.13 8.11
CA PRO A 163 -18.86 0.53 8.68
C PRO A 163 -18.16 1.65 7.87
N GLY A 164 -18.30 1.63 6.55
CA GLY A 164 -17.62 2.64 5.73
C GLY A 164 -18.20 4.02 5.86
N GLN A 165 -19.40 4.11 6.44
CA GLN A 165 -20.00 5.41 6.82
C GLN A 165 -19.87 5.64 8.32
N GLU A 166 -19.02 4.85 8.98
CA GLU A 166 -18.77 4.90 10.42
C GLU A 166 -20.07 4.86 11.22
N ARG A 167 -20.92 3.89 10.88
N ARG A 167 -20.92 3.89 10.88
CA ARG A 167 -22.14 3.60 11.68
CA ARG A 167 -22.10 3.62 11.71
C ARG A 167 -21.82 2.54 12.74
C ARG A 167 -21.75 2.56 12.75
N TYR A 168 -22.16 2.81 13.98
CA TYR A 168 -21.94 1.87 15.10
C TYR A 168 -23.23 1.22 15.54
N ASP A 169 -24.39 1.66 15.08
CA ASP A 169 -25.69 1.07 15.52
C ASP A 169 -25.97 -0.18 14.69
N THR A 170 -25.19 -1.23 14.86
CA THR A 170 -25.12 -2.37 13.98
C THR A 170 -25.11 -3.63 14.80
N PHE A 171 -25.17 -4.77 14.13
CA PHE A 171 -25.14 -6.07 14.80
C PHE A 171 -23.90 -6.20 15.71
N THR A 172 -22.69 -5.91 15.21
CA THR A 172 -21.48 -6.06 16.04
C THR A 172 -21.15 -4.80 16.81
N GLY A 173 -21.57 -3.65 16.33
CA GLY A 173 -21.20 -2.38 16.89
C GLY A 173 -19.72 -2.04 16.69
N ARG A 174 -19.03 -2.76 15.82
N ARG A 174 -19.05 -2.74 15.79
N ARG A 174 -19.05 -2.73 15.80
CA ARG A 174 -17.60 -2.57 15.54
CA ARG A 174 -17.65 -2.48 15.55
CA ARG A 174 -17.65 -2.48 15.55
C ARG A 174 -17.39 -1.87 14.21
C ARG A 174 -17.39 -1.86 14.21
C ARG A 174 -17.40 -1.85 14.21
N VAL A 175 -16.33 -1.07 14.13
CA VAL A 175 -15.88 -0.51 12.87
C VAL A 175 -14.39 -0.82 12.77
N VAL A 176 -13.98 -1.39 11.66
CA VAL A 176 -12.57 -1.72 11.40
C VAL A 176 -11.70 -0.49 11.57
N ARG A 177 -10.44 -0.70 11.94
N ARG A 177 -10.44 -0.69 11.95
CA ARG A 177 -9.48 0.41 12.22
CA ARG A 177 -9.48 0.40 12.21
C ARG A 177 -9.49 1.47 11.12
C ARG A 177 -9.49 1.45 11.11
N ARG A 178 -9.41 1.07 9.86
CA ARG A 178 -9.38 2.01 8.75
C ARG A 178 -10.48 3.10 8.85
N PHE A 179 -11.66 2.72 9.32
CA PHE A 179 -12.83 3.61 9.34
C PHE A 179 -13.14 4.19 10.70
N GLN A 180 -12.43 3.82 11.76
CA GLN A 180 -12.59 4.45 13.08
C GLN A 180 -12.10 5.89 12.98
N GLY A 181 -12.93 6.83 13.41
CA GLY A 181 -12.63 8.26 13.34
C GLY A 181 -12.74 8.82 11.98
N SER A 182 -13.21 8.05 10.98
CA SER A 182 -13.21 8.53 9.60
C SER A 182 -14.25 9.61 9.34
N MET A 183 -15.41 9.51 9.99
N MET A 183 -15.41 9.54 9.99
CA MET A 183 -16.47 10.55 9.83
CA MET A 183 -16.43 10.59 9.67
C MET A 183 -15.87 11.92 10.13
C MET A 183 -15.88 11.96 10.13
N LYS A 184 -15.30 12.07 11.31
CA LYS A 184 -14.72 13.31 11.77
C LYS A 184 -13.62 13.78 10.82
N GLU A 185 -12.81 12.87 10.32
N GLU A 185 -12.77 12.88 10.34
CA GLU A 185 -11.74 13.23 9.37
CA GLU A 185 -11.72 13.26 9.37
C GLU A 185 -12.34 13.82 8.10
C GLU A 185 -12.38 13.87 8.13
N TRP A 186 -13.35 13.19 7.52
CA TRP A 186 -13.99 13.74 6.31
C TRP A 186 -14.64 15.08 6.65
N GLN A 187 -15.32 15.18 7.79
CA GLN A 187 -15.93 16.47 8.16
C GLN A 187 -14.88 17.57 8.23
N ASP A 188 -13.75 17.31 8.87
CA ASP A 188 -12.67 18.30 9.01
C ASP A 188 -12.09 18.65 7.66
N MET A 189 -12.09 17.73 6.69
CA MET A 189 -11.59 17.96 5.35
C MET A 189 -12.61 18.64 4.44
N GLY A 190 -13.81 18.89 4.95
CA GLY A 190 -14.79 19.63 4.17
C GLY A 190 -15.66 18.78 3.30
N VAL A 191 -15.59 17.46 3.43
CA VAL A 191 -16.44 16.55 2.62
C VAL A 191 -17.91 16.78 2.97
N LEU A 192 -18.77 16.82 1.98
CA LEU A 192 -20.17 17.19 2.22
C LEU A 192 -21.06 16.04 2.68
N ASN A 193 -20.82 14.86 2.15
CA ASN A 193 -21.88 13.81 2.17
C ASN A 193 -21.28 12.45 1.91
N PHE A 194 -22.08 11.42 2.18
CA PHE A 194 -21.80 10.02 1.85
C PHE A 194 -22.79 9.51 0.80
N GLU A 195 -22.31 8.69 -0.11
CA GLU A 195 -23.13 7.79 -0.91
C GLU A 195 -22.29 6.59 -1.31
N MET A 196 -22.75 5.79 -2.29
CA MET A 196 -22.10 4.48 -2.50
C MET A 196 -21.76 4.18 -3.97
N GLU A 197 -21.86 5.11 -4.91
CA GLU A 197 -21.69 4.79 -6.32
C GLU A 197 -20.81 5.76 -7.08
N SER A 198 -20.67 7.02 -6.58
CA SER A 198 -19.99 8.05 -7.38
C SER A 198 -18.53 7.77 -7.64
N ALA A 199 -17.79 7.18 -6.68
CA ALA A 199 -16.36 6.95 -6.94
C ALA A 199 -16.22 6.02 -8.13
N THR A 200 -17.01 4.93 -8.15
CA THR A 200 -16.93 3.96 -9.26
C THR A 200 -17.34 4.64 -10.56
N LEU A 201 -18.53 5.31 -10.55
CA LEU A 201 -19.05 5.93 -11.77
C LEU A 201 -18.05 6.97 -12.34
N LEU A 202 -17.62 7.90 -11.47
CA LEU A 202 -16.81 8.98 -11.98
C LEU A 202 -15.43 8.48 -12.44
N THR A 203 -14.83 7.56 -11.71
CA THR A 203 -13.50 7.05 -12.10
C THR A 203 -13.61 6.30 -13.40
N MET A 204 -14.57 5.37 -13.48
CA MET A 204 -14.73 4.58 -14.72
CA MET A 204 -14.78 4.57 -14.72
C MET A 204 -14.99 5.49 -15.93
N CYS A 205 -15.85 6.50 -15.79
CA CYS A 205 -16.14 7.34 -16.95
C CYS A 205 -14.99 8.28 -17.33
N ALA A 206 -14.37 8.88 -16.33
CA ALA A 206 -13.26 9.85 -16.61
C ALA A 206 -12.06 9.17 -17.19
N SER A 207 -11.89 7.87 -16.94
CA SER A 207 -10.76 7.11 -17.50
C SER A 207 -11.13 6.35 -18.76
N SER A 208 -12.36 6.44 -19.25
CA SER A 208 -12.89 5.64 -20.36
C SER A 208 -13.50 6.48 -21.49
N GLY A 209 -13.37 7.80 -21.47
CA GLY A 209 -13.90 8.63 -22.55
C GLY A 209 -15.41 8.80 -22.47
N LEU A 210 -16.00 8.69 -21.29
CA LEU A 210 -17.45 8.87 -21.10
C LEU A 210 -17.65 10.09 -20.20
N LYS A 211 -18.76 10.82 -20.39
CA LYS A 211 -19.07 11.98 -19.58
C LYS A 211 -19.98 11.59 -18.45
N ALA A 212 -19.68 11.93 -17.22
CA ALA A 212 -20.54 11.55 -16.08
C ALA A 212 -20.60 12.66 -15.07
N GLY A 213 -21.67 12.69 -14.29
CA GLY A 213 -21.78 13.50 -13.11
C GLY A 213 -22.82 12.97 -12.19
N CYS A 214 -22.86 13.53 -10.98
N CYS A 214 -22.87 13.51 -10.97
CA CYS A 214 -23.75 13.11 -9.90
CA CYS A 214 -23.78 13.05 -9.90
C CYS A 214 -24.42 14.32 -9.27
C CYS A 214 -24.40 14.25 -9.17
N VAL A 215 -25.72 14.22 -9.04
CA VAL A 215 -26.50 15.18 -8.28
C VAL A 215 -27.38 14.43 -7.31
N ALA A 216 -27.52 14.92 -6.10
CA ALA A 216 -28.27 14.20 -5.08
C ALA A 216 -29.03 15.14 -4.21
N GLY A 217 -30.21 14.65 -3.75
CA GLY A 217 -30.97 15.33 -2.73
C GLY A 217 -30.59 14.85 -1.34
N VAL A 218 -30.43 15.78 -0.39
CA VAL A 218 -30.04 15.43 0.97
C VAL A 218 -31.30 14.94 1.71
N ILE A 219 -31.28 13.69 2.17
CA ILE A 219 -32.41 13.05 2.87
C ILE A 219 -32.19 12.93 4.36
N ILE A 220 -30.95 13.13 4.82
CA ILE A 220 -30.61 13.01 6.23
C ILE A 220 -29.33 13.79 6.46
N ASN A 221 -29.14 14.26 7.67
CA ASN A 221 -27.88 14.90 8.05
C ASN A 221 -27.41 14.13 9.28
N ARG A 222 -26.22 13.54 9.21
CA ARG A 222 -25.66 12.71 10.28
C ARG A 222 -25.41 13.51 11.54
N THR A 223 -25.39 14.84 11.48
CA THR A 223 -25.17 15.68 12.67
C THR A 223 -26.49 16.10 13.30
N GLN A 224 -27.62 15.75 12.72
CA GLN A 224 -28.93 16.15 13.30
C GLN A 224 -29.66 14.88 13.76
N LYS A 225 -30.03 14.79 15.02
CA LYS A 225 -30.71 13.57 15.58
C LYS A 225 -32.20 13.52 15.27
N GLU A 226 -32.79 14.64 14.92
CA GLU A 226 -34.22 14.74 14.61
C GLU A 226 -34.54 14.05 13.29
N ILE A 227 -35.72 13.47 13.24
CA ILE A 227 -36.23 12.85 11.98
C ILE A 227 -36.79 13.96 11.06
N PRO A 228 -36.38 13.99 9.79
CA PRO A 228 -36.88 14.98 8.87
C PRO A 228 -38.38 14.80 8.63
N ASP A 229 -38.94 15.91 8.20
N ASP A 229 -39.04 15.93 8.37
CA ASP A 229 -40.37 16.08 7.93
CA ASP A 229 -40.50 15.92 8.15
C ASP A 229 -40.81 15.25 6.71
C ASP A 229 -40.82 15.24 6.82
N HIS A 230 -41.91 14.49 6.81
CA HIS A 230 -42.33 13.65 5.65
C HIS A 230 -42.51 14.49 4.38
N ALA A 231 -43.17 15.63 4.47
CA ALA A 231 -43.41 16.49 3.30
C ALA A 231 -42.08 16.97 2.72
N THR A 232 -41.07 17.24 3.55
CA THR A 232 -39.79 17.76 3.04
C THR A 232 -39.14 16.63 2.23
N LEU A 233 -39.22 15.41 2.71
CA LEU A 233 -38.60 14.28 2.00
C LEU A 233 -39.31 14.07 0.66
N LYS A 234 -40.62 14.15 0.68
CA LYS A 234 -41.42 13.99 -0.58
CA LYS A 234 -41.40 13.96 -0.59
C LYS A 234 -40.99 15.04 -1.59
N GLU A 235 -40.92 16.27 -1.15
CA GLU A 235 -40.59 17.39 -2.05
C GLU A 235 -39.18 17.15 -2.59
N THR A 236 -38.26 16.65 -1.76
CA THR A 236 -36.84 16.54 -2.14
C THR A 236 -36.71 15.48 -3.21
N GLU A 237 -37.44 14.38 -3.06
N GLU A 237 -37.44 14.38 -3.06
CA GLU A 237 -37.38 13.32 -4.04
CA GLU A 237 -37.38 13.31 -4.03
C GLU A 237 -37.89 13.79 -5.38
C GLU A 237 -37.90 13.78 -5.38
N ALA A 238 -39.02 14.44 -5.37
CA ALA A 238 -39.62 14.99 -6.59
C ALA A 238 -38.71 16.03 -7.24
N ARG A 239 -38.13 16.90 -6.43
CA ARG A 239 -37.30 17.94 -7.05
C ARG A 239 -36.03 17.32 -7.69
N SER A 240 -35.47 16.31 -7.06
CA SER A 240 -34.22 15.70 -7.55
CA SER A 240 -34.21 15.69 -7.54
C SER A 240 -34.41 15.18 -8.97
N ILE A 241 -35.51 14.51 -9.26
CA ILE A 241 -35.69 13.95 -10.60
C ILE A 241 -36.07 15.04 -11.60
N LYS A 242 -36.77 16.08 -11.20
CA LYS A 242 -37.00 17.20 -12.14
CA LYS A 242 -36.99 17.22 -12.12
C LYS A 242 -35.67 17.87 -12.48
N VAL A 243 -34.79 18.01 -11.50
CA VAL A 243 -33.47 18.61 -11.74
C VAL A 243 -32.66 17.77 -12.70
N VAL A 244 -32.60 16.44 -12.52
CA VAL A 244 -31.72 15.66 -13.42
C VAL A 244 -32.26 15.72 -14.83
N VAL A 245 -33.60 15.74 -15.02
CA VAL A 245 -34.10 15.81 -16.39
C VAL A 245 -33.73 17.17 -17.02
N GLU A 246 -33.82 18.26 -16.26
N GLU A 246 -33.82 18.25 -16.26
CA GLU A 246 -33.38 19.58 -16.79
CA GLU A 246 -33.39 19.59 -16.75
C GLU A 246 -31.88 19.62 -17.05
C GLU A 246 -31.89 19.57 -17.08
N ALA A 247 -31.09 18.91 -16.25
CA ALA A 247 -29.65 18.81 -16.55
C ALA A 247 -29.44 18.06 -17.85
N ALA A 248 -30.23 16.99 -18.08
CA ALA A 248 -30.13 16.23 -19.33
C ALA A 248 -30.45 17.21 -20.49
N ARG A 249 -31.52 18.02 -20.36
CA ARG A 249 -31.88 18.96 -21.44
C ARG A 249 -30.68 19.84 -21.77
N LYS A 250 -29.99 20.30 -20.75
CA LYS A 250 -28.84 21.20 -20.97
C LYS A 250 -27.70 20.50 -21.65
N MET A 251 -27.60 19.19 -21.51
CA MET A 251 -26.53 18.43 -22.16
C MET A 251 -26.83 18.12 -23.61
N LEU A 252 -28.07 18.16 -24.03
CA LEU A 252 -28.39 17.71 -25.43
C LEU A 252 -27.81 18.70 -26.42
N LYS A 253 -27.34 18.20 -27.58
CA LYS A 253 -26.61 18.98 -28.62
C LYS A 253 -27.43 18.98 -29.91
N THR B 2 -41.72 -2.82 17.83
CA THR B 2 -40.90 -3.64 16.87
C THR B 2 -39.65 -2.84 16.48
N LYS B 3 -38.94 -3.29 15.47
CA LYS B 3 -37.94 -2.46 14.73
C LYS B 3 -37.83 -3.01 13.31
N THR B 4 -37.94 -2.12 12.29
CA THR B 4 -37.73 -2.46 10.87
C THR B 4 -36.45 -1.81 10.34
N VAL B 5 -35.64 -2.61 9.74
CA VAL B 5 -34.30 -2.23 9.26
C VAL B 5 -34.37 -1.20 8.12
N PHE B 6 -33.27 -0.66 7.66
CA PHE B 6 -33.35 0.52 6.76
C PHE B 6 -33.79 0.10 5.37
N HIS B 7 -33.33 -1.04 4.85
CA HIS B 7 -33.50 -1.41 3.44
C HIS B 7 -34.46 -2.57 3.21
N LEU B 8 -34.42 -3.61 4.04
CA LEU B 8 -35.12 -4.86 3.71
C LEU B 8 -36.60 -4.77 3.96
N GLY B 9 -37.08 -3.86 4.79
CA GLY B 9 -38.52 -3.66 4.96
C GLY B 9 -39.19 -4.79 5.71
N VAL B 10 -38.44 -5.49 6.54
CA VAL B 10 -39.01 -6.55 7.41
C VAL B 10 -38.66 -6.26 8.86
N THR B 11 -39.42 -6.86 9.74
CA THR B 11 -39.18 -6.82 11.17
C THR B 11 -38.71 -8.19 11.66
N GLU B 12 -38.18 -8.21 12.88
CA GLU B 12 -37.77 -9.50 13.49
C GLU B 12 -38.97 -10.44 13.55
N ALA B 13 -40.13 -9.96 13.94
CA ALA B 13 -41.31 -10.84 14.09
C ALA B 13 -41.66 -11.46 12.72
N ASP B 14 -41.45 -10.74 11.63
CA ASP B 14 -41.76 -11.25 10.29
C ASP B 14 -40.98 -12.53 10.02
N LEU B 15 -39.79 -12.68 10.62
CA LEU B 15 -38.91 -13.83 10.32
C LEU B 15 -39.29 -15.09 11.09
N ASN B 16 -40.23 -15.00 12.04
N ASN B 16 -40.20 -14.96 12.06
CA ASN B 16 -40.73 -16.19 12.80
CA ASN B 16 -40.74 -16.10 12.84
C ASN B 16 -39.56 -17.02 13.38
C ASN B 16 -39.59 -16.99 13.38
N GLY B 17 -38.54 -16.35 13.91
CA GLY B 17 -37.46 -16.98 14.59
C GLY B 17 -36.37 -17.49 13.71
N ALA B 18 -36.38 -17.20 12.41
CA ALA B 18 -35.33 -17.70 11.53
C ALA B 18 -33.95 -17.29 12.01
N THR B 19 -33.01 -18.22 12.02
CA THR B 19 -31.61 -17.94 12.26
C THR B 19 -30.73 -18.27 11.08
N LEU B 20 -31.30 -18.70 9.98
CA LEU B 20 -30.57 -19.09 8.76
C LEU B 20 -31.22 -18.42 7.57
N ALA B 21 -30.40 -17.86 6.69
CA ALA B 21 -30.86 -17.25 5.44
C ALA B 21 -30.16 -17.88 4.28
N ILE B 22 -30.88 -18.07 3.17
CA ILE B 22 -30.36 -18.38 1.85
C ILE B 22 -30.37 -17.10 1.06
N ILE B 23 -29.24 -16.73 0.50
CA ILE B 23 -29.06 -15.37 -0.11
C ILE B 23 -28.62 -15.48 -1.54
N PRO B 24 -29.54 -15.68 -2.53
CA PRO B 24 -29.19 -15.58 -3.93
C PRO B 24 -29.01 -14.09 -4.34
N GLY B 25 -28.42 -13.87 -5.50
CA GLY B 25 -28.29 -12.53 -6.05
C GLY B 25 -29.54 -11.96 -6.67
N ASP B 26 -30.18 -12.79 -7.50
CA ASP B 26 -31.30 -12.33 -8.33
C ASP B 26 -32.60 -12.34 -7.54
N PRO B 27 -33.30 -11.20 -7.40
CA PRO B 27 -34.61 -11.19 -6.74
C PRO B 27 -35.60 -12.22 -7.28
N ALA B 28 -35.56 -12.48 -8.58
CA ALA B 28 -36.53 -13.43 -9.21
C ALA B 28 -36.27 -14.88 -8.71
N ARG B 29 -35.12 -15.18 -8.15
CA ARG B 29 -34.79 -16.54 -7.70
C ARG B 29 -35.30 -16.78 -6.28
N VAL B 30 -35.71 -15.76 -5.57
CA VAL B 30 -36.08 -15.90 -4.15
C VAL B 30 -37.27 -16.84 -4.05
N GLN B 31 -38.36 -16.57 -4.81
CA GLN B 31 -39.56 -17.42 -4.71
C GLN B 31 -39.21 -18.85 -5.13
N LYS B 32 -38.32 -19.03 -6.10
CA LYS B 32 -37.97 -20.34 -6.64
C LYS B 32 -37.31 -21.17 -5.55
N ILE B 33 -36.47 -20.54 -4.73
CA ILE B 33 -35.84 -21.27 -3.60
C ILE B 33 -36.92 -21.51 -2.55
N ALA B 34 -37.70 -20.51 -2.18
CA ALA B 34 -38.66 -20.61 -1.07
C ALA B 34 -39.66 -21.73 -1.36
N GLU B 35 -40.06 -21.93 -2.61
CA GLU B 35 -41.07 -22.94 -2.93
C GLU B 35 -40.55 -24.37 -2.77
N LEU B 36 -39.26 -24.57 -2.65
CA LEU B 36 -38.70 -25.93 -2.36
C LEU B 36 -38.88 -26.25 -0.89
N MET B 37 -39.29 -25.30 -0.07
CA MET B 37 -39.53 -25.51 1.37
C MET B 37 -41.01 -25.46 1.72
N ASP B 38 -41.34 -25.55 2.99
CA ASP B 38 -42.77 -25.54 3.42
C ASP B 38 -43.27 -24.13 3.71
N ASN B 39 -44.55 -23.90 3.41
CA ASN B 39 -45.26 -22.66 3.80
C ASN B 39 -44.44 -21.43 3.39
N PRO B 40 -44.01 -21.32 2.12
CA PRO B 40 -43.35 -20.06 1.66
C PRO B 40 -44.32 -18.88 1.70
N VAL B 41 -43.86 -17.75 2.23
CA VAL B 41 -44.67 -16.51 2.26
C VAL B 41 -43.80 -15.35 1.82
N PHE B 42 -44.30 -14.54 0.92
CA PHE B 42 -43.67 -13.27 0.54
C PHE B 42 -43.72 -12.30 1.70
N LEU B 43 -42.59 -11.67 2.01
CA LEU B 43 -42.53 -10.65 3.07
C LEU B 43 -42.41 -9.24 2.49
N ALA B 44 -41.49 -8.97 1.58
CA ALA B 44 -41.23 -7.60 1.14
C ALA B 44 -40.42 -7.64 -0.13
N SER B 45 -40.49 -6.54 -0.89
CA SER B 45 -39.65 -6.29 -2.06
C SER B 45 -39.37 -4.80 -2.12
N HIS B 46 -38.10 -4.45 -2.05
CA HIS B 46 -37.63 -3.06 -2.16
CA HIS B 46 -37.64 -3.06 -2.18
C HIS B 46 -36.29 -3.12 -2.88
N ARG B 47 -36.09 -2.27 -3.91
CA ARG B 47 -34.82 -2.24 -4.62
C ARG B 47 -34.50 -3.69 -5.05
N GLU B 48 -33.24 -4.11 -4.95
CA GLU B 48 -32.83 -5.47 -5.29
C GLU B 48 -33.15 -6.51 -4.20
N TYR B 49 -33.86 -6.16 -3.16
CA TYR B 49 -34.08 -7.00 -1.99
C TYR B 49 -35.51 -7.56 -2.00
N THR B 50 -35.69 -8.81 -2.36
CA THR B 50 -36.95 -9.54 -2.24
C THR B 50 -36.72 -10.54 -1.10
N VAL B 51 -37.69 -10.63 -0.21
CA VAL B 51 -37.54 -11.39 1.04
C VAL B 51 -38.76 -12.33 1.17
N TYR B 52 -38.53 -13.63 1.35
CA TYR B 52 -39.55 -14.63 1.67
C TYR B 52 -39.16 -15.29 2.98
N ARG B 53 -40.14 -15.85 3.65
N ARG B 53 -40.14 -15.84 3.69
CA ARG B 53 -39.93 -16.79 4.74
CA ARG B 53 -39.91 -16.78 4.80
C ARG B 53 -40.42 -18.17 4.29
C ARG B 53 -40.49 -18.15 4.42
N ALA B 54 -39.84 -19.23 4.86
CA ALA B 54 -40.35 -20.60 4.64
C ALA B 54 -39.95 -21.43 5.85
N GLU B 55 -40.34 -22.70 5.82
CA GLU B 55 -40.06 -23.62 6.91
C GLU B 55 -39.37 -24.84 6.36
N LEU B 56 -38.32 -25.28 7.03
CA LEU B 56 -37.53 -26.44 6.64
C LEU B 56 -37.40 -27.36 7.85
N ASP B 57 -37.97 -28.56 7.76
CA ASP B 57 -37.99 -29.49 8.93
C ASP B 57 -38.54 -28.77 10.18
N GLY B 58 -39.57 -27.94 10.03
CA GLY B 58 -40.21 -27.29 11.16
C GLY B 58 -39.53 -25.99 11.60
N GLN B 59 -38.42 -25.62 11.02
CA GLN B 59 -37.68 -24.42 11.44
C GLN B 59 -37.80 -23.32 10.39
N SER B 60 -37.91 -22.09 10.85
N SER B 60 -38.14 -22.13 10.86
CA SER B 60 -38.02 -20.93 9.93
CA SER B 60 -38.27 -20.94 10.00
C SER B 60 -36.69 -20.65 9.19
C SER B 60 -36.91 -20.57 9.43
N VAL B 61 -36.81 -20.37 7.91
N VAL B 61 -36.90 -20.30 8.15
CA VAL B 61 -35.69 -20.02 7.03
CA VAL B 61 -35.72 -19.79 7.41
C VAL B 61 -36.07 -18.78 6.24
C VAL B 61 -36.18 -18.60 6.60
N VAL B 62 -35.14 -17.85 6.14
N VAL B 62 -35.20 -17.83 6.12
CA VAL B 62 -35.35 -16.65 5.28
CA VAL B 62 -35.50 -16.62 5.32
C VAL B 62 -34.69 -16.90 3.95
C VAL B 62 -34.67 -16.72 4.03
N VAL B 63 -35.28 -16.35 2.90
CA VAL B 63 -34.63 -16.27 1.58
C VAL B 63 -34.63 -14.81 1.20
N CYS B 64 -33.45 -14.27 0.90
CA CYS B 64 -33.33 -12.80 0.64
C CYS B 64 -32.36 -12.60 -0.49
N SER B 65 -32.77 -11.90 -1.54
CA SER B 65 -31.79 -11.56 -2.57
C SER B 65 -30.84 -10.41 -2.15
N THR B 66 -29.70 -10.40 -2.78
CA THR B 66 -28.61 -9.49 -2.41
C THR B 66 -28.33 -8.46 -3.47
N GLY B 67 -28.81 -8.63 -4.72
CA GLY B 67 -28.23 -7.88 -5.81
C GLY B 67 -26.85 -8.31 -6.21
N ILE B 68 -26.30 -7.69 -7.25
CA ILE B 68 -24.93 -7.94 -7.70
C ILE B 68 -23.95 -7.14 -6.87
N GLY B 69 -22.95 -7.80 -6.33
CA GLY B 69 -21.82 -7.12 -5.73
C GLY B 69 -21.80 -7.10 -4.24
N GLY B 70 -20.57 -6.94 -3.70
CA GLY B 70 -20.39 -6.81 -2.25
C GLY B 70 -21.17 -5.71 -1.58
N PRO B 71 -21.24 -4.50 -2.14
CA PRO B 71 -21.95 -3.44 -1.42
C PRO B 71 -23.41 -3.77 -1.09
N SER B 72 -24.17 -4.19 -2.09
CA SER B 72 -25.58 -4.48 -1.81
C SER B 72 -25.71 -5.75 -0.94
N THR B 73 -24.80 -6.72 -1.10
CA THR B 73 -24.74 -7.93 -0.26
C THR B 73 -24.54 -7.55 1.20
N SER B 74 -23.63 -6.61 1.43
CA SER B 74 -23.25 -6.25 2.80
C SER B 74 -24.43 -5.66 3.54
N ILE B 75 -25.27 -4.91 2.84
CA ILE B 75 -26.45 -4.34 3.47
C ILE B 75 -27.44 -5.46 3.91
N ALA B 76 -27.69 -6.40 3.01
CA ALA B 76 -28.66 -7.45 3.29
C ALA B 76 -28.16 -8.29 4.49
N VAL B 77 -26.85 -8.66 4.49
CA VAL B 77 -26.33 -9.49 5.58
C VAL B 77 -26.43 -8.75 6.88
N GLU B 78 -26.02 -7.49 6.92
CA GLU B 78 -26.08 -6.72 8.17
C GLU B 78 -27.49 -6.68 8.71
N GLU B 79 -28.42 -6.33 7.83
CA GLU B 79 -29.80 -6.13 8.32
C GLU B 79 -30.45 -7.45 8.74
N LEU B 80 -30.17 -8.55 8.03
CA LEU B 80 -30.63 -9.85 8.51
C LEU B 80 -30.04 -10.21 9.85
N ALA B 81 -28.76 -9.87 10.06
CA ALA B 81 -28.11 -10.17 11.33
C ALA B 81 -28.73 -9.34 12.47
N GLN B 82 -29.10 -8.10 12.18
CA GLN B 82 -29.83 -7.29 13.15
C GLN B 82 -31.10 -7.96 13.61
N LEU B 83 -31.71 -8.71 12.71
CA LEU B 83 -33.02 -9.37 12.97
C LEU B 83 -32.81 -10.83 13.41
N GLY B 84 -31.58 -11.25 13.76
CA GLY B 84 -31.36 -12.54 14.40
C GLY B 84 -30.73 -13.59 13.53
N VAL B 85 -30.50 -13.33 12.24
CA VAL B 85 -29.92 -14.36 11.36
C VAL B 85 -28.45 -14.52 11.68
N ARG B 86 -27.99 -15.74 11.80
CA ARG B 86 -26.60 -16.07 12.15
C ARG B 86 -25.88 -16.91 11.12
N THR B 87 -26.60 -17.55 10.19
CA THR B 87 -25.99 -18.46 9.18
C THR B 87 -26.48 -18.00 7.83
N PHE B 88 -25.57 -17.83 6.88
CA PHE B 88 -25.86 -17.30 5.53
C PHE B 88 -25.34 -18.24 4.49
N LEU B 89 -26.21 -18.75 3.64
CA LEU B 89 -25.84 -19.62 2.54
C LEU B 89 -26.04 -18.96 1.20
N ARG B 90 -24.96 -18.70 0.50
CA ARG B 90 -25.05 -18.05 -0.81
C ARG B 90 -25.09 -19.13 -1.89
N VAL B 91 -25.99 -18.94 -2.86
CA VAL B 91 -26.12 -19.84 -3.96
C VAL B 91 -26.05 -18.90 -5.17
N GLY B 92 -25.35 -19.31 -6.21
CA GLY B 92 -25.28 -18.45 -7.40
C GLY B 92 -24.68 -19.15 -8.57
N THR B 93 -24.31 -18.36 -9.56
CA THR B 93 -23.69 -18.81 -10.79
C THR B 93 -22.27 -18.31 -10.87
N THR B 94 -21.47 -18.94 -11.71
CA THR B 94 -20.06 -18.61 -11.76
C THR B 94 -19.50 -18.96 -13.13
N GLY B 95 -18.41 -18.30 -13.49
CA GLY B 95 -17.59 -18.63 -14.65
C GLY B 95 -16.33 -19.36 -14.22
N ALA B 96 -16.14 -20.59 -14.66
CA ALA B 96 -14.94 -21.35 -14.37
C ALA B 96 -13.79 -20.84 -15.25
N ILE B 97 -12.58 -20.94 -14.72
CA ILE B 97 -11.35 -20.55 -15.43
C ILE B 97 -10.39 -21.75 -15.53
N GLN B 98 -10.72 -22.95 -15.04
CA GLN B 98 -9.87 -24.12 -15.16
C GLN B 98 -10.43 -25.04 -16.22
N PRO B 99 -9.59 -25.61 -17.07
CA PRO B 99 -10.10 -26.49 -18.13
C PRO B 99 -10.81 -27.75 -17.64
N HIS B 100 -10.49 -28.21 -16.43
CA HIS B 100 -11.06 -29.48 -15.96
C HIS B 100 -12.48 -29.29 -15.45
N VAL B 101 -12.93 -28.05 -15.23
CA VAL B 101 -14.27 -27.78 -14.64
C VAL B 101 -15.25 -27.59 -15.79
N ASN B 102 -16.32 -28.32 -15.82
CA ASN B 102 -17.30 -28.23 -16.89
C ASN B 102 -18.54 -27.43 -16.50
N VAL B 103 -19.22 -26.90 -17.53
CA VAL B 103 -20.53 -26.29 -17.34
C VAL B 103 -21.44 -27.34 -16.72
N GLY B 104 -22.14 -26.98 -15.67
CA GLY B 104 -23.01 -27.90 -14.92
C GLY B 104 -22.38 -28.43 -13.67
N ASP B 105 -21.07 -28.32 -13.52
CA ASP B 105 -20.42 -28.69 -12.26
C ASP B 105 -20.83 -27.70 -11.19
N MET B 106 -20.52 -28.02 -9.94
N MET B 106 -20.60 -28.05 -9.92
CA MET B 106 -20.70 -27.09 -8.83
CA MET B 106 -20.76 -27.18 -8.75
C MET B 106 -19.38 -26.85 -8.10
C MET B 106 -19.37 -26.82 -8.21
N ILE B 107 -19.26 -25.64 -7.62
CA ILE B 107 -18.06 -25.20 -6.89
C ILE B 107 -18.47 -24.78 -5.51
N VAL B 108 -17.77 -25.27 -4.48
CA VAL B 108 -17.90 -24.80 -3.10
C VAL B 108 -16.61 -24.06 -2.78
N THR B 109 -16.73 -22.77 -2.47
CA THR B 109 -15.54 -21.92 -2.26
C THR B 109 -14.90 -22.21 -0.92
N THR B 110 -13.60 -22.50 -0.90
CA THR B 110 -12.86 -22.71 0.34
C THR B 110 -12.15 -21.44 0.81
N GLY B 111 -12.03 -20.47 -0.07
CA GLY B 111 -11.42 -19.19 0.20
C GLY B 111 -11.58 -18.32 -1.01
N SER B 112 -11.61 -16.98 -0.83
CA SER B 112 -11.74 -16.08 -1.96
C SER B 112 -10.55 -15.11 -2.10
N VAL B 113 -10.12 -14.92 -3.33
CA VAL B 113 -9.23 -13.80 -3.67
C VAL B 113 -10.04 -12.52 -3.55
N ARG B 114 -9.58 -11.61 -2.71
CA ARG B 114 -10.34 -10.40 -2.35
C ARG B 114 -10.07 -9.32 -3.41
N LEU B 115 -10.75 -9.38 -4.55
CA LEU B 115 -10.63 -8.38 -5.64
C LEU B 115 -11.81 -7.41 -5.55
N ASP B 116 -12.29 -7.17 -4.36
CA ASP B 116 -13.43 -6.32 -4.02
C ASP B 116 -12.99 -5.14 -3.19
N GLY B 117 -13.90 -4.34 -2.78
CA GLY B 117 -13.66 -3.26 -1.82
C GLY B 117 -14.35 -3.43 -0.51
N ALA B 118 -15.56 -3.99 -0.47
CA ALA B 118 -16.35 -3.99 0.77
C ALA B 118 -15.69 -4.89 1.82
N SER B 119 -14.97 -5.94 1.41
CA SER B 119 -14.31 -6.79 2.40
C SER B 119 -13.41 -5.95 3.34
N LEU B 120 -12.73 -4.94 2.78
CA LEU B 120 -11.79 -4.05 3.50
C LEU B 120 -12.53 -3.17 4.52
N HIS B 121 -13.86 -3.07 4.42
CA HIS B 121 -14.64 -2.31 5.38
C HIS B 121 -14.95 -3.13 6.62
N PHE B 122 -14.52 -4.42 6.61
CA PHE B 122 -14.72 -5.33 7.74
C PHE B 122 -13.40 -5.85 8.30
N ALA B 123 -12.39 -6.05 7.47
CA ALA B 123 -11.13 -6.60 7.93
C ALA B 123 -10.05 -6.14 6.99
N PRO B 124 -8.82 -5.92 7.46
CA PRO B 124 -7.76 -5.55 6.53
C PRO B 124 -7.41 -6.68 5.57
N MET B 125 -6.72 -6.41 4.49
CA MET B 125 -6.49 -7.37 3.39
C MET B 125 -5.86 -8.66 3.85
N GLU B 126 -5.05 -8.60 4.89
N GLU B 126 -5.07 -8.61 4.89
CA GLU B 126 -4.33 -9.79 5.44
CA GLU B 126 -4.34 -9.82 5.37
C GLU B 126 -5.32 -10.85 5.89
C GLU B 126 -5.32 -10.86 5.89
N PHE B 127 -6.53 -10.47 6.27
CA PHE B 127 -7.51 -11.40 6.84
C PHE B 127 -8.06 -12.31 5.75
N PRO B 128 -8.22 -13.62 6.02
CA PRO B 128 -8.63 -14.57 4.98
C PRO B 128 -10.15 -14.52 4.69
N ALA B 129 -10.53 -14.46 3.44
CA ALA B 129 -11.94 -14.56 3.07
C ALA B 129 -12.28 -16.06 3.01
N VAL B 130 -12.61 -16.65 4.15
N VAL B 130 -12.74 -16.58 4.14
CA VAL B 130 -12.84 -18.11 4.22
CA VAL B 130 -12.82 -18.02 4.46
C VAL B 130 -14.21 -18.37 4.82
C VAL B 130 -14.25 -18.34 4.85
N PRO B 131 -14.86 -19.46 4.37
CA PRO B 131 -16.18 -19.85 4.84
C PRO B 131 -16.12 -20.48 6.21
N ASP B 132 -17.25 -20.51 6.90
CA ASP B 132 -17.40 -21.41 8.05
C ASP B 132 -17.21 -22.86 7.59
N PHE B 133 -16.46 -23.62 8.33
CA PHE B 133 -16.12 -24.99 7.96
C PHE B 133 -17.37 -25.89 7.94
N ASP B 134 -18.29 -25.70 8.87
CA ASP B 134 -19.54 -26.51 8.86
C ASP B 134 -20.32 -26.20 7.60
N VAL B 135 -20.44 -24.94 7.22
CA VAL B 135 -21.24 -24.60 6.02
C VAL B 135 -20.58 -25.22 4.82
N ALA B 136 -19.26 -25.04 4.68
CA ALA B 136 -18.59 -25.58 3.47
C ALA B 136 -18.76 -27.10 3.42
N THR B 137 -18.64 -27.76 4.57
CA THR B 137 -18.83 -29.24 4.68
C THR B 137 -20.26 -29.64 4.25
N ALA B 138 -21.26 -28.93 4.74
CA ALA B 138 -22.67 -29.19 4.39
C ALA B 138 -22.87 -28.99 2.91
N MET B 139 -22.31 -27.92 2.32
CA MET B 139 -22.49 -27.64 0.91
C MET B 139 -21.85 -28.74 0.05
N LYS B 140 -20.65 -29.18 0.43
CA LYS B 140 -20.01 -30.27 -0.32
C LYS B 140 -20.91 -31.51 -0.30
N ALA B 141 -21.37 -31.89 0.90
CA ALA B 141 -22.19 -33.12 1.05
C ALA B 141 -23.46 -32.96 0.19
N ALA B 142 -24.13 -31.83 0.30
CA ALA B 142 -25.41 -31.67 -0.43
C ALA B 142 -25.14 -31.74 -1.93
N ALA B 143 -24.08 -31.11 -2.38
CA ALA B 143 -23.75 -31.08 -3.81
C ALA B 143 -23.45 -32.49 -4.28
N GLN B 144 -22.64 -33.23 -3.53
CA GLN B 144 -22.34 -34.61 -3.96
C GLN B 144 -23.62 -35.47 -3.99
N GLU B 145 -24.48 -35.30 -3.00
CA GLU B 145 -25.70 -36.13 -2.88
C GLU B 145 -26.65 -35.84 -4.05
N SER B 146 -26.56 -34.69 -4.70
CA SER B 146 -27.44 -34.34 -5.85
C SER B 146 -26.99 -35.06 -7.11
N GLY B 147 -25.81 -35.64 -7.12
CA GLY B 147 -25.25 -36.29 -8.33
C GLY B 147 -24.30 -35.38 -9.08
N ALA B 148 -24.12 -34.16 -8.62
CA ALA B 148 -23.26 -33.20 -9.34
C ALA B 148 -21.77 -33.60 -9.20
N THR B 149 -20.99 -33.10 -10.14
CA THR B 149 -19.54 -33.10 -10.03
C THR B 149 -19.18 -31.86 -9.24
N VAL B 150 -18.51 -32.02 -8.12
CA VAL B 150 -18.25 -30.92 -7.15
C VAL B 150 -16.75 -30.63 -7.05
N HIS B 151 -16.39 -29.36 -7.04
CA HIS B 151 -15.02 -28.93 -6.87
C HIS B 151 -14.96 -28.06 -5.61
N MET B 152 -13.94 -28.27 -4.77
CA MET B 152 -13.66 -27.44 -3.60
C MET B 152 -12.45 -26.61 -3.97
N GLY B 153 -12.49 -25.30 -3.77
CA GLY B 153 -11.27 -24.55 -4.05
C GLY B 153 -11.48 -23.06 -3.99
N VAL B 154 -10.45 -22.35 -4.44
CA VAL B 154 -10.37 -20.90 -4.29
C VAL B 154 -11.14 -20.23 -5.44
N THR B 155 -11.83 -19.15 -5.11
CA THR B 155 -12.63 -18.37 -6.05
C THR B 155 -12.06 -16.93 -6.10
N ALA B 156 -11.94 -16.36 -7.30
CA ALA B 156 -11.52 -14.95 -7.48
C ALA B 156 -12.80 -14.11 -7.44
N SER B 157 -12.91 -13.20 -6.49
CA SER B 157 -14.16 -12.44 -6.25
C SER B 157 -13.95 -10.96 -6.57
N SER B 158 -14.56 -10.52 -7.67
CA SER B 158 -14.25 -9.25 -8.32
C SER B 158 -15.36 -8.22 -8.13
N ASP B 159 -15.00 -6.95 -7.90
CA ASP B 159 -15.97 -5.85 -7.91
C ASP B 159 -16.46 -5.51 -9.29
N THR B 160 -15.88 -6.07 -10.34
CA THR B 160 -16.39 -5.84 -11.70
C THR B 160 -16.61 -7.16 -12.44
N PHE B 161 -17.52 -7.13 -13.39
CA PHE B 161 -17.74 -8.24 -14.31
C PHE B 161 -16.74 -8.22 -15.43
N TYR B 162 -16.31 -7.01 -15.82
CA TYR B 162 -15.55 -6.80 -17.03
C TYR B 162 -14.04 -6.72 -16.77
N PRO B 163 -13.44 -5.59 -16.41
CA PRO B 163 -11.98 -5.61 -16.28
C PRO B 163 -11.42 -6.52 -15.18
N GLY B 164 -12.13 -6.60 -14.07
CA GLY B 164 -11.62 -7.44 -12.95
C GLY B 164 -11.69 -8.92 -13.26
N GLN B 165 -12.43 -9.30 -14.28
CA GLN B 165 -12.41 -10.69 -14.78
C GLN B 165 -11.62 -10.77 -16.06
N GLU B 166 -10.81 -9.75 -16.31
CA GLU B 166 -9.91 -9.65 -17.50
C GLU B 166 -10.67 -9.92 -18.80
N ARG B 167 -11.82 -9.26 -18.96
N ARG B 167 -11.80 -9.24 -18.96
CA ARG B 167 -12.54 -9.26 -20.25
CA ARG B 167 -12.52 -9.25 -20.26
C ARG B 167 -12.07 -8.07 -21.09
C ARG B 167 -12.05 -8.06 -21.09
N TYR B 168 -11.75 -8.33 -22.36
CA TYR B 168 -11.31 -7.32 -23.33
C TYR B 168 -12.41 -6.97 -24.33
N ASP B 169 -13.48 -7.76 -24.41
N ASP B 169 -13.49 -7.73 -24.43
CA ASP B 169 -14.56 -7.47 -25.40
CA ASP B 169 -14.49 -7.44 -25.49
C ASP B 169 -15.51 -6.43 -24.81
C ASP B 169 -15.51 -6.43 -24.95
N THR B 170 -15.04 -5.20 -24.74
CA THR B 170 -15.68 -4.13 -24.01
C THR B 170 -15.63 -2.84 -24.82
N PHE B 171 -16.30 -1.82 -24.30
CA PHE B 171 -16.32 -0.51 -24.91
C PHE B 171 -14.92 0.03 -25.14
N THR B 172 -14.03 -0.02 -24.17
CA THR B 172 -12.67 0.52 -24.37
C THR B 172 -11.72 -0.55 -24.88
N GLY B 173 -11.99 -1.80 -24.61
CA GLY B 173 -11.06 -2.87 -24.94
C GLY B 173 -9.78 -2.88 -24.13
N ARG B 174 -9.74 -2.14 -23.04
N ARG B 174 -9.74 -2.13 -23.06
CA ARG B 174 -8.55 -2.00 -22.20
CA ARG B 174 -8.57 -1.97 -22.17
C ARG B 174 -8.83 -2.57 -20.82
C ARG B 174 -8.85 -2.60 -20.83
N VAL B 175 -7.79 -3.10 -20.19
CA VAL B 175 -7.81 -3.52 -18.79
C VAL B 175 -6.70 -2.81 -18.04
N VAL B 176 -7.01 -2.24 -16.90
CA VAL B 176 -6.03 -1.51 -16.08
C VAL B 176 -4.86 -2.45 -15.73
N ARG B 177 -3.69 -1.84 -15.56
N ARG B 177 -3.71 -1.83 -15.51
CA ARG B 177 -2.43 -2.57 -15.24
CA ARG B 177 -2.45 -2.55 -15.24
C ARG B 177 -2.64 -3.64 -14.20
C ARG B 177 -2.63 -3.64 -14.20
N ARG B 178 -3.28 -3.31 -13.08
CA ARG B 178 -3.45 -4.30 -11.99
C ARG B 178 -4.00 -5.64 -12.52
N PHE B 179 -4.94 -5.58 -13.47
CA PHE B 179 -5.68 -6.78 -13.90
C PHE B 179 -5.15 -7.37 -15.20
N GLN B 180 -4.18 -6.73 -15.88
CA GLN B 180 -3.58 -7.31 -17.07
C GLN B 180 -2.82 -8.58 -16.67
N GLY B 181 -3.07 -9.66 -17.40
CA GLY B 181 -2.46 -10.95 -17.05
C GLY B 181 -3.06 -11.64 -15.86
N SER B 182 -4.05 -11.07 -15.23
CA SER B 182 -4.54 -11.64 -13.99
C SER B 182 -5.24 -13.00 -14.17
N MET B 183 -6.00 -13.21 -15.26
N MET B 183 -5.99 -13.19 -15.26
CA MET B 183 -6.69 -14.51 -15.34
CA MET B 183 -6.63 -14.50 -15.54
C MET B 183 -5.67 -15.64 -15.39
C MET B 183 -5.57 -15.59 -15.43
N LYS B 184 -4.60 -15.49 -16.17
N LYS B 184 -4.51 -15.48 -16.21
CA LYS B 184 -3.58 -16.55 -16.29
CA LYS B 184 -3.47 -16.49 -16.26
C LYS B 184 -2.89 -16.73 -14.94
C LYS B 184 -2.82 -16.63 -14.88
N GLU B 185 -2.67 -15.64 -14.22
N GLU B 185 -2.62 -15.50 -14.18
N GLU B 185 -2.69 -15.52 -14.11
CA GLU B 185 -2.06 -15.69 -12.90
CA GLU B 185 -2.04 -15.52 -12.81
CA GLU B 185 -2.03 -15.66 -12.80
C GLU B 185 -2.92 -16.53 -11.94
C GLU B 185 -2.90 -16.46 -11.94
C GLU B 185 -2.92 -16.52 -11.89
N TRP B 186 -4.22 -16.25 -11.90
CA TRP B 186 -5.10 -17.05 -11.06
C TRP B 186 -5.19 -18.49 -11.54
N GLN B 187 -5.23 -18.71 -12.84
CA GLN B 187 -5.28 -20.07 -13.38
C GLN B 187 -4.06 -20.85 -12.87
N ASP B 188 -2.87 -20.25 -12.98
CA ASP B 188 -1.65 -20.98 -12.59
C ASP B 188 -1.58 -21.15 -11.08
N MET B 189 -2.29 -20.37 -10.27
CA MET B 189 -2.38 -20.56 -8.81
C MET B 189 -3.51 -21.51 -8.43
N GLY B 190 -4.19 -22.08 -9.40
CA GLY B 190 -5.20 -23.10 -9.11
C GLY B 190 -6.57 -22.55 -8.78
N VAL B 191 -6.81 -21.25 -8.97
CA VAL B 191 -8.14 -20.66 -8.71
C VAL B 191 -9.16 -21.26 -9.69
N LEU B 192 -10.33 -21.58 -9.15
CA LEU B 192 -11.32 -22.34 -9.99
C LEU B 192 -12.19 -21.41 -10.86
N ASN B 193 -12.52 -20.21 -10.40
CA ASN B 193 -13.72 -19.52 -10.93
C ASN B 193 -13.74 -18.06 -10.51
N PHE B 194 -14.53 -17.27 -11.22
CA PHE B 194 -14.81 -15.87 -10.89
C PHE B 194 -16.24 -15.74 -10.44
N GLU B 195 -16.49 -14.89 -9.44
CA GLU B 195 -17.81 -14.31 -9.16
C GLU B 195 -17.60 -12.95 -8.52
N MET B 196 -18.61 -12.37 -7.88
CA MET B 196 -18.58 -10.94 -7.50
C MET B 196 -19.03 -10.67 -6.07
N GLU B 197 -19.24 -11.64 -5.21
CA GLU B 197 -19.80 -11.40 -3.87
C GLU B 197 -19.07 -12.14 -2.76
N SER B 198 -18.39 -13.27 -3.03
CA SER B 198 -17.91 -14.13 -1.95
C SER B 198 -16.86 -13.46 -1.10
N ALA B 199 -15.98 -12.63 -1.68
CA ALA B 199 -14.96 -12.00 -0.83
C ALA B 199 -15.63 -11.15 0.24
N THR B 200 -16.63 -10.36 -0.17
CA THR B 200 -17.30 -9.48 0.79
C THR B 200 -18.04 -10.36 1.81
N LEU B 201 -18.84 -11.32 1.33
CA LEU B 201 -19.67 -12.14 2.23
C LEU B 201 -18.78 -12.87 3.24
N LEU B 202 -17.80 -13.57 2.72
CA LEU B 202 -17.02 -14.44 3.60
C LEU B 202 -16.20 -13.62 4.60
N THR B 203 -15.60 -12.50 4.15
CA THR B 203 -14.82 -11.68 5.06
C THR B 203 -15.70 -11.06 6.12
N MET B 204 -16.85 -10.48 5.72
N MET B 204 -16.82 -10.51 5.69
CA MET B 204 -17.73 -9.83 6.70
CA MET B 204 -17.77 -9.87 6.58
C MET B 204 -18.18 -10.87 7.72
C MET B 204 -18.19 -10.85 7.66
N CYS B 205 -18.62 -12.04 7.28
CA CYS B 205 -19.16 -12.99 8.24
C CYS B 205 -18.06 -13.60 9.14
N ALA B 206 -16.92 -13.97 8.57
CA ALA B 206 -15.82 -14.59 9.34
C ALA B 206 -15.28 -13.64 10.38
N SER B 207 -15.42 -12.36 10.16
CA SER B 207 -14.94 -11.33 11.10
C SER B 207 -16.02 -10.76 12.00
N SER B 208 -17.24 -11.29 11.94
CA SER B 208 -18.41 -10.73 12.63
C SER B 208 -19.16 -11.78 13.42
N GLY B 209 -18.66 -13.00 13.55
CA GLY B 209 -19.39 -14.01 14.32
C GLY B 209 -20.57 -14.61 13.58
N LEU B 210 -20.58 -14.58 12.26
CA LEU B 210 -21.63 -15.17 11.42
C LEU B 210 -21.06 -16.31 10.62
N LYS B 211 -21.87 -17.35 10.42
CA LYS B 211 -21.43 -18.49 9.63
C LYS B 211 -21.85 -18.29 8.19
N ALA B 212 -20.94 -18.44 7.22
CA ALA B 212 -21.28 -18.23 5.81
C ALA B 212 -20.59 -19.27 4.95
N GLY B 213 -21.13 -19.52 3.76
CA GLY B 213 -20.52 -20.29 2.71
C GLY B 213 -21.11 -19.94 1.40
N CYS B 214 -20.46 -20.37 0.32
N CYS B 214 -20.45 -20.37 0.33
CA CYS B 214 -20.91 -20.08 -1.06
CA CYS B 214 -20.89 -20.10 -1.05
C CYS B 214 -20.80 -21.34 -1.92
C CYS B 214 -20.82 -21.39 -1.87
N VAL B 215 -21.88 -21.66 -2.63
CA VAL B 215 -21.91 -22.76 -3.59
C VAL B 215 -22.45 -22.19 -4.90
N ALA B 216 -21.88 -22.59 -6.01
CA ALA B 216 -22.30 -22.05 -7.31
C ALA B 216 -22.32 -23.10 -8.37
N GLY B 217 -23.26 -22.93 -9.30
CA GLY B 217 -23.27 -23.71 -10.53
C GLY B 217 -22.50 -23.05 -11.64
N VAL B 218 -21.68 -23.83 -12.30
CA VAL B 218 -20.83 -23.33 -13.40
C VAL B 218 -21.68 -23.14 -14.65
N ILE B 219 -21.79 -21.87 -15.11
CA ILE B 219 -22.59 -21.53 -16.29
C ILE B 219 -21.76 -21.27 -17.53
N ILE B 220 -20.48 -21.05 -17.37
CA ILE B 220 -19.60 -20.83 -18.52
C ILE B 220 -18.20 -21.25 -18.08
N ASN B 221 -17.36 -21.57 -19.06
CA ASN B 221 -15.94 -21.84 -18.79
C ASN B 221 -15.16 -20.92 -19.73
N ARG B 222 -14.41 -20.00 -19.17
CA ARG B 222 -13.65 -18.99 -19.94
C ARG B 222 -12.62 -19.62 -20.86
N THR B 223 -12.28 -20.88 -20.69
CA THR B 223 -11.27 -21.57 -21.50
C THR B 223 -11.91 -22.38 -22.62
N GLN B 224 -13.24 -22.46 -22.67
CA GLN B 224 -13.97 -23.27 -23.64
C GLN B 224 -14.62 -22.39 -24.69
N LYS B 225 -14.58 -22.82 -25.92
CA LYS B 225 -15.30 -22.17 -27.03
C LYS B 225 -16.72 -22.73 -27.21
N GLU B 226 -16.99 -23.91 -26.72
CA GLU B 226 -18.32 -24.54 -26.84
C GLU B 226 -19.37 -23.62 -26.18
N ILE B 227 -20.48 -23.42 -26.86
CA ILE B 227 -21.62 -22.67 -26.28
CA ILE B 227 -21.60 -22.66 -26.28
C ILE B 227 -22.47 -23.62 -25.47
N PRO B 228 -22.71 -23.34 -24.18
CA PRO B 228 -23.51 -24.25 -23.37
C PRO B 228 -24.95 -24.28 -23.88
N ASP B 229 -25.62 -25.42 -23.87
CA ASP B 229 -27.03 -25.45 -24.36
C ASP B 229 -28.00 -25.15 -23.23
N HIS B 230 -29.19 -24.73 -23.67
CA HIS B 230 -30.27 -24.18 -22.84
C HIS B 230 -30.57 -25.22 -21.75
N ALA B 231 -30.71 -26.50 -22.16
CA ALA B 231 -31.15 -27.58 -21.24
C ALA B 231 -30.14 -27.77 -20.12
N THR B 232 -28.84 -27.79 -20.45
CA THR B 232 -27.78 -27.93 -19.43
C THR B 232 -27.80 -26.75 -18.45
N LEU B 233 -27.99 -25.53 -18.97
CA LEU B 233 -28.10 -24.36 -18.08
C LEU B 233 -29.36 -24.45 -17.21
N LYS B 234 -30.50 -24.83 -17.75
CA LYS B 234 -31.72 -24.90 -16.92
C LYS B 234 -31.53 -25.96 -15.80
N GLU B 235 -30.89 -27.08 -16.14
N GLU B 235 -30.84 -27.07 -16.12
CA GLU B 235 -30.71 -28.20 -15.18
CA GLU B 235 -30.69 -28.18 -15.16
C GLU B 235 -29.78 -27.72 -14.08
C GLU B 235 -29.75 -27.71 -14.06
N THR B 236 -28.76 -26.93 -14.45
CA THR B 236 -27.76 -26.41 -13.49
C THR B 236 -28.45 -25.48 -12.50
N GLU B 237 -29.33 -24.62 -12.98
CA GLU B 237 -29.94 -23.64 -12.08
C GLU B 237 -30.85 -24.39 -11.12
N ALA B 238 -31.59 -25.38 -11.60
CA ALA B 238 -32.50 -26.16 -10.72
C ALA B 238 -31.73 -26.95 -9.67
N ARG B 239 -30.61 -27.55 -10.07
CA ARG B 239 -29.83 -28.38 -9.15
C ARG B 239 -29.19 -27.50 -8.08
N SER B 240 -28.74 -26.31 -8.46
N SER B 240 -28.75 -26.30 -8.47
CA SER B 240 -28.06 -25.41 -7.50
CA SER B 240 -28.03 -25.39 -7.54
C SER B 240 -28.98 -25.11 -6.33
C SER B 240 -28.94 -25.00 -6.38
N ILE B 241 -30.23 -24.76 -6.64
CA ILE B 241 -31.13 -24.37 -5.55
C ILE B 241 -31.60 -25.59 -4.77
N LYS B 242 -31.75 -26.76 -5.38
CA LYS B 242 -31.99 -28.02 -4.63
C LYS B 242 -30.83 -28.20 -3.62
N VAL B 243 -29.59 -28.00 -4.08
CA VAL B 243 -28.38 -28.24 -3.27
C VAL B 243 -28.37 -27.28 -2.10
N VAL B 244 -28.64 -25.99 -2.30
CA VAL B 244 -28.50 -25.04 -1.18
C VAL B 244 -29.55 -25.33 -0.12
N VAL B 245 -30.76 -25.78 -0.54
CA VAL B 245 -31.78 -26.08 0.46
C VAL B 245 -31.35 -27.34 1.27
N GLU B 246 -30.76 -28.33 0.62
CA GLU B 246 -30.29 -29.52 1.33
C GLU B 246 -29.15 -29.12 2.26
N ALA B 247 -28.28 -28.22 1.82
CA ALA B 247 -27.21 -27.74 2.72
C ALA B 247 -27.78 -27.05 3.94
N ALA B 248 -28.83 -26.26 3.77
CA ALA B 248 -29.51 -25.62 4.89
C ALA B 248 -30.05 -26.67 5.84
N ARG B 249 -30.68 -27.73 5.30
N ARG B 249 -30.67 -27.72 5.31
CA ARG B 249 -31.23 -28.82 6.15
CA ARG B 249 -31.22 -28.79 6.17
C ARG B 249 -30.13 -29.43 7.02
C ARG B 249 -30.12 -29.38 7.04
N LYS B 250 -28.94 -29.55 6.46
CA LYS B 250 -27.78 -30.11 7.20
C LYS B 250 -27.35 -29.16 8.29
N MET B 251 -27.44 -27.87 8.06
CA MET B 251 -27.07 -26.85 9.05
C MET B 251 -28.03 -26.76 10.23
N LEU B 252 -29.28 -27.07 10.02
CA LEU B 252 -30.33 -26.91 11.03
C LEU B 252 -30.40 -28.20 11.84
N LYS B 253 -29.76 -29.29 11.39
CA LYS B 253 -30.03 -30.67 11.87
C LYS B 253 -29.73 -30.71 13.37
N LYS C 3 17.16 -35.41 -7.90
N LYS C 3 19.64 -36.43 -7.51
CA LYS C 3 18.60 -35.53 -7.43
CA LYS C 3 18.83 -35.23 -7.05
C LYS C 3 18.69 -35.06 -5.98
C LYS C 3 19.23 -34.82 -5.63
N THR C 4 19.57 -34.10 -5.66
N THR C 4 20.09 -33.80 -5.40
CA THR C 4 19.64 -33.45 -4.33
CA THR C 4 20.35 -33.28 -4.02
C THR C 4 19.04 -32.04 -4.37
C THR C 4 20.05 -31.77 -3.88
N VAL C 5 18.98 -31.47 -3.18
CA VAL C 5 18.47 -30.11 -2.96
C VAL C 5 19.51 -29.29 -2.18
N PHE C 6 19.31 -27.99 -2.11
N PHE C 6 19.32 -28.00 -2.10
CA PHE C 6 20.33 -27.04 -1.62
CA PHE C 6 20.38 -27.10 -1.61
C PHE C 6 20.51 -27.16 -0.09
C PHE C 6 20.53 -27.27 -0.09
N HIS C 7 19.43 -27.37 0.67
CA HIS C 7 19.49 -27.22 2.14
C HIS C 7 19.21 -28.52 2.88
N LEU C 8 18.26 -29.35 2.46
CA LEU C 8 17.79 -30.47 3.27
C LEU C 8 18.76 -31.65 3.27
N GLY C 9 19.65 -31.79 2.31
CA GLY C 9 20.67 -32.82 2.49
C GLY C 9 20.17 -34.24 2.16
N VAL C 10 19.05 -34.34 1.41
CA VAL C 10 18.46 -35.65 1.03
C VAL C 10 18.25 -35.67 -0.48
N THR C 11 18.08 -36.87 -0.99
CA THR C 11 17.78 -37.14 -2.39
C THR C 11 16.35 -37.65 -2.52
N GLU C 12 15.86 -37.69 -3.73
CA GLU C 12 14.53 -38.30 -3.97
C GLU C 12 14.56 -39.79 -3.55
N ALA C 13 15.62 -40.51 -3.86
CA ALA C 13 15.70 -41.94 -3.50
C ALA C 13 15.62 -42.10 -1.97
N ASP C 14 16.19 -41.19 -1.20
CA ASP C 14 16.16 -41.29 0.27
C ASP C 14 14.72 -41.34 0.79
N LEU C 15 13.77 -40.75 0.08
CA LEU C 15 12.39 -40.63 0.57
C LEU C 15 11.57 -41.87 0.23
N ASN C 16 12.15 -42.80 -0.51
N ASN C 16 12.12 -42.78 -0.56
CA ASN C 16 11.51 -44.11 -0.80
CA ASN C 16 11.50 -44.11 -0.74
C ASN C 16 10.04 -43.90 -1.21
C ASN C 16 10.05 -43.95 -1.25
N GLY C 17 9.80 -42.96 -2.12
CA GLY C 17 8.49 -42.80 -2.76
C GLY C 17 7.53 -41.94 -1.99
N ALA C 18 7.91 -41.37 -0.84
CA ALA C 18 6.97 -40.57 -0.02
C ALA C 18 6.42 -39.40 -0.83
N THR C 19 5.11 -39.19 -0.66
CA THR C 19 4.44 -38.02 -1.24
C THR C 19 3.79 -37.18 -0.18
N LEU C 20 3.98 -37.52 1.07
CA LEU C 20 3.38 -36.81 2.21
C LEU C 20 4.47 -36.55 3.24
N ALA C 21 4.48 -35.33 3.76
CA ALA C 21 5.41 -34.93 4.81
C ALA C 21 4.65 -34.40 5.99
N ILE C 22 5.13 -34.72 7.18
CA ILE C 22 4.74 -34.07 8.43
C ILE C 22 5.84 -33.09 8.79
N ILE C 23 5.47 -31.81 9.03
CA ILE C 23 6.47 -30.73 9.11
C ILE C 23 6.34 -29.98 10.43
N PRO C 24 6.89 -30.50 11.56
CA PRO C 24 6.97 -29.71 12.79
C PRO C 24 8.00 -28.59 12.66
N GLY C 25 7.95 -27.64 13.59
CA GLY C 25 8.97 -26.62 13.63
C GLY C 25 10.28 -27.03 14.28
N ASP C 26 10.20 -27.74 15.40
CA ASP C 26 11.39 -28.02 16.22
C ASP C 26 12.11 -29.25 15.71
N PRO C 27 13.40 -29.14 15.32
CA PRO C 27 14.17 -30.31 14.90
C PRO C 27 14.10 -31.48 15.89
N ALA C 28 14.01 -31.19 17.17
CA ALA C 28 14.06 -32.25 18.21
C ALA C 28 12.79 -33.08 18.19
N ARG C 29 11.72 -32.59 17.58
CA ARG C 29 10.44 -33.32 17.56
C ARG C 29 10.34 -34.28 16.38
N VAL C 30 11.24 -34.20 15.43
CA VAL C 30 11.17 -35.03 14.21
C VAL C 30 11.24 -36.51 14.57
N GLN C 31 12.25 -36.89 15.35
CA GLN C 31 12.42 -38.30 15.74
C GLN C 31 11.22 -38.80 16.53
N LYS C 32 10.61 -37.95 17.38
CA LYS C 32 9.46 -38.35 18.22
CA LYS C 32 9.47 -38.39 18.22
C LYS C 32 8.30 -38.69 17.29
N ILE C 33 8.06 -37.88 16.27
CA ILE C 33 6.92 -38.13 15.36
C ILE C 33 7.23 -39.36 14.53
N ALA C 34 8.45 -39.52 14.06
CA ALA C 34 8.80 -40.64 13.17
C ALA C 34 8.62 -41.95 13.94
N GLU C 35 8.94 -41.95 15.23
CA GLU C 35 8.87 -43.16 16.07
C GLU C 35 7.44 -43.53 16.36
N LEU C 36 6.45 -42.72 16.06
CA LEU C 36 5.03 -43.13 16.20
C LEU C 36 4.66 -44.01 15.01
N MET C 37 5.47 -44.04 13.98
CA MET C 37 5.20 -44.86 12.76
C MET C 37 6.13 -46.07 12.68
N ASP C 38 6.10 -46.81 11.62
CA ASP C 38 6.96 -48.02 11.52
C ASP C 38 8.31 -47.71 10.85
N ASN C 39 9.35 -48.41 11.23
CA ASN C 39 10.63 -48.38 10.54
C ASN C 39 11.15 -46.93 10.39
N PRO C 40 11.21 -46.14 11.47
CA PRO C 40 11.77 -44.80 11.36
C PRO C 40 13.26 -44.88 11.00
N VAL C 41 13.68 -44.01 10.10
CA VAL C 41 15.07 -43.91 9.64
C VAL C 41 15.49 -42.44 9.62
N PHE C 42 16.58 -42.15 10.29
CA PHE C 42 17.22 -40.84 10.24
C PHE C 42 17.88 -40.64 8.88
N LEU C 43 17.58 -39.55 8.19
CA LEU C 43 18.17 -39.24 6.86
C LEU C 43 19.23 -38.16 6.96
N ALA C 44 18.98 -37.04 7.56
CA ALA C 44 19.96 -35.93 7.55
C ALA C 44 19.60 -34.94 8.63
N SER C 45 20.60 -34.17 9.05
CA SER C 45 20.35 -32.97 9.87
C SER C 45 21.34 -31.88 9.43
N HIS C 46 20.83 -30.73 9.03
N HIS C 46 20.83 -30.72 9.10
CA HIS C 46 21.60 -29.53 8.63
CA HIS C 46 21.64 -29.54 8.73
C HIS C 46 20.83 -28.32 9.14
C HIS C 46 20.83 -28.31 9.15
N ARG C 47 21.47 -27.39 9.85
CA ARG C 47 20.80 -26.18 10.33
C ARG C 47 19.53 -26.60 11.10
N GLU C 48 18.40 -25.94 10.89
CA GLU C 48 17.15 -26.27 11.56
C GLU C 48 16.41 -27.44 10.90
N TYR C 49 17.01 -28.12 9.92
CA TYR C 49 16.32 -29.14 9.11
C TYR C 49 16.81 -30.54 9.54
N THR C 50 16.00 -31.23 10.30
CA THR C 50 16.22 -32.65 10.63
C THR C 50 15.17 -33.45 9.87
N VAL C 51 15.58 -34.49 9.15
CA VAL C 51 14.77 -35.22 8.19
C VAL C 51 14.81 -36.71 8.55
N TYR C 52 13.65 -37.32 8.64
CA TYR C 52 13.46 -38.76 8.90
C TYR C 52 12.46 -39.29 7.92
N ARG C 53 12.53 -40.57 7.65
N ARG C 53 12.54 -40.58 7.64
CA ARG C 53 11.49 -41.25 6.88
CA ARG C 53 11.48 -41.25 6.88
C ARG C 53 10.93 -42.39 7.75
C ARG C 53 10.93 -42.40 7.74
N ALA C 54 9.65 -42.69 7.57
CA ALA C 54 9.00 -43.80 8.27
C ALA C 54 7.94 -44.39 7.38
N GLU C 55 7.22 -45.37 7.91
CA GLU C 55 6.21 -46.08 7.11
C GLU C 55 4.92 -46.10 7.89
N LEU C 56 3.87 -45.76 7.21
CA LEU C 56 2.53 -45.63 7.80
C LEU C 56 1.60 -46.47 6.92
N ASP C 57 1.09 -47.55 7.49
CA ASP C 57 0.21 -48.47 6.72
C ASP C 57 0.93 -48.92 5.45
N GLY C 58 2.22 -49.18 5.56
CA GLY C 58 3.01 -49.64 4.42
C GLY C 58 3.47 -48.55 3.45
N GLN C 59 3.14 -47.29 3.67
CA GLN C 59 3.49 -46.19 2.75
C GLN C 59 4.55 -45.32 3.39
N SER C 60 5.50 -44.88 2.59
N SER C 60 5.55 -44.99 2.58
CA SER C 60 6.58 -44.00 3.10
CA SER C 60 6.60 -44.05 3.00
C SER C 60 6.04 -42.62 3.47
C SER C 60 6.01 -42.68 3.25
N VAL C 61 6.46 -42.11 4.63
N VAL C 61 6.45 -42.08 4.33
CA VAL C 61 6.14 -40.74 5.13
CA VAL C 61 6.15 -40.66 4.70
C VAL C 61 7.43 -40.04 5.49
C VAL C 61 7.47 -40.04 5.14
N VAL C 62 7.57 -38.78 5.09
N VAL C 62 7.57 -38.73 5.05
CA VAL C 62 8.71 -37.95 5.51
CA VAL C 62 8.78 -38.05 5.53
C VAL C 62 8.27 -37.19 6.75
C VAL C 62 8.34 -37.14 6.67
N VAL C 63 9.22 -36.98 7.64
CA VAL C 63 9.07 -36.02 8.73
C VAL C 63 10.25 -35.04 8.64
N CYS C 64 9.99 -33.74 8.54
CA CYS C 64 11.06 -32.75 8.31
C CYS C 64 10.77 -31.51 9.13
N SER C 65 11.71 -31.06 9.93
CA SER C 65 11.50 -29.80 10.67
C SER C 65 11.64 -28.60 9.74
N THR C 66 11.02 -27.51 10.15
CA THR C 66 11.00 -26.27 9.34
C THR C 66 11.82 -25.17 9.97
N GLY C 67 12.13 -25.21 11.25
CA GLY C 67 12.52 -23.99 11.97
C GLY C 67 11.35 -23.06 12.26
N ILE C 68 11.65 -21.95 12.94
CA ILE C 68 10.67 -20.90 13.23
C ILE C 68 10.56 -19.98 12.04
N GLY C 69 9.35 -19.76 11.59
CA GLY C 69 9.08 -18.69 10.62
C GLY C 69 8.85 -19.14 9.21
N GLY C 70 8.16 -18.27 8.45
CA GLY C 70 7.93 -18.55 7.07
C GLY C 70 9.14 -18.73 6.18
N PRO C 71 10.19 -17.93 6.36
CA PRO C 71 11.34 -18.09 5.46
C PRO C 71 11.91 -19.52 5.51
N SER C 72 12.25 -20.00 6.72
CA SER C 72 12.85 -21.36 6.78
C SER C 72 11.86 -22.44 6.37
N THR C 73 10.58 -22.21 6.67
CA THR C 73 9.51 -23.11 6.21
C THR C 73 9.45 -23.20 4.71
N SER C 74 9.52 -22.03 4.04
CA SER C 74 9.41 -21.98 2.58
C SER C 74 10.48 -22.78 1.88
N ILE C 75 11.72 -22.81 2.44
CA ILE C 75 12.80 -23.61 1.86
C ILE C 75 12.47 -25.11 2.00
N ALA C 76 12.05 -25.53 3.18
CA ALA C 76 11.79 -26.96 3.38
C ALA C 76 10.68 -27.44 2.42
N VAL C 77 9.60 -26.67 2.32
CA VAL C 77 8.46 -27.07 1.48
C VAL C 77 8.88 -27.15 0.03
N GLU C 78 9.60 -26.12 -0.46
CA GLU C 78 10.05 -26.10 -1.84
C GLU C 78 10.89 -27.35 -2.14
N GLU C 79 11.85 -27.60 -1.25
CA GLU C 79 12.83 -28.68 -1.53
C GLU C 79 12.16 -30.07 -1.44
N LEU C 80 11.24 -30.25 -0.49
CA LEU C 80 10.48 -31.50 -0.42
C LEU C 80 9.64 -31.66 -1.68
N ALA C 81 9.03 -30.59 -2.17
CA ALA C 81 8.23 -30.65 -3.39
C ALA C 81 9.12 -31.06 -4.59
N GLN C 82 10.35 -30.54 -4.64
CA GLN C 82 11.28 -30.92 -5.70
C GLN C 82 11.54 -32.43 -5.69
N LEU C 83 11.43 -33.02 -4.51
CA LEU C 83 11.69 -34.46 -4.31
C LEU C 83 10.43 -35.30 -4.33
N GLY C 84 9.30 -34.70 -4.73
CA GLY C 84 8.08 -35.47 -4.98
C GLY C 84 7.02 -35.34 -3.92
N VAL C 85 7.22 -34.59 -2.85
CA VAL C 85 6.19 -34.45 -1.81
C VAL C 85 5.11 -33.52 -2.31
N ARG C 86 3.87 -33.89 -2.10
CA ARG C 86 2.69 -33.12 -2.56
C ARG C 86 1.75 -32.73 -1.42
N THR C 87 1.82 -33.34 -0.23
CA THR C 87 0.92 -33.10 0.88
C THR C 87 1.77 -32.78 2.10
N PHE C 88 1.44 -31.72 2.80
CA PHE C 88 2.21 -31.19 3.93
C PHE C 88 1.32 -30.99 5.12
N LEU C 89 1.55 -31.70 6.20
CA LEU C 89 0.79 -31.60 7.43
C LEU C 89 1.61 -30.91 8.51
N ARG C 90 1.28 -29.71 8.86
CA ARG C 90 1.95 -29.02 9.94
C ARG C 90 1.31 -29.30 11.26
N VAL C 91 2.18 -29.66 12.22
CA VAL C 91 1.77 -29.84 13.62
C VAL C 91 2.56 -28.90 14.50
N GLY C 92 1.92 -28.24 15.43
N GLY C 92 2.00 -28.58 15.65
CA GLY C 92 2.64 -27.18 16.16
CA GLY C 92 2.71 -27.88 16.76
C GLY C 92 1.95 -26.82 17.43
C GLY C 92 1.83 -27.67 17.97
N THR C 93 2.49 -25.84 18.08
N THR C 93 2.27 -26.80 18.87
CA THR C 93 1.95 -25.23 19.28
CA THR C 93 1.45 -26.35 19.99
C THR C 93 1.43 -23.83 18.93
C THR C 93 1.41 -24.83 19.95
N THR C 94 0.59 -23.29 19.79
N THR C 94 0.38 -24.23 20.52
CA THR C 94 -0.09 -22.02 19.46
CA THR C 94 0.07 -22.81 20.27
C THR C 94 -0.54 -21.31 20.75
C THR C 94 -0.53 -22.16 21.50
N GLY C 95 -0.63 -19.97 20.71
N GLY C 95 -0.49 -20.84 21.56
CA GLY C 95 -1.22 -19.19 21.81
CA GLY C 95 -1.32 -20.04 22.46
C GLY C 95 -2.69 -18.89 21.51
C GLY C 95 -2.54 -19.46 21.75
N ALA C 96 -3.62 -19.37 22.33
N ALA C 96 -3.64 -19.43 22.50
CA ALA C 96 -5.03 -19.01 22.07
CA ALA C 96 -4.97 -18.98 22.08
C ALA C 96 -5.24 -17.58 22.56
C ALA C 96 -5.19 -17.54 22.54
N ILE C 97 -6.13 -16.89 21.90
CA ILE C 97 -6.47 -15.50 22.29
C ILE C 97 -7.97 -15.39 22.61
N GLN C 98 -8.75 -16.47 22.57
CA GLN C 98 -10.20 -16.45 22.87
C GLN C 98 -10.42 -17.08 24.23
N PRO C 99 -11.27 -16.51 25.07
CA PRO C 99 -11.47 -17.04 26.41
C PRO C 99 -12.10 -18.45 26.42
N HIS C 100 -12.80 -18.84 25.35
CA HIS C 100 -13.50 -20.12 25.41
C HIS C 100 -12.55 -21.26 25.05
N VAL C 101 -11.36 -20.97 24.52
CA VAL C 101 -10.40 -22.02 24.07
C VAL C 101 -9.51 -22.36 25.25
N ASN C 102 -9.47 -23.63 25.61
CA ASN C 102 -8.69 -24.02 26.78
C ASN C 102 -7.33 -24.61 26.37
N VAL C 103 -6.37 -24.51 27.29
CA VAL C 103 -5.13 -25.28 27.21
C VAL C 103 -5.50 -26.77 27.04
N GLY C 104 -4.92 -27.43 26.06
CA GLY C 104 -5.18 -28.84 25.77
C GLY C 104 -6.15 -29.03 24.64
N ASP C 105 -6.94 -28.01 24.32
CA ASP C 105 -7.78 -28.07 23.10
C ASP C 105 -6.86 -28.11 21.87
N MET C 106 -7.43 -28.51 20.74
N MET C 106 -7.45 -28.41 20.73
CA MET C 106 -6.77 -28.49 19.43
CA MET C 106 -6.76 -28.41 19.46
C MET C 106 -7.43 -27.41 18.55
C MET C 106 -7.45 -27.50 18.45
N ILE C 107 -6.63 -26.85 17.67
CA ILE C 107 -7.08 -25.87 16.67
C ILE C 107 -6.68 -26.39 15.31
N VAL C 108 -7.64 -26.43 14.38
CA VAL C 108 -7.35 -26.73 12.96
C VAL C 108 -7.64 -25.42 12.21
N THR C 109 -6.61 -24.88 11.56
CA THR C 109 -6.71 -23.57 10.91
C THR C 109 -7.56 -23.69 9.64
N THR C 110 -8.61 -22.86 9.53
CA THR C 110 -9.40 -22.80 8.30
C THR C 110 -8.95 -21.65 7.38
N GLY C 111 -8.10 -20.75 7.91
CA GLY C 111 -7.55 -19.64 7.12
C GLY C 111 -6.62 -18.86 8.03
N SER C 112 -5.62 -18.22 7.48
CA SER C 112 -4.67 -17.46 8.30
C SER C 112 -4.69 -15.99 7.94
N VAL C 113 -4.59 -15.16 8.96
CA VAL C 113 -4.26 -13.73 8.78
C VAL C 113 -2.79 -13.61 8.39
N ARG C 114 -2.52 -13.04 7.22
CA ARG C 114 -1.18 -13.00 6.66
C ARG C 114 -0.35 -11.85 7.25
N LEU C 115 0.14 -12.02 8.45
CA LEU C 115 1.01 -11.03 9.13
C LEU C 115 2.49 -11.40 8.94
N ASP C 116 2.81 -11.97 7.79
CA ASP C 116 4.11 -12.47 7.44
C ASP C 116 4.61 -11.73 6.21
N GLY C 117 5.77 -12.05 5.72
CA GLY C 117 6.27 -11.55 4.48
C GLY C 117 6.37 -12.59 3.40
N ALA C 118 6.69 -13.85 3.75
CA ALA C 118 7.01 -14.84 2.72
C ALA C 118 5.76 -15.20 1.88
N SER C 119 4.57 -15.11 2.45
CA SER C 119 3.37 -15.43 1.67
C SER C 119 3.29 -14.58 0.40
N LEU C 120 3.73 -13.33 0.51
CA LEU C 120 3.72 -12.35 -0.59
C LEU C 120 4.68 -12.72 -1.69
N HIS C 121 5.61 -13.61 -1.42
CA HIS C 121 6.54 -14.08 -2.43
C HIS C 121 5.93 -15.18 -3.28
N PHE C 122 4.69 -15.59 -2.95
CA PHE C 122 3.95 -16.63 -3.73
C PHE C 122 2.63 -16.09 -4.30
N ALA C 123 1.97 -15.16 -3.61
CA ALA C 123 0.65 -14.66 -4.07
C ALA C 123 0.47 -13.29 -3.46
N PRO C 124 -0.19 -12.38 -4.19
CA PRO C 124 -0.48 -11.07 -3.64
C PRO C 124 -1.39 -11.19 -2.41
N MET C 125 -1.49 -10.12 -1.62
CA MET C 125 -2.18 -10.17 -0.30
C MET C 125 -3.64 -10.57 -0.45
N GLU C 126 -4.27 -10.23 -1.55
CA GLU C 126 -5.72 -10.56 -1.76
C GLU C 126 -5.95 -12.06 -1.73
N PHE C 127 -4.96 -12.89 -2.03
CA PHE C 127 -5.13 -14.35 -2.12
C PHE C 127 -5.31 -14.91 -0.70
N PRO C 128 -6.22 -15.88 -0.50
CA PRO C 128 -6.47 -16.38 0.84
C PRO C 128 -5.42 -17.40 1.27
N ALA C 129 -4.96 -17.26 2.51
CA ALA C 129 -4.08 -18.29 3.13
C ALA C 129 -5.00 -19.39 3.70
N VAL C 130 -5.29 -20.34 2.82
N VAL C 130 -5.44 -20.29 2.83
CA VAL C 130 -6.37 -21.34 3.00
CA VAL C 130 -6.41 -21.34 3.26
C VAL C 130 -5.78 -22.75 2.97
C VAL C 130 -5.78 -22.72 3.03
N PRO C 131 -6.22 -23.70 3.86
CA PRO C 131 -5.74 -25.05 3.75
C PRO C 131 -6.47 -25.78 2.63
N ASP C 132 -5.86 -26.85 2.17
CA ASP C 132 -6.57 -27.85 1.35
C ASP C 132 -7.72 -28.40 2.18
N PHE C 133 -8.89 -28.51 1.55
CA PHE C 133 -10.11 -28.96 2.26
C PHE C 133 -9.99 -30.41 2.75
N ASP C 134 -9.39 -31.28 1.98
CA ASP C 134 -9.21 -32.69 2.39
C ASP C 134 -8.30 -32.75 3.61
N VAL C 135 -7.21 -31.99 3.62
CA VAL C 135 -6.29 -31.99 4.78
C VAL C 135 -7.05 -31.50 5.99
N ALA C 136 -7.72 -30.34 5.85
CA ALA C 136 -8.41 -29.77 7.02
C ALA C 136 -9.43 -30.76 7.55
N THR C 137 -10.13 -31.43 6.62
CA THR C 137 -11.15 -32.45 7.02
C THR C 137 -10.49 -33.60 7.79
N ALA C 138 -9.37 -34.07 7.29
CA ALA C 138 -8.65 -35.18 7.92
C ALA C 138 -8.14 -34.77 9.29
N MET C 139 -7.59 -33.54 9.41
N MET C 139 -7.63 -33.55 9.42
CA MET C 139 -7.12 -33.05 10.71
CA MET C 139 -7.11 -33.01 10.70
C MET C 139 -8.26 -32.90 11.73
C MET C 139 -8.24 -32.91 11.72
N LYS C 140 -9.40 -32.39 11.30
CA LYS C 140 -10.56 -32.28 12.17
C LYS C 140 -10.95 -33.68 12.67
N ALA C 141 -11.08 -34.61 11.77
CA ALA C 141 -11.51 -35.98 12.12
C ALA C 141 -10.50 -36.61 13.11
N ALA C 142 -9.23 -36.52 12.83
CA ALA C 142 -8.22 -37.11 13.72
C ALA C 142 -8.29 -36.45 15.07
N ALA C 143 -8.37 -35.10 15.10
CA ALA C 143 -8.37 -34.40 16.40
C ALA C 143 -9.64 -34.77 17.18
N GLN C 144 -10.80 -34.81 16.52
CA GLN C 144 -12.04 -35.18 17.24
C GLN C 144 -11.99 -36.66 17.71
N GLU C 145 -11.48 -37.57 16.88
CA GLU C 145 -11.40 -39.00 17.27
C GLU C 145 -10.49 -39.19 18.45
N SER C 146 -9.54 -38.30 18.67
CA SER C 146 -8.67 -38.44 19.85
C SER C 146 -9.38 -38.16 21.15
N GLY C 147 -10.55 -37.53 21.10
CA GLY C 147 -11.28 -37.10 22.31
C GLY C 147 -11.00 -35.65 22.69
N ALA C 148 -10.17 -34.96 21.93
CA ALA C 148 -9.89 -33.54 22.19
C ALA C 148 -11.12 -32.70 21.90
N THR C 149 -11.15 -31.52 22.51
CA THR C 149 -12.06 -30.48 22.07
C THR C 149 -11.38 -29.73 20.94
N VAL C 150 -12.05 -29.61 19.83
CA VAL C 150 -11.45 -29.11 18.56
C VAL C 150 -12.13 -27.85 18.10
N HIS C 151 -11.35 -26.86 17.72
CA HIS C 151 -11.85 -25.58 17.20
C HIS C 151 -11.40 -25.44 15.76
N MET C 152 -12.31 -25.13 14.88
CA MET C 152 -12.04 -24.81 13.48
C MET C 152 -12.09 -23.30 13.37
N GLY C 153 -11.03 -22.64 12.86
CA GLY C 153 -11.15 -21.19 12.68
C GLY C 153 -9.85 -20.54 12.26
N VAL C 154 -9.90 -19.23 12.32
CA VAL C 154 -8.86 -18.38 11.72
C VAL C 154 -7.71 -18.23 12.72
N THR C 155 -6.49 -18.30 12.19
CA THR C 155 -5.24 -18.16 12.95
C THR C 155 -4.52 -16.88 12.47
N ALA C 156 -3.99 -16.08 13.38
CA ALA C 156 -3.15 -14.93 13.01
C ALA C 156 -1.70 -15.41 12.92
N SER C 157 -1.07 -15.26 11.79
CA SER C 157 0.25 -15.85 11.49
C SER C 157 1.25 -14.72 11.34
N SER C 158 2.10 -14.54 12.36
CA SER C 158 2.99 -13.39 12.49
C SER C 158 4.45 -13.72 12.20
N ASP C 159 5.15 -12.80 11.53
CA ASP C 159 6.61 -12.90 11.37
C ASP C 159 7.40 -12.58 12.63
N THR C 160 6.74 -12.15 13.71
CA THR C 160 7.42 -12.01 14.99
C THR C 160 6.66 -12.67 16.12
N PHE C 161 7.37 -13.04 17.13
CA PHE C 161 6.80 -13.55 18.37
C PHE C 161 6.38 -12.41 19.26
N TYR C 162 7.10 -11.26 19.21
CA TYR C 162 6.91 -10.17 20.19
C TYR C 162 5.98 -9.08 19.66
N PRO C 163 6.44 -8.07 18.88
CA PRO C 163 5.49 -7.00 18.52
C PRO C 163 4.30 -7.46 17.69
N GLY C 164 4.48 -8.43 16.80
CA GLY C 164 3.37 -8.88 15.94
C GLY C 164 2.34 -9.70 16.70
N GLN C 165 2.64 -10.10 17.93
CA GLN C 165 1.64 -10.73 18.82
C GLN C 165 1.24 -9.73 19.90
N GLU C 166 1.57 -8.44 19.70
CA GLU C 166 1.29 -7.32 20.62
C GLU C 166 1.75 -7.65 22.04
N ARG C 167 2.98 -8.13 22.18
N ARG C 167 2.99 -8.11 22.17
CA ARG C 167 3.62 -8.29 23.49
CA ARG C 167 3.60 -8.26 23.48
C ARG C 167 4.37 -6.98 23.86
C ARG C 167 4.37 -6.98 23.86
N TYR C 168 4.14 -6.50 25.06
CA TYR C 168 4.78 -5.27 25.56
C TYR C 168 5.88 -5.59 26.54
N ASP C 169 6.00 -6.80 27.03
CA ASP C 169 7.02 -7.17 28.06
C ASP C 169 8.34 -7.49 27.39
N THR C 170 8.93 -6.48 26.78
CA THR C 170 10.05 -6.57 25.88
C THR C 170 11.12 -5.56 26.27
N PHE C 171 12.23 -5.64 25.57
CA PHE C 171 13.36 -4.74 25.81
C PHE C 171 12.90 -3.26 25.67
N THR C 172 12.22 -2.92 24.60
CA THR C 172 11.80 -1.50 24.41
C THR C 172 10.41 -1.22 24.99
N GLY C 173 9.58 -2.22 25.15
CA GLY C 173 8.20 -2.04 25.57
C GLY C 173 7.34 -1.31 24.55
N ARG C 174 7.81 -1.16 23.30
N ARG C 174 7.82 -1.15 23.32
N ARG C 174 7.81 -1.24 23.30
CA ARG C 174 7.17 -0.41 22.18
CA ARG C 174 7.08 -0.44 22.25
CA ARG C 174 7.18 -0.50 22.20
C ARG C 174 6.56 -1.44 21.23
C ARG C 174 6.54 -1.46 21.26
C ARG C 174 6.55 -1.50 21.25
N VAL C 175 5.40 -1.14 20.68
CA VAL C 175 4.87 -1.85 19.52
C VAL C 175 4.59 -0.81 18.44
N VAL C 176 5.04 -1.08 17.22
CA VAL C 176 4.83 -0.22 16.06
C VAL C 176 3.32 0.03 15.88
N ARG C 177 2.99 1.19 15.33
CA ARG C 177 1.59 1.60 15.13
C ARG C 177 0.71 0.49 14.51
N ARG C 178 1.21 -0.16 13.47
CA ARG C 178 0.45 -1.21 12.76
C ARG C 178 -0.11 -2.23 13.75
N PHE C 179 0.64 -2.56 14.79
CA PHE C 179 0.28 -3.66 15.73
C PHE C 179 -0.32 -3.17 17.03
N GLN C 180 -0.33 -1.86 17.27
CA GLN C 180 -1.01 -1.36 18.49
C GLN C 180 -2.51 -1.61 18.39
N GLY C 181 -3.06 -2.22 19.45
CA GLY C 181 -4.47 -2.57 19.49
C GLY C 181 -4.81 -3.77 18.62
N SER C 182 -3.80 -4.43 18.02
CA SER C 182 -4.12 -5.52 17.08
C SER C 182 -4.67 -6.75 17.79
N MET C 183 -4.17 -7.07 18.98
N MET C 183 -4.20 -7.09 18.98
CA MET C 183 -4.68 -8.26 19.71
CA MET C 183 -4.73 -8.34 19.58
C MET C 183 -6.19 -8.17 19.83
C MET C 183 -6.23 -8.18 19.83
N LYS C 184 -6.69 -7.06 20.34
CA LYS C 184 -8.13 -6.84 20.59
CA LYS C 184 -8.13 -6.85 20.59
C LYS C 184 -8.89 -6.88 19.26
N GLU C 185 -8.31 -6.31 18.21
N GLU C 185 -8.32 -6.30 18.19
CA GLU C 185 -8.91 -6.37 16.88
CA GLU C 185 -8.95 -6.38 16.86
C GLU C 185 -9.13 -7.84 16.48
C GLU C 185 -9.12 -7.84 16.46
N TRP C 186 -8.09 -8.65 16.56
CA TRP C 186 -8.22 -10.05 16.14
C TRP C 186 -9.20 -10.75 17.03
N GLN C 187 -9.15 -10.50 18.32
CA GLN C 187 -10.11 -11.13 19.25
C GLN C 187 -11.53 -10.81 18.85
N ASP C 188 -11.83 -9.55 18.57
CA ASP C 188 -13.19 -9.15 18.19
C ASP C 188 -13.58 -9.74 16.86
N MET C 189 -12.64 -10.03 15.98
CA MET C 189 -12.90 -10.65 14.69
C MET C 189 -12.99 -12.17 14.80
N GLY C 190 -12.86 -12.73 16.00
CA GLY C 190 -13.02 -14.16 16.23
C GLY C 190 -11.81 -15.01 15.94
N VAL C 191 -10.65 -14.41 15.72
CA VAL C 191 -9.41 -15.16 15.48
C VAL C 191 -9.09 -16.01 16.73
N LEU C 192 -8.66 -17.24 16.53
CA LEU C 192 -8.52 -18.15 17.67
C LEU C 192 -7.15 -18.07 18.33
N ASN C 193 -6.10 -17.80 17.57
CA ASN C 193 -4.75 -18.06 18.07
C ASN C 193 -3.70 -17.35 17.21
N PHE C 194 -2.50 -17.27 17.72
CA PHE C 194 -1.29 -16.80 17.02
C PHE C 194 -0.34 -17.96 16.80
N GLU C 195 0.32 -17.94 15.65
CA GLU C 195 1.54 -18.71 15.40
C GLU C 195 2.36 -17.98 14.35
N MET C 196 3.36 -18.62 13.76
CA MET C 196 4.36 -17.91 12.95
C MET C 196 4.64 -18.51 11.59
N GLU C 197 3.95 -19.54 11.13
CA GLU C 197 4.30 -20.20 9.90
C GLU C 197 3.12 -20.46 8.93
N SER C 198 1.88 -20.51 9.43
CA SER C 198 0.73 -20.98 8.65
C SER C 198 0.45 -20.08 7.47
N ALA C 199 0.58 -18.76 7.58
CA ALA C 199 0.30 -17.90 6.44
C ALA C 199 1.23 -18.24 5.28
N THR C 200 2.51 -18.41 5.58
CA THR C 200 3.45 -18.75 4.52
C THR C 200 3.12 -20.13 3.96
N LEU C 201 3.00 -21.16 4.84
CA LEU C 201 2.79 -22.52 4.36
C LEU C 201 1.50 -22.62 3.52
N LEU C 202 0.39 -22.04 4.04
CA LEU C 202 -0.89 -22.24 3.36
C LEU C 202 -0.91 -21.47 2.05
N THR C 203 -0.37 -20.26 2.02
CA THR C 203 -0.38 -19.47 0.79
C THR C 203 0.49 -20.12 -0.26
N MET C 204 1.71 -20.48 0.13
N MET C 204 1.72 -20.52 0.11
CA MET C 204 2.65 -21.13 -0.78
CA MET C 204 2.61 -21.10 -0.88
C MET C 204 1.96 -22.35 -1.41
C MET C 204 2.01 -22.39 -1.43
N CYS C 205 1.41 -23.24 -0.59
CA CYS C 205 0.88 -24.50 -1.09
C CYS C 205 -0.39 -24.29 -1.94
N ALA C 206 -1.31 -23.45 -1.45
CA ALA C 206 -2.61 -23.24 -2.16
C ALA C 206 -2.38 -22.63 -3.51
N SER C 207 -1.28 -21.88 -3.69
CA SER C 207 -0.94 -21.25 -4.96
C SER C 207 0.01 -22.05 -5.83
N SER C 208 0.44 -23.23 -5.37
CA SER C 208 1.48 -24.02 -6.04
C SER C 208 1.06 -25.47 -6.32
N GLY C 209 -0.20 -25.82 -6.11
CA GLY C 209 -0.57 -27.18 -6.47
C GLY C 209 -0.21 -28.19 -5.37
N LEU C 210 -0.01 -27.76 -4.13
CA LEU C 210 0.34 -28.64 -3.03
C LEU C 210 -0.77 -28.59 -1.99
N LYS C 211 -1.01 -29.70 -1.29
CA LYS C 211 -2.08 -29.79 -0.30
C LYS C 211 -1.48 -29.54 1.07
N ALA C 212 -1.99 -28.64 1.85
CA ALA C 212 -1.44 -28.32 3.16
C ALA C 212 -2.50 -28.06 4.17
N GLY C 213 -2.18 -28.30 5.43
CA GLY C 213 -3.02 -27.88 6.55
C GLY C 213 -2.21 -27.78 7.82
N CYS C 214 -2.82 -27.22 8.85
N CYS C 214 -2.84 -27.28 8.87
CA CYS C 214 -2.18 -26.97 10.15
CA CYS C 214 -2.17 -26.96 10.14
C CYS C 214 -3.09 -27.43 11.27
C CYS C 214 -3.07 -27.35 11.31
N VAL C 215 -2.53 -28.15 12.22
CA VAL C 215 -3.20 -28.52 13.46
C VAL C 215 -2.28 -28.17 14.61
N ALA C 216 -2.83 -27.65 15.70
CA ALA C 216 -2.00 -27.27 16.85
C ALA C 216 -2.68 -27.58 18.18
N GLY C 217 -1.87 -27.95 19.17
N GLY C 217 -1.88 -27.96 19.17
CA GLY C 217 -2.32 -28.03 20.57
CA GLY C 217 -2.32 -28.08 20.57
C GLY C 217 -2.11 -26.71 21.29
C GLY C 217 -2.19 -26.75 21.30
N VAL C 218 -3.13 -26.26 22.04
N VAL C 218 -3.21 -26.40 22.10
CA VAL C 218 -3.06 -24.99 22.76
CA VAL C 218 -3.21 -25.15 22.88
C VAL C 218 -2.18 -25.20 24.02
C VAL C 218 -2.41 -25.41 24.16
N ILE C 219 -1.10 -24.43 24.11
N ILE C 219 -1.34 -24.65 24.33
CA ILE C 219 -0.16 -24.53 25.26
CA ILE C 219 -0.48 -24.74 25.54
C ILE C 219 -0.31 -23.35 26.21
C ILE C 219 -0.57 -23.46 26.37
N ILE C 220 -1.08 -22.33 25.84
CA ILE C 220 -1.24 -21.14 26.70
C ILE C 220 -2.42 -20.35 26.15
N ASN C 221 -3.04 -19.55 27.01
CA ASN C 221 -4.14 -18.68 26.58
C ASN C 221 -3.83 -17.29 27.12
N ARG C 222 -3.66 -16.31 26.20
CA ARG C 222 -3.26 -14.91 26.50
C ARG C 222 -4.30 -14.29 27.45
N THR C 223 -5.51 -14.83 27.55
CA THR C 223 -6.64 -14.23 28.30
C THR C 223 -6.87 -14.91 29.63
N GLN C 224 -6.25 -16.05 29.91
CA GLN C 224 -6.51 -16.77 31.18
C GLN C 224 -5.33 -16.53 32.13
N LYS C 225 -5.59 -16.44 33.42
CA LYS C 225 -4.54 -16.27 34.47
C LYS C 225 -3.94 -17.60 34.95
N GLU C 226 -4.73 -18.68 34.87
N GLU C 226 -4.74 -18.69 34.88
CA GLU C 226 -4.32 -20.02 35.34
CA GLU C 226 -4.32 -20.03 35.36
C GLU C 226 -3.05 -20.42 34.58
C GLU C 226 -3.06 -20.44 34.58
N ILE C 227 -2.07 -20.98 35.30
CA ILE C 227 -0.80 -21.51 34.70
C ILE C 227 -1.05 -22.98 34.42
N PRO C 228 -0.86 -23.41 33.16
CA PRO C 228 -1.15 -24.80 32.83
C PRO C 228 -0.15 -25.63 33.63
N ASP C 229 -0.56 -26.77 34.20
CA ASP C 229 0.38 -27.64 34.95
C ASP C 229 1.17 -28.53 33.97
N HIS C 230 2.30 -29.04 34.45
N HIS C 230 2.32 -28.97 34.47
CA HIS C 230 3.28 -29.83 33.66
CA HIS C 230 3.29 -29.92 33.88
C HIS C 230 2.58 -31.00 32.96
C HIS C 230 2.58 -30.96 33.02
N ALA C 231 1.69 -31.73 33.65
CA ALA C 231 1.01 -32.93 33.10
C ALA C 231 0.21 -32.55 31.84
N THR C 232 -0.60 -31.48 31.95
CA THR C 232 -1.52 -31.08 30.87
C THR C 232 -0.70 -30.69 29.63
N LEU C 233 0.43 -30.02 29.84
CA LEU C 233 1.28 -29.58 28.71
C LEU C 233 1.90 -30.81 28.07
N LYS C 234 2.39 -31.76 28.89
CA LYS C 234 3.01 -32.97 28.34
C LYS C 234 1.98 -33.80 27.59
N GLU C 235 0.79 -33.94 28.15
CA GLU C 235 -0.32 -34.66 27.50
C GLU C 235 -0.66 -33.95 26.17
N THR C 236 -0.68 -32.59 26.14
CA THR C 236 -1.06 -31.85 24.93
C THR C 236 -0.04 -32.05 23.83
N GLU C 237 1.23 -32.03 24.16
CA GLU C 237 2.27 -32.19 23.13
C GLU C 237 2.14 -33.59 22.56
N ALA C 238 1.97 -34.56 23.44
CA ALA C 238 1.86 -35.97 23.01
C ALA C 238 0.62 -36.17 22.11
N ARG C 239 -0.52 -35.60 22.50
N ARG C 239 -0.51 -35.54 22.47
CA ARG C 239 -1.74 -35.81 21.71
CA ARG C 239 -1.73 -35.71 21.70
C ARG C 239 -1.56 -35.18 20.32
C ARG C 239 -1.58 -35.06 20.32
N SER C 240 -0.94 -34.00 20.27
N SER C 240 -0.86 -33.92 20.25
CA SER C 240 -0.81 -33.26 19.00
CA SER C 240 -0.77 -33.18 18.98
C SER C 240 -0.13 -34.12 17.95
C SER C 240 -0.09 -34.06 17.94
N ILE C 241 0.98 -34.75 18.32
CA ILE C 241 1.70 -35.58 17.34
C ILE C 241 0.95 -36.87 17.02
N LYS C 242 0.24 -37.44 18.00
N LYS C 242 0.26 -37.47 18.00
CA LYS C 242 -0.63 -38.61 17.72
CA LYS C 242 -0.59 -38.64 17.65
C LYS C 242 -1.69 -38.22 16.68
C LYS C 242 -1.66 -38.21 16.65
N VAL C 243 -2.26 -37.03 16.85
CA VAL C 243 -3.32 -36.53 15.94
C VAL C 243 -2.78 -36.34 14.55
N VAL C 244 -1.61 -35.69 14.40
CA VAL C 244 -1.12 -35.43 13.03
C VAL C 244 -0.80 -36.74 12.32
N VAL C 245 -0.29 -37.76 13.04
CA VAL C 245 -0.03 -39.04 12.34
C VAL C 245 -1.33 -39.68 11.91
N GLU C 246 -2.38 -39.61 12.74
N GLU C 246 -2.37 -39.61 12.76
CA GLU C 246 -3.68 -40.18 12.29
CA GLU C 246 -3.72 -40.15 12.37
C GLU C 246 -4.24 -39.35 11.13
C GLU C 246 -4.24 -39.36 11.17
N ALA C 247 -4.01 -38.04 11.12
CA ALA C 247 -4.47 -37.23 9.97
C ALA C 247 -3.73 -37.72 8.72
N ALA C 248 -2.44 -38.01 8.84
CA ALA C 248 -1.66 -38.52 7.69
C ALA C 248 -2.28 -39.84 7.21
N ARG C 249 -2.60 -40.74 8.13
N ARG C 249 -2.63 -40.72 8.14
CA ARG C 249 -3.22 -42.02 7.78
CA ARG C 249 -3.22 -42.02 7.79
C ARG C 249 -4.46 -41.75 6.90
C ARG C 249 -4.47 -41.78 6.93
N LYS C 250 -5.27 -40.79 7.31
CA LYS C 250 -6.50 -40.47 6.58
C LYS C 250 -6.22 -39.91 5.19
N MET C 251 -5.07 -39.26 5.00
CA MET C 251 -4.74 -38.71 3.69
C MET C 251 -4.19 -39.78 2.75
N LEU C 252 -3.71 -40.90 3.26
CA LEU C 252 -3.05 -41.90 2.37
C LEU C 252 -4.07 -42.55 1.45
N LYS C 253 -3.68 -42.78 0.20
CA LYS C 253 -4.55 -43.35 -0.87
C LYS C 253 -4.11 -44.76 -1.20
N THR D 2 16.25 -15.15 39.26
CA THR D 2 17.06 -15.10 37.98
C THR D 2 16.20 -14.56 36.82
N LYS D 3 16.84 -14.10 35.78
CA LYS D 3 16.17 -13.51 34.60
C LYS D 3 16.22 -14.50 33.41
N THR D 4 15.11 -15.02 33.00
CA THR D 4 15.08 -16.00 31.92
C THR D 4 14.43 -15.48 30.65
N VAL D 5 14.62 -16.23 29.55
CA VAL D 5 13.96 -15.84 28.29
C VAL D 5 13.21 -17.04 27.72
N PHE D 6 12.33 -16.80 26.77
CA PHE D 6 11.37 -17.85 26.34
C PHE D 6 12.08 -18.93 25.53
N HIS D 7 12.96 -18.57 24.61
CA HIS D 7 13.51 -19.47 23.58
C HIS D 7 14.98 -19.81 23.80
N LEU D 8 15.84 -18.86 24.17
CA LEU D 8 17.28 -19.14 24.14
C LEU D 8 17.77 -20.00 25.29
N GLY D 9 17.06 -20.09 26.40
CA GLY D 9 17.47 -21.03 27.41
C GLY D 9 18.63 -20.57 28.27
N VAL D 10 18.91 -19.28 28.29
CA VAL D 10 20.02 -18.71 29.11
C VAL D 10 19.46 -17.64 30.04
N THR D 11 20.22 -17.34 31.05
CA THR D 11 19.92 -16.26 31.99
C THR D 11 20.89 -15.11 31.78
N GLU D 12 20.55 -13.94 32.34
CA GLU D 12 21.45 -12.80 32.26
C GLU D 12 22.80 -13.17 32.91
N ALA D 13 22.77 -13.87 34.02
CA ALA D 13 24.02 -14.26 34.72
C ALA D 13 24.89 -15.15 33.83
N ASP D 14 24.30 -16.01 33.01
CA ASP D 14 25.06 -16.90 32.11
C ASP D 14 25.92 -16.10 31.17
N LEU D 15 25.53 -14.85 30.84
CA LEU D 15 26.28 -14.10 29.82
C LEU D 15 27.49 -13.40 30.43
N ASN D 16 27.67 -13.42 31.75
CA ASN D 16 28.83 -12.79 32.45
CA ASN D 16 28.85 -12.82 32.43
C ASN D 16 29.07 -11.38 31.95
N GLY D 17 28.02 -10.59 31.84
CA GLY D 17 28.18 -9.16 31.57
C GLY D 17 28.31 -8.82 30.09
N ALA D 18 28.16 -9.79 29.18
CA ALA D 18 28.34 -9.51 27.74
C ALA D 18 27.37 -8.44 27.29
N THR D 19 27.87 -7.47 26.50
CA THR D 19 27.01 -6.46 25.84
C THR D 19 27.09 -6.56 24.33
N LEU D 20 27.84 -7.51 23.81
CA LEU D 20 28.04 -7.69 22.36
C LEU D 20 27.79 -9.15 22.01
N ALA D 21 27.04 -9.39 20.94
CA ALA D 21 26.78 -10.72 20.38
C ALA D 21 27.22 -10.80 18.94
N ILE D 22 27.79 -11.94 18.57
CA ILE D 22 28.00 -12.35 17.18
C ILE D 22 26.90 -13.35 16.86
N ILE D 23 26.20 -13.12 15.78
CA ILE D 23 24.95 -13.83 15.46
C ILE D 23 25.02 -14.47 14.08
N PRO D 24 25.67 -15.64 13.90
CA PRO D 24 25.57 -16.37 12.64
C PRO D 24 24.21 -17.06 12.48
N GLY D 25 23.90 -17.55 11.27
CA GLY D 25 22.64 -18.25 11.08
C GLY D 25 22.69 -19.71 11.47
N ASP D 26 23.79 -20.38 11.18
CA ASP D 26 23.90 -21.82 11.29
C ASP D 26 24.33 -22.17 12.73
N PRO D 27 23.55 -22.96 13.49
CA PRO D 27 23.96 -23.39 14.82
C PRO D 27 25.35 -24.02 14.83
N ALA D 28 25.71 -24.75 13.76
CA ALA D 28 27.02 -25.45 13.76
C ALA D 28 28.21 -24.47 13.67
N ARG D 29 27.97 -23.22 13.33
CA ARG D 29 29.05 -22.23 13.21
C ARG D 29 29.32 -21.53 14.55
N VAL D 30 28.43 -21.68 15.54
CA VAL D 30 28.59 -20.97 16.81
C VAL D 30 29.90 -21.39 17.48
N GLN D 31 30.15 -22.67 17.66
CA GLN D 31 31.39 -23.11 18.37
C GLN D 31 32.58 -22.66 17.56
N LYS D 32 32.48 -22.65 16.22
CA LYS D 32 33.65 -22.28 15.37
C LYS D 32 34.05 -20.81 15.62
N ILE D 33 33.05 -19.96 15.75
CA ILE D 33 33.35 -18.55 16.09
C ILE D 33 33.86 -18.44 17.52
N ALA D 34 33.25 -19.12 18.46
CA ALA D 34 33.60 -18.99 19.89
C ALA D 34 35.03 -19.44 20.11
N GLU D 35 35.51 -20.45 19.39
CA GLU D 35 36.86 -20.99 19.64
C GLU D 35 37.93 -20.03 19.12
N LEU D 36 37.58 -19.00 18.36
CA LEU D 36 38.57 -17.97 17.97
C LEU D 36 38.81 -17.00 19.12
N MET D 37 38.01 -17.05 20.18
CA MET D 37 38.16 -16.19 21.34
C MET D 37 38.64 -16.98 22.56
N ASP D 38 38.72 -16.33 23.72
CA ASP D 38 39.24 -16.98 24.94
C ASP D 38 38.11 -17.67 25.72
N ASN D 39 38.43 -18.76 26.39
CA ASN D 39 37.50 -19.40 27.34
C ASN D 39 36.09 -19.59 26.77
N PRO D 40 35.94 -20.18 25.57
CA PRO D 40 34.61 -20.49 25.04
C PRO D 40 33.91 -21.54 25.90
N VAL D 41 32.63 -21.31 26.18
CA VAL D 41 31.81 -22.25 26.95
C VAL D 41 30.45 -22.36 26.30
N PHE D 42 30.01 -23.58 26.09
CA PHE D 42 28.64 -23.87 25.66
C PHE D 42 27.67 -23.47 26.75
N LEU D 43 26.62 -22.74 26.39
CA LEU D 43 25.55 -22.39 27.35
C LEU D 43 24.29 -23.22 27.08
N ALA D 44 23.78 -23.27 25.85
CA ALA D 44 22.45 -23.88 25.63
C ALA D 44 22.27 -24.14 24.14
N SER D 45 21.42 -25.12 23.83
CA SER D 45 20.96 -25.37 22.46
C SER D 45 19.50 -25.76 22.53
N HIS D 46 18.67 -25.01 21.80
N HIS D 46 18.67 -25.04 21.79
CA HIS D 46 17.20 -25.20 21.72
CA HIS D 46 17.22 -25.32 21.69
C HIS D 46 16.80 -24.83 20.28
C HIS D 46 16.78 -24.84 20.30
N ARG D 47 16.05 -25.67 19.56
CA ARG D 47 15.64 -25.36 18.21
C ARG D 47 16.88 -24.91 17.43
N GLU D 48 16.77 -23.84 16.64
CA GLU D 48 17.89 -23.31 15.84
C GLU D 48 18.87 -22.44 16.66
N TYR D 49 18.67 -22.30 17.97
CA TYR D 49 19.46 -21.39 18.83
C TYR D 49 20.51 -22.14 19.65
N THR D 50 21.75 -22.06 19.22
CA THR D 50 22.89 -22.58 19.98
C THR D 50 23.61 -21.35 20.51
N VAL D 51 23.97 -21.34 21.80
CA VAL D 51 24.49 -20.16 22.48
C VAL D 51 25.79 -20.56 23.21
N TYR D 52 26.87 -19.80 22.97
CA TYR D 52 28.16 -19.91 23.65
C TYR D 52 28.48 -18.54 24.24
N ARG D 53 29.30 -18.57 25.27
N ARG D 53 29.28 -18.53 25.31
CA ARG D 53 29.98 -17.36 25.76
CA ARG D 53 29.94 -17.30 25.82
C ARG D 53 31.47 -17.50 25.45
C ARG D 53 31.45 -17.48 25.63
N ALA D 54 32.16 -16.38 25.34
CA ALA D 54 33.62 -16.38 25.25
C ALA D 54 34.11 -15.03 25.72
N GLU D 55 35.42 -14.83 25.68
CA GLU D 55 36.03 -13.59 26.16
C GLU D 55 36.94 -13.05 25.10
N LEU D 56 36.87 -11.73 24.90
CA LEU D 56 37.62 -11.04 23.87
C LEU D 56 38.31 -9.87 24.55
N ASP D 57 39.64 -9.86 24.57
CA ASP D 57 40.35 -8.76 25.28
C ASP D 57 39.79 -8.55 26.66
N GLY D 58 39.48 -9.65 27.36
CA GLY D 58 39.01 -9.57 28.74
C GLY D 58 37.54 -9.28 28.88
N GLN D 59 36.79 -9.10 27.80
CA GLN D 59 35.36 -8.74 27.95
C GLN D 59 34.52 -9.92 27.45
N SER D 60 33.36 -10.15 28.05
N SER D 60 33.45 -10.21 28.18
CA SER D 60 32.49 -11.25 27.64
CA SER D 60 32.51 -11.30 27.83
C SER D 60 31.84 -10.94 26.30
C SER D 60 31.79 -10.92 26.55
N VAL D 61 31.71 -11.96 25.45
N VAL D 61 31.62 -11.89 25.67
CA VAL D 61 31.02 -11.90 24.15
CA VAL D 61 30.83 -11.77 24.45
C VAL D 61 30.11 -13.12 24.07
C VAL D 61 30.01 -13.03 24.33
N VAL D 62 28.91 -12.90 23.55
N VAL D 62 28.93 -12.95 23.57
CA VAL D 62 27.99 -14.01 23.25
CA VAL D 62 28.05 -14.11 23.36
C VAL D 62 28.17 -14.36 21.78
C VAL D 62 28.01 -14.37 21.86
N VAL D 63 27.96 -15.63 21.49
CA VAL D 63 27.79 -16.11 20.11
C VAL D 63 26.50 -16.91 20.07
N CYS D 64 25.56 -16.52 19.21
CA CYS D 64 24.21 -17.11 19.23
C CYS D 64 23.73 -17.28 17.79
N SER D 65 23.37 -18.47 17.38
CA SER D 65 22.76 -18.66 16.07
C SER D 65 21.33 -18.16 16.01
N THR D 66 20.92 -17.84 14.79
CA THR D 66 19.60 -17.20 14.56
C THR D 66 18.66 -18.09 13.78
N GLY D 67 19.14 -19.12 13.09
CA GLY D 67 18.36 -19.76 12.07
C GLY D 67 18.26 -18.94 10.79
N ILE D 68 17.61 -19.48 9.81
CA ILE D 68 17.33 -18.77 8.53
C ILE D 68 16.11 -17.85 8.70
N GLY D 69 16.28 -16.61 8.34
CA GLY D 69 15.14 -15.72 8.15
C GLY D 69 14.95 -14.70 9.27
N GLY D 70 14.28 -13.61 8.95
CA GLY D 70 13.95 -12.57 9.92
C GLY D 70 13.19 -13.04 11.14
N PRO D 71 12.17 -13.91 10.99
CA PRO D 71 11.38 -14.27 12.19
C PRO D 71 12.21 -14.91 13.29
N SER D 72 13.02 -15.94 12.95
CA SER D 72 13.82 -16.57 14.00
C SER D 72 14.90 -15.61 14.49
N THR D 73 15.44 -14.78 13.59
CA THR D 73 16.46 -13.78 14.01
C THR D 73 15.87 -12.81 15.01
N SER D 74 14.63 -12.36 14.77
CA SER D 74 14.04 -11.34 15.64
C SER D 74 13.84 -11.84 17.07
N ILE D 75 13.56 -13.13 17.21
CA ILE D 75 13.43 -13.72 18.55
C ILE D 75 14.82 -13.64 19.25
N ALA D 76 15.88 -14.11 18.60
CA ALA D 76 17.20 -14.14 19.23
C ALA D 76 17.63 -12.72 19.63
N VAL D 77 17.45 -11.73 18.75
CA VAL D 77 17.89 -10.39 19.07
C VAL D 77 17.12 -9.87 20.25
N GLU D 78 15.79 -9.99 20.23
CA GLU D 78 14.99 -9.50 21.34
C GLU D 78 15.46 -10.11 22.67
N GLU D 79 15.61 -11.45 22.68
CA GLU D 79 15.90 -12.10 23.98
C GLU D 79 17.33 -11.75 24.46
N LEU D 80 18.28 -11.65 23.55
CA LEU D 80 19.61 -11.19 23.92
C LEU D 80 19.57 -9.78 24.43
N ALA D 81 18.77 -8.91 23.83
CA ALA D 81 18.62 -7.53 24.33
C ALA D 81 18.00 -7.52 25.74
N GLN D 82 17.01 -8.39 26.00
CA GLN D 82 16.45 -8.50 27.36
C GLN D 82 17.53 -8.83 28.38
N LEU D 83 18.55 -9.57 27.99
CA LEU D 83 19.65 -10.01 28.86
C LEU D 83 20.86 -9.08 28.78
N GLY D 84 20.73 -7.87 28.20
CA GLY D 84 21.76 -6.82 28.31
C GLY D 84 22.59 -6.65 27.05
N VAL D 85 22.35 -7.41 25.99
CA VAL D 85 23.16 -7.24 24.78
C VAL D 85 22.66 -6.01 24.03
N ARG D 86 23.62 -5.19 23.61
CA ARG D 86 23.32 -3.94 22.87
C ARG D 86 23.92 -3.85 21.49
N THR D 87 24.91 -4.66 21.15
CA THR D 87 25.57 -4.64 19.85
C THR D 87 25.55 -6.03 19.23
N PHE D 88 25.17 -6.10 17.96
CA PHE D 88 24.88 -7.35 17.26
C PHE D 88 25.64 -7.35 15.96
N LEU D 89 26.54 -8.31 15.77
N LEU D 89 26.58 -8.28 15.80
CA LEU D 89 27.36 -8.42 14.54
CA LEU D 89 27.36 -8.43 14.54
C LEU D 89 26.96 -9.70 13.81
C LEU D 89 26.89 -9.70 13.86
N ARG D 90 26.32 -9.55 12.67
CA ARG D 90 25.91 -10.67 11.88
C ARG D 90 27.04 -11.00 10.90
N VAL D 91 27.39 -12.30 10.84
CA VAL D 91 28.30 -12.85 9.85
C VAL D 91 27.56 -13.94 9.09
N GLY D 92 27.77 -14.02 7.79
N GLY D 92 27.88 -14.09 7.82
CA GLY D 92 27.02 -15.00 6.98
CA GLY D 92 27.42 -15.23 7.01
C GLY D 92 27.54 -15.14 5.58
C GLY D 92 28.12 -15.30 5.69
N THR D 93 26.73 -15.79 4.75
N THR D 93 27.59 -16.13 4.80
CA THR D 93 27.07 -16.11 3.35
CA THR D 93 27.99 -16.17 3.38
C THR D 93 26.06 -15.35 2.49
C THR D 93 26.86 -15.66 2.51
N THR D 94 26.42 -15.14 1.23
N THR D 94 27.17 -15.29 1.27
CA THR D 94 25.56 -14.35 0.36
CA THR D 94 26.15 -14.68 0.41
C THR D 94 25.81 -14.74 -1.08
C THR D 94 26.40 -14.94 -1.06
N GLY D 95 24.80 -14.51 -1.91
N GLY D 95 25.35 -14.69 -1.86
CA GLY D 95 24.94 -14.60 -3.35
CA GLY D 95 25.32 -14.79 -3.33
C GLY D 95 25.15 -13.22 -3.94
C GLY D 95 25.16 -13.43 -4.00
N ALA D 96 26.24 -13.03 -4.68
CA ALA D 96 26.40 -11.74 -5.36
C ALA D 96 25.63 -11.72 -6.66
N ILE D 97 25.20 -10.52 -7.05
CA ILE D 97 24.43 -10.32 -8.30
C ILE D 97 25.12 -9.33 -9.22
N GLN D 98 26.29 -8.83 -8.86
CA GLN D 98 27.09 -7.91 -9.70
C GLN D 98 28.25 -8.68 -10.27
N PRO D 99 28.53 -8.52 -11.58
CA PRO D 99 29.65 -9.23 -12.19
C PRO D 99 31.03 -8.90 -11.63
N HIS D 100 31.18 -7.76 -11.01
CA HIS D 100 32.52 -7.34 -10.53
C HIS D 100 32.84 -7.94 -9.18
N VAL D 101 31.88 -8.57 -8.53
CA VAL D 101 32.09 -9.11 -7.18
C VAL D 101 32.40 -10.59 -7.34
N ASN D 102 33.53 -11.03 -6.83
CA ASN D 102 33.96 -12.41 -7.03
C ASN D 102 33.65 -13.27 -5.82
N VAL D 103 33.52 -14.60 -6.08
CA VAL D 103 33.46 -15.56 -4.97
C VAL D 103 34.72 -15.33 -4.13
N GLY D 104 34.53 -15.26 -2.81
CA GLY D 104 35.64 -15.06 -1.87
C GLY D 104 35.74 -13.62 -1.44
N ASP D 105 35.10 -12.66 -2.14
CA ASP D 105 35.09 -11.26 -1.68
C ASP D 105 34.18 -11.17 -0.43
N MET D 106 34.34 -10.07 0.32
N MET D 106 34.26 -10.02 0.23
CA MET D 106 33.46 -9.75 1.46
CA MET D 106 33.38 -9.78 1.38
C MET D 106 32.52 -8.60 1.04
C MET D 106 32.55 -8.52 1.14
N ILE D 107 31.31 -8.57 1.63
CA ILE D 107 30.36 -7.45 1.50
C ILE D 107 29.99 -6.98 2.87
N VAL D 108 30.10 -5.68 3.10
CA VAL D 108 29.56 -5.06 4.31
C VAL D 108 28.34 -4.26 3.86
N THR D 109 27.19 -4.59 4.46
CA THR D 109 25.92 -3.96 4.03
C THR D 109 25.80 -2.55 4.57
N THR D 110 25.54 -1.58 3.68
CA THR D 110 25.30 -0.18 4.06
C THR D 110 23.82 0.11 4.21
N GLY D 111 22.96 -0.73 3.66
CA GLY D 111 21.51 -0.58 3.71
C GLY D 111 20.94 -1.83 3.04
N SER D 112 19.72 -2.17 3.44
CA SER D 112 19.04 -3.36 2.91
C SER D 112 17.72 -2.98 2.20
N VAL D 113 17.50 -3.62 1.05
CA VAL D 113 16.17 -3.63 0.43
C VAL D 113 15.29 -4.54 1.26
N ARG D 114 14.20 -4.00 1.79
CA ARG D 114 13.32 -4.70 2.74
C ARG D 114 12.33 -5.61 2.01
N LEU D 115 12.80 -6.79 1.58
CA LEU D 115 11.95 -7.77 0.89
C LEU D 115 11.48 -8.82 1.89
N ASP D 116 11.36 -8.43 3.13
CA ASP D 116 10.99 -9.28 4.26
C ASP D 116 9.63 -8.91 4.79
N GLY D 117 9.23 -9.51 5.88
CA GLY D 117 8.00 -9.14 6.58
C GLY D 117 8.33 -8.63 7.97
N ALA D 118 9.31 -9.19 8.67
CA ALA D 118 9.51 -8.91 10.07
C ALA D 118 9.94 -7.46 10.32
N SER D 119 10.66 -6.85 9.37
CA SER D 119 11.10 -5.47 9.55
C SER D 119 9.87 -4.58 9.83
N LEU D 120 8.73 -4.86 9.17
CA LEU D 120 7.49 -4.08 9.28
C LEU D 120 6.88 -4.22 10.65
N HIS D 121 7.29 -5.22 11.44
CA HIS D 121 6.82 -5.34 12.81
C HIS D 121 7.54 -4.40 13.76
N PHE D 122 8.58 -3.71 13.24
CA PHE D 122 9.36 -2.74 14.06
C PHE D 122 9.24 -1.32 13.53
N ALA D 123 9.12 -1.15 12.23
CA ALA D 123 9.08 0.21 11.65
C ALA D 123 8.34 0.11 10.33
N PRO D 124 7.62 1.16 9.93
CA PRO D 124 6.94 1.15 8.63
C PRO D 124 7.96 1.14 7.50
N MET D 125 7.55 0.79 6.29
CA MET D 125 8.45 0.55 5.15
C MET D 125 9.35 1.74 4.86
N GLU D 126 8.86 2.95 5.11
N GLU D 126 8.89 2.95 5.10
CA GLU D 126 9.61 4.21 4.85
CA GLU D 126 9.72 4.12 4.74
C GLU D 126 10.93 4.22 5.61
C GLU D 126 10.96 4.22 5.61
N PHE D 127 11.03 3.54 6.74
CA PHE D 127 12.22 3.60 7.62
C PHE D 127 13.36 2.83 6.98
N PRO D 128 14.59 3.38 7.04
CA PRO D 128 15.73 2.73 6.36
C PRO D 128 16.29 1.55 7.15
N ALA D 129 16.52 0.45 6.44
CA ALA D 129 17.21 -0.74 7.00
C ALA D 129 18.71 -0.46 6.90
N VAL D 130 19.23 0.19 7.96
N VAL D 130 19.24 0.31 7.86
CA VAL D 130 20.56 0.80 7.97
CA VAL D 130 20.67 0.68 7.80
C VAL D 130 21.37 0.26 9.14
C VAL D 130 21.36 0.25 9.08
N PRO D 131 22.68 -0.09 8.95
CA PRO D 131 23.49 -0.47 10.08
C PRO D 131 23.89 0.72 10.93
N ASP D 132 24.33 0.41 12.14
CA ASP D 132 25.05 1.37 12.97
C ASP D 132 26.35 1.73 12.26
N PHE D 133 26.66 3.01 12.18
CA PHE D 133 27.82 3.49 11.43
C PHE D 133 29.15 2.98 12.03
N ASP D 134 29.24 2.89 13.34
CA ASP D 134 30.50 2.37 13.99
C ASP D 134 30.67 0.90 13.64
N VAL D 135 29.57 0.12 13.67
CA VAL D 135 29.69 -1.30 13.32
C VAL D 135 30.12 -1.46 11.87
N ALA D 136 29.48 -0.75 10.93
CA ALA D 136 29.87 -0.87 9.53
C ALA D 136 31.33 -0.50 9.33
N THR D 137 31.75 0.58 9.97
CA THR D 137 33.14 1.05 9.91
C THR D 137 34.13 0.00 10.44
N ALA D 138 33.77 -0.62 11.55
CA ALA D 138 34.62 -1.65 12.15
C ALA D 138 34.69 -2.89 11.25
N MET D 139 33.55 -3.26 10.68
CA MET D 139 33.49 -4.39 9.74
C MET D 139 34.35 -4.13 8.51
N LYS D 140 34.25 -2.95 7.96
CA LYS D 140 35.05 -2.61 6.78
C LYS D 140 36.55 -2.75 7.10
N ALA D 141 36.96 -2.17 8.20
CA ALA D 141 38.38 -2.18 8.63
C ALA D 141 38.80 -3.63 8.82
N ALA D 142 38.04 -4.43 9.54
CA ALA D 142 38.48 -5.82 9.84
C ALA D 142 38.55 -6.60 8.52
N ALA D 143 37.59 -6.36 7.63
CA ALA D 143 37.61 -7.08 6.33
C ALA D 143 38.86 -6.71 5.55
N GLN D 144 39.16 -5.44 5.44
CA GLN D 144 40.33 -4.99 4.67
C GLN D 144 41.61 -5.55 5.32
N GLU D 145 41.66 -5.54 6.64
CA GLU D 145 42.90 -5.98 7.33
C GLU D 145 43.13 -7.47 7.13
N SER D 146 42.10 -8.26 6.77
CA SER D 146 42.28 -9.72 6.54
C SER D 146 42.90 -9.98 5.16
N GLY D 147 43.01 -8.95 4.32
CA GLY D 147 43.48 -9.10 2.94
C GLY D 147 42.36 -9.33 1.96
N ALA D 148 41.11 -9.37 2.42
CA ALA D 148 39.99 -9.63 1.51
C ALA D 148 39.76 -8.43 0.59
N THR D 149 39.13 -8.65 -0.54
CA THR D 149 38.54 -7.58 -1.35
C THR D 149 37.17 -7.32 -0.74
N VAL D 150 36.90 -6.07 -0.38
CA VAL D 150 35.70 -5.67 0.37
C VAL D 150 34.87 -4.71 -0.46
N HIS D 151 33.57 -4.94 -0.45
CA HIS D 151 32.56 -4.07 -1.10
C HIS D 151 31.61 -3.53 -0.04
N MET D 152 31.36 -2.21 -0.08
CA MET D 152 30.35 -1.56 0.72
C MET D 152 29.14 -1.31 -0.17
N GLY D 153 27.96 -1.71 0.26
CA GLY D 153 26.81 -1.36 -0.55
C GLY D 153 25.50 -1.99 -0.09
N VAL D 154 24.53 -1.86 -0.96
CA VAL D 154 23.16 -2.25 -0.65
C VAL D 154 22.96 -3.76 -0.90
N THR D 155 22.23 -4.39 0.02
CA THR D 155 21.91 -5.83 -0.03
C THR D 155 20.38 -5.96 -0.19
N ALA D 156 19.92 -6.87 -1.04
CA ALA D 156 18.49 -7.23 -1.13
C ALA D 156 18.22 -8.36 -0.13
N SER D 157 17.30 -8.14 0.79
CA SER D 157 17.08 -9.04 1.93
C SER D 157 15.69 -9.64 1.81
N SER D 158 15.63 -10.92 1.45
CA SER D 158 14.42 -11.61 1.01
C SER D 158 13.91 -12.63 2.05
N ASP D 159 12.59 -12.68 2.24
CA ASP D 159 11.97 -13.72 3.08
C ASP D 159 11.97 -15.07 2.40
N THR D 160 12.36 -15.21 1.15
CA THR D 160 12.49 -16.50 0.50
C THR D 160 13.84 -16.66 -0.18
N PHE D 161 14.28 -17.88 -0.31
CA PHE D 161 15.48 -18.24 -1.04
C PHE D 161 15.19 -18.33 -2.52
N TYR D 162 13.95 -18.73 -2.85
CA TYR D 162 13.58 -19.10 -4.22
C TYR D 162 12.91 -17.94 -4.96
N PRO D 163 11.58 -17.73 -4.85
CA PRO D 163 10.99 -16.66 -5.71
C PRO D 163 11.49 -15.25 -5.40
N GLY D 164 11.75 -14.93 -4.15
CA GLY D 164 12.22 -13.60 -3.77
C GLY D 164 13.63 -13.31 -4.24
N GLN D 165 14.36 -14.32 -4.66
CA GLN D 165 15.69 -14.17 -5.31
C GLN D 165 15.57 -14.44 -6.80
N GLU D 166 14.35 -14.46 -7.32
CA GLU D 166 14.02 -14.67 -8.73
C GLU D 166 14.71 -15.93 -9.25
N ARG D 167 14.56 -17.03 -8.50
N ARG D 167 14.54 -17.03 -8.51
CA ARG D 167 14.96 -18.37 -8.97
CA ARG D 167 14.95 -18.36 -8.99
C ARG D 167 13.79 -19.03 -9.70
C ARG D 167 13.79 -19.03 -9.70
N TYR D 168 14.06 -19.54 -10.90
CA TYR D 168 13.03 -20.25 -11.72
C TYR D 168 13.25 -21.77 -11.72
N ASP D 169 14.38 -22.27 -11.22
CA ASP D 169 14.64 -23.73 -11.26
C ASP D 169 14.01 -24.38 -10.02
N THR D 170 12.71 -24.42 -10.00
CA THR D 170 11.90 -24.75 -8.83
C THR D 170 10.81 -25.73 -9.20
N PHE D 171 10.07 -26.17 -8.18
CA PHE D 171 8.96 -27.08 -8.37
C PHE D 171 7.93 -26.51 -9.37
N THR D 172 7.52 -25.26 -9.19
CA THR D 172 6.52 -24.70 -10.12
C THR D 172 7.14 -23.98 -11.31
N GLY D 173 8.39 -23.51 -11.16
CA GLY D 173 9.03 -22.70 -12.20
C GLY D 173 8.43 -21.30 -12.33
N ARG D 174 7.54 -20.94 -11.47
CA ARG D 174 6.90 -19.61 -11.54
CA ARG D 174 6.91 -19.62 -11.55
C ARG D 174 7.45 -18.63 -10.36
N VAL D 175 7.45 -17.37 -10.74
CA VAL D 175 7.75 -16.31 -9.80
C VAL D 175 6.60 -15.32 -9.82
N VAL D 176 6.07 -14.99 -8.67
CA VAL D 176 4.93 -14.08 -8.53
C VAL D 176 5.28 -12.74 -9.20
N ARG D 177 4.25 -12.07 -9.72
CA ARG D 177 4.39 -10.78 -10.44
CA ARG D 177 4.43 -10.81 -10.46
C ARG D 177 5.36 -9.82 -9.74
N ARG D 178 5.18 -9.61 -8.45
CA ARG D 178 6.03 -8.67 -7.67
C ARG D 178 7.53 -8.93 -7.95
N PHE D 179 7.95 -10.17 -8.10
CA PHE D 179 9.37 -10.49 -8.17
C PHE D 179 9.81 -10.77 -9.61
N GLN D 180 8.91 -10.80 -10.60
CA GLN D 180 9.34 -11.00 -11.97
C GLN D 180 10.18 -9.80 -12.41
N GLY D 181 11.35 -10.05 -12.96
CA GLY D 181 12.25 -8.98 -13.41
C GLY D 181 13.01 -8.35 -12.28
N SER D 182 12.82 -8.78 -11.03
CA SER D 182 13.42 -8.08 -9.87
C SER D 182 14.93 -8.20 -9.83
N MET D 183 15.55 -9.32 -10.18
N MET D 183 15.50 -9.32 -10.25
CA MET D 183 17.03 -9.38 -10.04
CA MET D 183 16.99 -9.48 -10.29
C MET D 183 17.69 -8.35 -10.97
C MET D 183 17.61 -8.30 -11.07
N LYS D 184 17.18 -8.23 -12.20
N LYS D 184 17.18 -8.12 -12.31
CA LYS D 184 17.69 -7.25 -13.15
CA LYS D 184 17.75 -7.07 -13.16
C LYS D 184 17.48 -5.84 -12.58
C LYS D 184 17.44 -5.70 -12.54
N GLU D 185 16.33 -5.59 -11.98
N GLU D 185 16.26 -5.50 -12.00
CA GLU D 185 16.03 -4.28 -11.36
CA GLU D 185 15.91 -4.23 -11.32
CA GLU D 185 16.06 -4.21 -11.82
C GLU D 185 17.08 -3.97 -10.31
C GLU D 185 17.00 -3.94 -10.27
N TRP D 186 17.30 -4.90 -9.38
CA TRP D 186 18.29 -4.65 -8.33
C TRP D 186 19.69 -4.47 -8.91
N GLN D 187 20.04 -5.27 -9.92
CA GLN D 187 21.35 -5.17 -10.54
C GLN D 187 21.54 -3.76 -11.11
N ASP D 188 20.55 -3.26 -11.81
CA ASP D 188 20.64 -1.95 -12.41
C ASP D 188 20.69 -0.85 -11.35
N MET D 189 20.12 -1.07 -10.15
CA MET D 189 20.17 -0.10 -9.04
C MET D 189 21.46 -0.23 -8.23
N GLY D 190 22.36 -1.11 -8.64
CA GLY D 190 23.64 -1.24 -7.95
C GLY D 190 23.63 -2.12 -6.73
N VAL D 191 22.56 -2.84 -6.47
CA VAL D 191 22.53 -3.79 -5.34
C VAL D 191 23.58 -4.88 -5.52
N LEU D 192 24.28 -5.24 -4.44
CA LEU D 192 25.40 -6.16 -4.54
C LEU D 192 25.03 -7.62 -4.47
N ASN D 193 24.02 -7.94 -3.67
CA ASN D 193 23.90 -9.33 -3.21
C ASN D 193 22.51 -9.57 -2.61
N PHE D 194 22.16 -10.82 -2.50
CA PHE D 194 20.96 -11.32 -1.79
C PHE D 194 21.34 -12.00 -0.50
N GLU D 195 20.52 -11.82 0.55
CA GLU D 195 20.52 -12.71 1.70
C GLU D 195 19.13 -12.66 2.33
N MET D 196 18.94 -13.15 3.56
CA MET D 196 17.59 -13.36 4.08
C MET D 196 17.35 -12.79 5.47
N GLU D 197 18.27 -12.05 6.06
CA GLU D 197 18.09 -11.60 7.45
C GLU D 197 18.39 -10.13 7.70
N SER D 198 19.17 -9.45 6.84
CA SER D 198 19.68 -8.13 7.19
C SER D 198 18.55 -7.11 7.30
N ALA D 199 17.51 -7.20 6.45
CA ALA D 199 16.44 -6.19 6.55
C ALA D 199 15.83 -6.26 7.93
N THR D 200 15.54 -7.46 8.42
CA THR D 200 14.91 -7.57 9.72
C THR D 200 15.86 -7.09 10.80
N LEU D 201 17.10 -7.59 10.75
CA LEU D 201 18.09 -7.27 11.83
C LEU D 201 18.31 -5.75 11.89
N LEU D 202 18.61 -5.17 10.73
CA LEU D 202 19.02 -3.76 10.71
C LEU D 202 17.84 -2.86 11.08
N THR D 203 16.64 -3.18 10.60
CA THR D 203 15.49 -2.34 10.92
C THR D 203 15.15 -2.43 12.39
N MET D 204 15.09 -3.66 12.93
N MET D 204 15.08 -3.67 12.88
CA MET D 204 14.72 -3.84 14.34
CA MET D 204 14.82 -3.96 14.28
C MET D 204 15.76 -3.12 15.21
C MET D 204 15.76 -3.12 15.16
N CYS D 205 17.06 -3.23 14.91
CA CYS D 205 18.04 -2.63 15.79
C CYS D 205 18.04 -1.10 15.66
N ALA D 206 18.02 -0.61 14.41
CA ALA D 206 18.08 0.85 14.19
C ALA D 206 16.88 1.58 14.80
N SER D 207 15.76 0.90 14.99
CA SER D 207 14.51 1.49 15.53
C SER D 207 14.33 1.15 17.01
N SER D 208 15.33 0.47 17.64
CA SER D 208 15.19 -0.04 19.02
C SER D 208 16.38 0.31 19.89
N GLY D 209 17.29 1.20 19.46
CA GLY D 209 18.42 1.58 20.31
C GLY D 209 19.46 0.50 20.38
N LEU D 210 19.61 -0.34 19.36
CA LEU D 210 20.63 -1.41 19.36
C LEU D 210 21.55 -1.15 18.17
N LYS D 211 22.85 -1.50 18.31
N LYS D 211 22.84 -1.44 18.34
CA LYS D 211 23.86 -1.27 17.26
CA LYS D 211 23.82 -1.31 17.25
C LYS D 211 24.04 -2.58 16.47
C LYS D 211 23.84 -2.63 16.49
N ALA D 212 23.82 -2.57 15.16
CA ALA D 212 23.91 -3.79 14.37
C ALA D 212 24.69 -3.54 13.09
N GLY D 213 25.25 -4.61 12.52
CA GLY D 213 25.78 -4.59 11.18
C GLY D 213 25.88 -5.98 10.64
N CYS D 214 26.13 -6.10 9.36
N CYS D 214 26.12 -6.12 9.35
CA CYS D 214 26.23 -7.38 8.64
CA CYS D 214 26.19 -7.43 8.65
C CYS D 214 27.47 -7.40 7.76
C CYS D 214 27.38 -7.46 7.68
N VAL D 215 28.21 -8.49 7.82
CA VAL D 215 29.33 -8.75 6.92
C VAL D 215 29.17 -10.17 6.39
N ALA D 216 29.48 -10.37 5.12
CA ALA D 216 29.28 -11.68 4.49
C ALA D 216 30.36 -12.02 3.48
N GLY D 217 30.71 -13.29 3.44
CA GLY D 217 31.49 -13.84 2.36
C GLY D 217 30.68 -14.25 1.19
N VAL D 218 31.17 -13.95 0.01
CA VAL D 218 30.46 -14.26 -1.24
C VAL D 218 30.74 -15.71 -1.63
N ILE D 219 29.70 -16.55 -1.70
CA ILE D 219 29.82 -18.00 -1.98
C ILE D 219 29.39 -18.36 -3.38
N ILE D 220 28.69 -17.48 -4.04
CA ILE D 220 28.27 -17.73 -5.43
C ILE D 220 28.01 -16.36 -6.06
N ASN D 221 28.12 -16.33 -7.37
CA ASN D 221 27.74 -15.15 -8.13
C ASN D 221 26.71 -15.59 -9.16
N ARG D 222 25.50 -15.04 -9.08
CA ARG D 222 24.34 -15.40 -9.95
C ARG D 222 24.68 -15.11 -11.42
N THR D 223 25.70 -14.32 -11.73
CA THR D 223 26.00 -13.93 -13.11
C THR D 223 27.15 -14.74 -13.71
N GLN D 224 27.82 -15.56 -12.91
CA GLN D 224 29.01 -16.36 -13.34
C GLN D 224 28.65 -17.84 -13.44
N LYS D 225 28.87 -18.46 -14.59
CA LYS D 225 28.51 -19.87 -14.87
C LYS D 225 29.49 -20.80 -14.14
N GLU D 226 30.70 -20.32 -13.93
CA GLU D 226 31.80 -21.11 -13.32
C GLU D 226 31.39 -21.58 -11.91
N ILE D 227 31.70 -22.82 -11.58
CA ILE D 227 31.45 -23.37 -10.22
C ILE D 227 32.64 -23.04 -9.32
N PRO D 228 32.46 -22.34 -8.17
CA PRO D 228 33.58 -22.12 -7.25
C PRO D 228 34.14 -23.46 -6.73
N ASP D 229 35.46 -23.53 -6.52
CA ASP D 229 36.09 -24.76 -5.98
C ASP D 229 35.95 -24.80 -4.46
N HIS D 230 36.09 -26.02 -3.93
CA HIS D 230 35.93 -26.39 -2.50
C HIS D 230 36.87 -25.51 -1.67
N ALA D 231 38.12 -25.40 -2.13
CA ALA D 231 39.22 -24.69 -1.43
C ALA D 231 38.81 -23.26 -1.16
N THR D 232 38.41 -22.56 -2.22
CA THR D 232 37.99 -21.13 -2.16
C THR D 232 36.86 -20.97 -1.16
N LEU D 233 35.86 -21.85 -1.19
CA LEU D 233 34.72 -21.78 -0.26
C LEU D 233 35.20 -21.95 1.19
N LYS D 234 36.03 -22.98 1.44
CA LYS D 234 36.50 -23.24 2.81
C LYS D 234 37.31 -22.04 3.33
N GLU D 235 38.10 -21.44 2.46
N GLU D 235 38.10 -21.44 2.47
CA GLU D 235 38.93 -20.27 2.83
CA GLU D 235 38.96 -20.28 2.83
C GLU D 235 38.04 -19.12 3.17
C GLU D 235 38.05 -19.11 3.16
N THR D 236 36.98 -18.97 2.38
CA THR D 236 36.01 -17.86 2.53
C THR D 236 35.30 -17.97 3.88
N GLU D 237 34.84 -19.17 4.24
N GLU D 237 34.83 -19.17 4.24
CA GLU D 237 34.13 -19.37 5.52
CA GLU D 237 34.09 -19.32 5.52
C GLU D 237 35.07 -19.01 6.67
C GLU D 237 35.07 -19.01 6.69
N ALA D 238 36.32 -19.48 6.62
CA ALA D 238 37.30 -19.24 7.72
C ALA D 238 37.59 -17.75 7.84
N ARG D 239 37.77 -17.08 6.72
CA ARG D 239 38.14 -15.65 6.77
C ARG D 239 36.96 -14.84 7.31
N SER D 240 35.72 -15.20 6.97
CA SER D 240 34.54 -14.45 7.45
CA SER D 240 34.54 -14.42 7.43
C SER D 240 34.46 -14.40 8.96
N ILE D 241 34.69 -15.53 9.61
CA ILE D 241 34.55 -15.55 11.08
C ILE D 241 35.77 -14.92 11.73
N LYS D 242 36.97 -15.00 11.11
CA LYS D 242 38.12 -14.21 11.61
C LYS D 242 37.74 -12.72 11.56
N VAL D 243 37.18 -12.28 10.44
CA VAL D 243 36.80 -10.87 10.24
C VAL D 243 35.77 -10.45 11.30
N VAL D 244 34.73 -11.25 11.56
CA VAL D 244 33.69 -10.72 12.47
C VAL D 244 34.27 -10.63 13.88
N VAL D 245 35.19 -11.52 14.26
CA VAL D 245 35.78 -11.43 15.60
C VAL D 245 36.66 -10.19 15.72
N GLU D 246 37.38 -9.89 14.68
CA GLU D 246 38.22 -8.67 14.67
C GLU D 246 37.31 -7.43 14.68
N ALA D 247 36.19 -7.46 13.97
CA ALA D 247 35.24 -6.33 14.07
C ALA D 247 34.74 -6.19 15.50
N ALA D 248 34.40 -7.29 16.15
CA ALA D 248 33.98 -7.21 17.57
C ALA D 248 35.06 -6.59 18.43
N ARG D 249 36.33 -6.99 18.21
N ARG D 249 36.32 -6.98 18.19
CA ARG D 249 37.46 -6.37 18.97
CA ARG D 249 37.42 -6.38 18.97
C ARG D 249 37.41 -4.85 18.82
C ARG D 249 37.43 -4.85 18.81
N LYS D 250 37.17 -4.37 17.60
CA LYS D 250 37.16 -2.90 17.34
C LYS D 250 36.00 -2.23 18.05
N MET D 251 34.90 -2.91 18.20
CA MET D 251 33.72 -2.37 18.88
C MET D 251 33.91 -2.30 20.39
N LEU D 252 34.73 -3.14 20.98
CA LEU D 252 34.83 -3.24 22.43
C LEU D 252 35.86 -2.25 22.95
N LYS D 253 36.67 -1.64 22.10
CA LYS D 253 37.76 -0.72 22.55
C LYS D 253 38.21 -0.04 21.28
N LYS E 3 27.09 20.22 -22.61
N LYS E 3 24.01 20.58 -25.99
CA LYS E 3 25.87 19.64 -23.31
CA LYS E 3 24.03 19.91 -24.66
C LYS E 3 24.72 20.63 -23.14
C LYS E 3 24.05 20.99 -23.55
N THR E 4 23.48 20.28 -23.54
N THR E 4 23.02 21.87 -23.53
CA THR E 4 22.27 21.08 -23.16
CA THR E 4 22.65 22.76 -22.38
C THR E 4 21.54 20.39 -22.01
C THR E 4 21.41 22.20 -21.69
N VAL E 5 20.98 21.16 -21.09
N VAL E 5 21.48 21.95 -20.40
CA VAL E 5 20.07 20.67 -20.02
CA VAL E 5 20.40 21.17 -19.73
C VAL E 5 18.87 21.62 -19.95
C VAL E 5 19.15 22.04 -19.60
N PHE E 6 17.82 21.27 -19.24
N PHE E 6 18.00 21.38 -19.45
CA PHE E 6 16.57 22.00 -19.46
CA PHE E 6 16.65 22.00 -19.48
C PHE E 6 16.27 23.07 -18.39
C PHE E 6 16.63 23.21 -18.53
N HIS E 7 16.93 23.01 -17.25
CA HIS E 7 16.65 23.97 -16.16
C HIS E 7 17.91 24.73 -15.73
N LEU E 8 19.09 24.10 -15.60
CA LEU E 8 20.21 24.74 -14.87
C LEU E 8 20.92 25.78 -15.72
N GLY E 9 20.80 25.81 -17.03
CA GLY E 9 21.38 26.93 -17.80
C GLY E 9 22.90 26.84 -17.97
N VAL E 10 23.46 25.68 -17.78
CA VAL E 10 24.91 25.50 -17.92
C VAL E 10 25.19 24.34 -18.86
N THR E 11 26.41 24.31 -19.36
CA THR E 11 26.92 23.24 -20.25
C THR E 11 27.99 22.43 -19.54
N GLU E 12 28.35 21.30 -20.12
CA GLU E 12 29.44 20.48 -19.60
C GLU E 12 30.73 21.33 -19.56
N ALA E 13 31.02 22.07 -20.63
CA ALA E 13 32.22 22.92 -20.70
C ALA E 13 32.26 23.94 -19.55
N ASP E 14 31.12 24.47 -19.13
CA ASP E 14 31.08 25.47 -18.06
C ASP E 14 31.66 24.90 -16.77
N LEU E 15 31.56 23.57 -16.54
CA LEU E 15 31.94 22.98 -15.25
C LEU E 15 33.45 22.68 -15.20
N ASN E 16 34.18 22.87 -16.32
CA ASN E 16 35.63 22.74 -16.35
C ASN E 16 36.04 21.42 -15.72
N GLY E 17 35.37 20.33 -16.05
CA GLY E 17 35.77 18.98 -15.66
C GLY E 17 35.28 18.59 -14.27
N ALA E 18 34.47 19.38 -13.61
CA ALA E 18 34.04 19.05 -12.22
C ALA E 18 33.27 17.71 -12.24
N THR E 19 33.57 16.87 -11.26
CA THR E 19 32.78 15.66 -11.04
C THR E 19 32.13 15.61 -9.67
N LEU E 20 32.27 16.68 -8.93
CA LEU E 20 31.71 16.80 -7.58
C LEU E 20 30.95 18.10 -7.48
N ALA E 21 29.77 18.03 -6.85
CA ALA E 21 28.93 19.20 -6.58
C ALA E 21 28.59 19.27 -5.10
N ILE E 22 28.57 20.49 -4.58
CA ILE E 22 27.98 20.82 -3.28
C ILE E 22 26.63 21.43 -3.57
N ILE E 23 25.58 20.93 -2.93
CA ILE E 23 24.21 21.25 -3.30
C ILE E 23 23.43 21.73 -2.06
N PRO E 24 23.56 23.05 -1.71
CA PRO E 24 22.70 23.62 -0.68
C PRO E 24 21.28 23.83 -1.23
N GLY E 25 20.34 24.11 -0.34
CA GLY E 25 18.99 24.45 -0.79
C GLY E 25 18.80 25.86 -1.24
N ASP E 26 19.35 26.80 -0.50
CA ASP E 26 19.06 28.24 -0.73
C ASP E 26 19.98 28.79 -1.82
N PRO E 27 19.41 29.32 -2.92
CA PRO E 27 20.27 29.98 -3.94
C PRO E 27 21.22 31.05 -3.39
N ALA E 28 20.84 31.76 -2.35
CA ALA E 28 21.67 32.84 -1.80
C ALA E 28 22.91 32.28 -1.11
N ARG E 29 22.95 31.00 -0.78
CA ARG E 29 24.12 30.41 -0.09
C ARG E 29 25.18 29.90 -1.05
N VAL E 30 24.87 29.84 -2.33
CA VAL E 30 25.77 29.24 -3.34
C VAL E 30 27.06 30.07 -3.41
N GLN E 31 26.93 31.40 -3.56
CA GLN E 31 28.15 32.23 -3.68
C GLN E 31 28.98 32.14 -2.40
N LYS E 32 28.33 32.07 -1.23
CA LYS E 32 29.04 31.95 0.07
CA LYS E 32 29.05 31.96 0.05
C LYS E 32 29.90 30.69 0.10
N ILE E 33 29.38 29.58 -0.34
CA ILE E 33 30.14 28.33 -0.34
C ILE E 33 31.23 28.43 -1.39
N ALA E 34 30.93 28.91 -2.58
CA ALA E 34 31.93 29.00 -3.66
C ALA E 34 33.10 29.86 -3.19
N GLU E 35 32.85 30.95 -2.47
CA GLU E 35 33.92 31.85 -2.00
C GLU E 35 34.75 31.27 -0.89
N LEU E 36 34.40 30.09 -0.34
CA LEU E 36 35.32 29.41 0.57
C LEU E 36 36.42 28.69 -0.20
N MET E 37 36.29 28.53 -1.50
CA MET E 37 37.27 27.85 -2.37
C MET E 37 37.98 28.89 -3.26
N ASP E 38 38.80 28.41 -4.19
CA ASP E 38 39.59 29.33 -5.03
C ASP E 38 38.84 29.64 -6.34
N ASN E 39 39.06 30.82 -6.85
CA ASN E 39 38.59 31.17 -8.19
C ASN E 39 37.09 30.88 -8.36
N PRO E 40 36.24 31.37 -7.45
CA PRO E 40 34.79 31.18 -7.64
C PRO E 40 34.30 31.99 -8.86
N VAL E 41 33.46 31.36 -9.66
CA VAL E 41 32.90 31.93 -10.91
C VAL E 41 31.39 31.69 -10.95
N PHE E 42 30.60 32.74 -11.11
CA PHE E 42 29.15 32.67 -11.28
C PHE E 42 28.90 32.14 -12.69
N LEU E 43 28.06 31.11 -12.78
CA LEU E 43 27.72 30.46 -14.06
C LEU E 43 26.31 30.85 -14.48
N ALA E 44 25.29 30.73 -13.65
CA ALA E 44 23.91 30.97 -14.10
C ALA E 44 23.00 31.06 -12.90
N SER E 45 21.88 31.73 -13.10
CA SER E 45 20.78 31.73 -12.12
C SER E 45 19.47 31.68 -12.89
N HIS E 46 18.66 30.69 -12.61
CA HIS E 46 17.29 30.56 -13.17
CA HIS E 46 17.30 30.49 -13.20
C HIS E 46 16.41 29.87 -12.12
N ARG E 47 15.26 30.44 -11.83
CA ARG E 47 14.36 29.86 -10.83
C ARG E 47 15.18 29.65 -9.53
N GLU E 48 15.01 28.54 -8.82
CA GLU E 48 15.69 28.29 -7.54
C GLU E 48 17.13 27.80 -7.77
N TYR E 49 17.67 27.78 -9.02
CA TYR E 49 18.96 27.17 -9.36
C TYR E 49 20.00 28.26 -9.66
N THR E 50 20.86 28.49 -8.68
CA THR E 50 22.07 29.34 -8.84
C THR E 50 23.26 28.39 -8.88
N VAL E 51 24.13 28.59 -9.86
CA VAL E 51 25.21 27.66 -10.17
C VAL E 51 26.52 28.46 -10.23
N TYR E 52 27.51 28.02 -9.48
CA TYR E 52 28.87 28.60 -9.46
C TYR E 52 29.83 27.46 -9.67
N ARG E 53 31.02 27.81 -10.09
N ARG E 53 31.03 27.81 -10.12
CA ARG E 53 32.12 26.85 -10.17
CA ARG E 53 32.13 26.84 -10.17
C ARG E 53 33.30 27.44 -9.36
C ARG E 53 33.31 27.43 -9.37
N ALA E 54 34.07 26.58 -8.71
CA ALA E 54 35.26 26.99 -7.97
C ALA E 54 36.30 25.90 -8.08
N GLU E 55 37.43 26.13 -7.45
CA GLU E 55 38.56 25.19 -7.47
C GLU E 55 39.00 24.85 -6.05
N LEU E 56 39.18 23.57 -5.82
CA LEU E 56 39.58 23.08 -4.50
C LEU E 56 40.78 22.18 -4.69
N ASP E 57 41.92 22.62 -4.13
CA ASP E 57 43.19 21.87 -4.33
C ASP E 57 43.40 21.69 -5.83
N GLY E 58 43.10 22.71 -6.62
CA GLY E 58 43.36 22.65 -8.06
C GLY E 58 42.32 21.92 -8.88
N GLN E 59 41.29 21.36 -8.27
CA GLN E 59 40.25 20.58 -8.96
C GLN E 59 38.95 21.40 -9.00
N SER E 60 38.27 21.34 -10.10
N SER E 60 38.34 21.39 -10.17
CA SER E 60 37.01 22.07 -10.27
CA SER E 60 37.07 22.09 -10.43
C SER E 60 35.88 21.43 -9.44
C SER E 60 35.93 21.39 -9.69
N VAL E 61 35.10 22.27 -8.78
N VAL E 61 35.19 22.16 -8.91
CA VAL E 61 33.94 21.86 -7.95
CA VAL E 61 33.94 21.69 -8.27
C VAL E 61 32.76 22.74 -8.32
C VAL E 61 32.80 22.61 -8.71
N VAL E 62 31.59 22.13 -8.47
N VAL E 62 31.58 22.17 -8.53
CA VAL E 62 30.35 22.88 -8.71
CA VAL E 62 30.41 23.02 -8.81
C VAL E 62 29.69 23.16 -7.37
C VAL E 62 29.60 23.13 -7.52
N VAL E 63 29.00 24.30 -7.32
CA VAL E 63 28.06 24.60 -6.23
C VAL E 63 26.74 24.95 -6.89
N CYS E 64 25.67 24.27 -6.56
CA CYS E 64 24.38 24.45 -7.23
C CYS E 64 23.28 24.34 -6.19
N SER E 65 22.42 25.34 -6.10
CA SER E 65 21.23 25.26 -5.23
C SER E 65 20.17 24.32 -5.79
N THR E 66 19.37 23.79 -4.88
CA THR E 66 18.33 22.78 -5.21
C THR E 66 16.91 23.32 -5.03
N GLY E 67 16.70 24.41 -4.32
CA GLY E 67 15.38 24.74 -3.82
C GLY E 67 14.96 23.83 -2.71
N ILE E 68 13.79 24.08 -2.15
CA ILE E 68 13.21 23.23 -1.10
C ILE E 68 12.51 22.05 -1.75
N GLY E 69 12.84 20.85 -1.26
CA GLY E 69 12.07 19.64 -1.57
C GLY E 69 12.69 18.73 -2.60
N GLY E 70 12.26 17.48 -2.57
CA GLY E 70 12.76 16.46 -3.48
C GLY E 70 12.53 16.79 -4.94
N PRO E 71 11.35 17.30 -5.37
CA PRO E 71 11.14 17.52 -6.80
C PRO E 71 12.17 18.47 -7.41
N SER E 72 12.40 19.63 -6.78
CA SER E 72 13.39 20.56 -7.38
C SER E 72 14.83 20.02 -7.26
N THR E 73 15.09 19.29 -6.15
CA THR E 73 16.38 18.63 -6.00
C THR E 73 16.64 17.60 -7.09
N SER E 74 15.62 16.79 -7.41
CA SER E 74 15.80 15.74 -8.38
C SER E 74 16.15 16.28 -9.74
N ILE E 75 15.60 17.45 -10.10
CA ILE E 75 15.98 18.06 -11.40
C ILE E 75 17.47 18.48 -11.38
N ALA E 76 17.93 19.12 -10.33
CA ALA E 76 19.31 19.59 -10.26
C ALA E 76 20.25 18.40 -10.34
N VAL E 77 19.99 17.34 -9.57
CA VAL E 77 20.89 16.18 -9.52
C VAL E 77 20.96 15.52 -10.92
N GLU E 78 19.82 15.32 -11.55
CA GLU E 78 19.76 14.68 -12.87
C GLU E 78 20.57 15.49 -13.87
N GLU E 79 20.37 16.83 -13.86
CA GLU E 79 20.98 17.63 -14.92
C GLU E 79 22.51 17.73 -14.66
N LEU E 80 22.90 17.88 -13.40
CA LEU E 80 24.35 17.81 -13.11
C LEU E 80 24.99 16.48 -13.51
N ALA E 81 24.27 15.38 -13.28
CA ALA E 81 24.78 14.06 -13.68
C ALA E 81 24.93 14.01 -15.20
N GLN E 82 23.96 14.56 -15.94
CA GLN E 82 24.08 14.66 -17.41
C GLN E 82 25.35 15.37 -17.82
N LEU E 83 25.84 16.31 -16.99
CA LEU E 83 27.02 17.11 -17.29
C LEU E 83 28.27 16.55 -16.66
N GLY E 84 28.22 15.35 -16.12
CA GLY E 84 29.38 14.60 -15.65
C GLY E 84 29.57 14.56 -14.17
N VAL E 85 28.70 15.20 -13.40
CA VAL E 85 28.88 15.19 -11.94
C VAL E 85 28.51 13.80 -11.40
N ARG E 86 29.33 13.25 -10.53
CA ARG E 86 29.11 11.90 -9.96
C ARG E 86 29.00 11.87 -8.45
N THR E 87 29.39 12.91 -7.75
CA THR E 87 29.39 12.97 -6.28
C THR E 87 28.65 14.21 -5.85
N PHE E 88 27.73 14.09 -4.91
CA PHE E 88 26.81 15.15 -4.49
C PHE E 88 26.84 15.29 -2.99
N LEU E 89 27.30 16.40 -2.48
CA LEU E 89 27.34 16.69 -1.09
C LEU E 89 26.32 17.70 -0.68
N ARG E 90 25.35 17.24 0.04
CA ARG E 90 24.32 18.13 0.57
C ARG E 90 24.69 18.71 1.92
N VAL E 91 24.56 20.02 2.03
CA VAL E 91 24.74 20.78 3.24
C VAL E 91 23.49 21.58 3.56
N GLY E 92 23.05 21.55 4.80
N GLY E 92 23.19 21.76 4.83
CA GLY E 92 21.74 22.13 5.10
CA GLY E 92 22.18 22.73 5.27
C GLY E 92 21.53 22.46 6.55
C GLY E 92 22.24 22.90 6.76
N THR E 93 20.30 22.84 6.85
N THR E 93 21.18 23.48 7.32
CA THR E 93 19.87 23.06 8.21
CA THR E 93 20.94 23.50 8.78
C THR E 93 18.82 21.98 8.54
C THR E 93 19.54 22.91 9.06
N THR E 94 18.55 21.81 9.82
N THR E 94 19.36 22.37 10.24
CA THR E 94 17.68 20.71 10.28
CA THR E 94 18.21 21.48 10.56
C THR E 94 17.08 21.02 11.64
C THR E 94 17.70 21.66 12.00
N GLY E 95 15.90 20.42 11.94
N GLY E 95 16.45 21.24 12.19
CA GLY E 95 15.29 20.51 13.27
CA GLY E 95 15.86 20.93 13.50
C GLY E 95 15.53 19.24 14.06
C GLY E 95 15.92 19.46 13.92
N ALA E 96 16.28 19.31 15.18
CA ALA E 96 16.49 18.04 15.90
C ALA E 96 15.23 17.72 16.70
N ILE E 97 15.05 16.43 16.90
CA ILE E 97 13.88 15.92 17.68
C ILE E 97 14.32 15.12 18.88
N GLN E 98 15.62 14.97 19.12
CA GLN E 98 16.08 14.23 20.30
C GLN E 98 16.61 15.21 21.33
N PRO E 99 16.29 15.04 22.61
CA PRO E 99 16.76 16.00 23.63
C PRO E 99 18.27 16.10 23.76
N HIS E 100 18.99 15.04 23.41
CA HIS E 100 20.46 15.05 23.61
C HIS E 100 21.20 15.81 22.53
N VAL E 101 20.52 16.22 21.46
CA VAL E 101 21.11 16.90 20.30
C VAL E 101 20.94 18.39 20.51
N ASN E 102 22.04 19.11 20.52
CA ASN E 102 21.95 20.55 20.82
C ASN E 102 22.03 21.42 19.58
N VAL E 103 21.37 22.56 19.60
CA VAL E 103 21.56 23.62 18.58
C VAL E 103 23.08 23.81 18.42
N GLY E 104 23.58 23.83 17.20
CA GLY E 104 25.01 23.97 16.93
C GLY E 104 25.72 22.65 16.68
N ASP E 105 25.14 21.53 17.10
CA ASP E 105 25.69 20.20 16.75
C ASP E 105 25.54 20.00 15.24
N MET E 106 26.25 19.00 14.71
N MET E 106 26.18 18.97 14.74
CA MET E 106 26.16 18.57 13.30
CA MET E 106 26.03 18.58 13.36
C MET E 106 25.60 17.15 13.24
C MET E 106 25.56 17.15 13.27
N ILE E 107 24.76 16.90 12.25
CA ILE E 107 24.22 15.56 11.97
C ILE E 107 24.67 15.11 10.60
N VAL E 108 25.22 13.89 10.51
CA VAL E 108 25.51 13.24 9.23
C VAL E 108 24.49 12.10 9.10
N THR E 109 23.68 12.15 8.06
CA THR E 109 22.59 11.17 7.87
C THR E 109 23.15 9.82 7.47
N THR E 110 22.80 8.74 8.19
CA THR E 110 23.19 7.36 7.82
C THR E 110 22.07 6.66 7.05
N GLY E 111 20.88 7.23 7.08
CA GLY E 111 19.72 6.74 6.33
C GLY E 111 18.54 7.66 6.56
N SER E 112 17.64 7.73 5.60
CA SER E 112 16.47 8.60 5.71
C SER E 112 15.16 7.82 5.73
N VAL E 113 14.27 8.27 6.60
CA VAL E 113 12.86 7.86 6.57
C VAL E 113 12.24 8.55 5.37
N ARG E 114 11.69 7.76 4.45
CA ARG E 114 11.22 8.24 3.16
C ARG E 114 9.79 8.74 3.32
N LEU E 115 9.62 9.96 3.81
CA LEU E 115 8.32 10.62 3.93
C LEU E 115 8.11 11.61 2.77
N ASP E 116 8.63 11.23 1.60
CA ASP E 116 8.62 12.05 0.39
C ASP E 116 7.84 11.28 -0.68
N GLY E 117 7.77 11.86 -1.84
CA GLY E 117 7.24 11.20 -3.00
C GLY E 117 8.26 10.95 -4.05
N ALA E 118 9.24 11.83 -4.25
CA ALA E 118 10.13 11.70 -5.42
C ALA E 118 11.03 10.47 -5.31
N SER E 119 11.36 10.02 -4.09
CA SER E 119 12.22 8.83 -3.95
C SER E 119 11.57 7.62 -4.69
N LEU E 120 10.24 7.52 -4.66
CA LEU E 120 9.46 6.44 -5.31
C LEU E 120 9.53 6.50 -6.81
N HIS E 121 9.98 7.62 -7.36
CA HIS E 121 10.14 7.75 -8.81
C HIS E 121 11.50 7.15 -9.27
N PHE E 122 12.31 6.70 -8.31
CA PHE E 122 13.61 6.07 -8.57
C PHE E 122 13.70 4.61 -8.05
N ALA E 123 13.04 4.32 -6.94
CA ALA E 123 13.13 2.99 -6.37
C ALA E 123 11.89 2.77 -5.53
N PRO E 124 11.40 1.51 -5.47
CA PRO E 124 10.24 1.23 -4.62
C PRO E 124 10.58 1.43 -3.16
N MET E 125 9.56 1.54 -2.31
CA MET E 125 9.73 1.98 -0.92
C MET E 125 10.69 1.06 -0.14
N GLU E 126 10.78 -0.22 -0.48
N GLU E 126 10.76 -0.23 -0.50
CA GLU E 126 11.64 -1.15 0.27
CA GLU E 126 11.64 -1.20 0.18
C GLU E 126 13.11 -0.78 0.13
C GLU E 126 13.10 -0.79 0.11
N PHE E 127 13.47 -0.01 -0.89
CA PHE E 127 14.89 0.32 -1.12
C PHE E 127 15.34 1.32 -0.06
N PRO E 128 16.56 1.20 0.49
CA PRO E 128 16.97 2.08 1.56
C PRO E 128 17.46 3.43 1.00
N ALA E 129 17.03 4.50 1.68
CA ALA E 129 17.55 5.86 1.37
C ALA E 129 18.86 6.04 2.18
N VAL E 130 19.94 5.45 1.68
N VAL E 130 19.93 5.62 1.54
CA VAL E 130 21.23 5.49 2.40
CA VAL E 130 21.24 5.34 2.17
C VAL E 130 22.26 6.22 1.57
C VAL E 130 22.30 6.23 1.50
N PRO E 131 23.22 6.89 2.26
CA PRO E 131 24.29 7.59 1.60
C PRO E 131 25.36 6.63 1.11
N ASP E 132 26.19 7.17 0.23
CA ASP E 132 27.46 6.52 -0.10
C ASP E 132 28.34 6.48 1.13
N PHE E 133 28.97 5.32 1.39
CA PHE E 133 29.78 5.15 2.61
C PHE E 133 30.98 6.09 2.62
N ASP E 134 31.62 6.27 1.50
CA ASP E 134 32.80 7.19 1.45
C ASP E 134 32.34 8.61 1.77
N VAL E 135 31.25 9.06 1.17
CA VAL E 135 30.78 10.43 1.49
C VAL E 135 30.43 10.58 2.94
N ALA E 136 29.64 9.64 3.49
CA ALA E 136 29.30 9.72 4.91
C ALA E 136 30.57 9.75 5.80
N THR E 137 31.55 8.91 5.46
CA THR E 137 32.83 8.86 6.21
C THR E 137 33.58 10.20 6.12
N ALA E 138 33.60 10.78 4.95
CA ALA E 138 34.25 12.10 4.74
C ALA E 138 33.55 13.17 5.52
N MET E 139 32.22 13.16 5.49
N MET E 139 32.22 13.14 5.49
CA MET E 139 31.45 14.17 6.22
CA MET E 139 31.37 14.13 6.20
C MET E 139 31.68 14.04 7.73
C MET E 139 31.64 14.03 7.70
N LYS E 140 31.66 12.81 8.25
CA LYS E 140 31.90 12.63 9.70
C LYS E 140 33.29 13.18 10.05
N ALA E 141 34.29 12.85 9.26
CA ALA E 141 35.68 13.25 9.53
C ALA E 141 35.77 14.77 9.49
N ALA E 142 35.19 15.42 8.49
CA ALA E 142 35.26 16.88 8.38
C ALA E 142 34.55 17.52 9.56
N ALA E 143 33.38 16.99 9.91
CA ALA E 143 32.60 17.56 11.00
C ALA E 143 33.36 17.42 12.31
N GLN E 144 33.91 16.22 12.58
CA GLN E 144 34.63 16.01 13.86
C GLN E 144 35.91 16.88 13.89
N GLU E 145 36.61 16.97 12.76
CA GLU E 145 37.87 17.75 12.76
C GLU E 145 37.59 19.22 13.02
N SER E 146 36.40 19.70 12.68
CA SER E 146 36.05 21.09 12.96
C SER E 146 35.89 21.40 14.43
N GLY E 147 35.83 20.38 15.31
CA GLY E 147 35.56 20.60 16.75
C GLY E 147 34.08 20.51 17.10
N ALA E 148 33.21 20.30 16.14
CA ALA E 148 31.77 20.19 16.37
C ALA E 148 31.47 18.89 17.10
N THR E 149 30.34 18.86 17.77
CA THR E 149 29.77 17.61 18.32
C THR E 149 28.93 17.02 17.18
N VAL E 150 29.19 15.80 16.81
CA VAL E 150 28.68 15.16 15.58
C VAL E 150 27.84 13.94 15.93
N HIS E 151 26.68 13.83 15.34
CA HIS E 151 25.77 12.69 15.51
C HIS E 151 25.60 12.02 14.17
N MET E 152 25.75 10.70 14.12
CA MET E 152 25.47 9.86 12.98
C MET E 152 24.14 9.20 13.22
N GLY E 153 23.22 9.30 12.28
CA GLY E 153 21.93 8.57 12.52
C GLY E 153 20.90 8.88 11.46
N VAL E 154 19.68 8.43 11.77
CA VAL E 154 18.57 8.44 10.82
C VAL E 154 17.89 9.78 10.86
N THR E 155 17.52 10.25 9.66
CA THR E 155 16.85 11.55 9.46
C THR E 155 15.45 11.26 8.86
N ALA E 156 14.41 11.91 9.35
CA ALA E 156 13.07 11.81 8.76
C ALA E 156 12.95 12.91 7.68
N SER E 157 12.67 12.52 6.44
CA SER E 157 12.74 13.43 5.25
C SER E 157 11.35 13.56 4.66
N SER E 158 10.75 14.73 4.92
CA SER E 158 9.35 15.03 4.69
C SER E 158 9.11 15.91 3.48
N ASP E 159 8.08 15.61 2.69
CA ASP E 159 7.61 16.48 1.61
C ASP E 159 6.91 17.72 2.11
N THR E 160 6.68 17.87 3.40
CA THR E 160 6.11 19.11 3.93
C THR E 160 6.90 19.59 5.14
N PHE E 161 6.88 20.88 5.36
CA PHE E 161 7.44 21.49 6.56
C PHE E 161 6.48 21.40 7.73
N TYR E 162 5.16 21.42 7.42
CA TYR E 162 4.11 21.57 8.43
C TYR E 162 3.54 20.20 8.86
N PRO E 163 2.53 19.62 8.19
CA PRO E 163 1.92 18.42 8.78
C PRO E 163 2.89 17.22 8.81
N GLY E 164 3.76 17.08 7.82
CA GLY E 164 4.69 15.93 7.83
C GLY E 164 5.76 16.03 8.89
N GLN E 165 5.95 17.19 9.50
CA GLN E 165 6.79 17.33 10.71
C GLN E 165 5.93 17.44 11.95
N GLU E 166 4.65 17.06 11.83
CA GLU E 166 3.68 17.12 12.91
C GLU E 166 3.64 18.50 13.58
N ARG E 167 3.59 19.56 12.77
N ARG E 167 3.58 19.55 12.77
CA ARG E 167 3.32 20.91 13.30
CA ARG E 167 3.32 20.90 13.32
C ARG E 167 1.82 21.19 13.33
C ARG E 167 1.82 21.19 13.34
N TYR E 168 1.34 21.67 14.47
CA TYR E 168 -0.07 22.02 14.66
C TYR E 168 -0.27 23.51 14.63
N ASP E 169 0.77 24.33 14.69
CA ASP E 169 0.58 25.80 14.71
C ASP E 169 0.45 26.32 13.26
N THR E 170 -0.68 25.97 12.63
CA THR E 170 -0.95 26.12 11.22
C THR E 170 -2.31 26.78 11.03
N PHE E 171 -2.64 27.10 9.81
CA PHE E 171 -3.94 27.68 9.47
C PHE E 171 -5.09 26.79 9.98
N THR E 172 -5.04 25.49 9.69
CA THR E 172 -6.15 24.61 10.12
C THR E 172 -5.91 23.98 11.46
N GLY E 173 -4.66 23.83 11.85
CA GLY E 173 -4.33 23.11 13.07
C GLY E 173 -4.57 21.61 12.94
N ARG E 174 -4.82 21.08 11.74
CA ARG E 174 -5.11 19.67 11.52
C ARG E 174 -3.87 18.98 11.03
N VAL E 175 -3.65 17.73 11.49
CA VAL E 175 -2.66 16.82 10.92
C VAL E 175 -3.38 15.53 10.53
N VAL E 176 -3.23 15.18 9.28
CA VAL E 176 -3.82 13.93 8.72
C VAL E 176 -3.44 12.73 9.57
N ARG E 177 -4.30 11.71 9.57
CA ARG E 177 -4.08 10.49 10.39
C ARG E 177 -2.65 9.93 10.27
N ARG E 178 -2.13 9.80 9.07
CA ARG E 178 -0.79 9.20 8.84
C ARG E 178 0.27 9.87 9.74
N PHE E 179 0.16 11.16 9.92
CA PHE E 179 1.19 11.97 10.65
C PHE E 179 0.83 12.25 12.08
N GLN E 180 -0.42 12.03 12.49
N GLN E 180 -0.41 11.98 12.50
CA GLN E 180 -0.78 12.19 13.90
CA GLN E 180 -0.80 12.23 13.91
C GLN E 180 0.07 11.23 14.73
C GLN E 180 -0.08 11.23 14.82
N GLY E 181 0.71 11.74 15.78
CA GLY E 181 1.55 10.91 16.64
C GLY E 181 2.86 10.53 16.03
N SER E 182 3.18 11.02 14.83
CA SER E 182 4.41 10.58 14.13
C SER E 182 5.68 11.11 14.78
N MET E 183 5.69 12.33 15.29
N MET E 183 5.68 12.34 15.28
CA MET E 183 6.98 12.82 15.88
CA MET E 183 6.89 12.92 15.95
C MET E 183 7.37 11.94 17.06
C MET E 183 7.35 11.97 17.05
N LYS E 184 6.44 11.57 17.95
CA LYS E 184 6.79 10.69 19.08
CA LYS E 184 6.82 10.69 19.07
C LYS E 184 7.27 9.35 18.52
N GLU E 185 6.60 8.79 17.52
N GLU E 185 6.60 8.80 17.54
CA GLU E 185 7.04 7.52 16.93
CA GLU E 185 7.06 7.54 16.94
C GLU E 185 8.50 7.62 16.44
C GLU E 185 8.51 7.62 16.45
N TRP E 186 8.85 8.64 15.67
CA TRP E 186 10.22 8.78 15.20
C TRP E 186 11.16 8.99 16.38
N GLN E 187 10.77 9.75 17.36
CA GLN E 187 11.65 9.98 18.53
C GLN E 187 11.94 8.64 19.23
N ASP E 188 10.93 7.81 19.43
CA ASP E 188 11.07 6.54 20.12
C ASP E 188 11.91 5.56 19.28
N MET E 189 11.96 5.71 17.95
CA MET E 189 12.80 4.89 17.06
C MET E 189 14.17 5.48 16.87
N GLY E 190 14.50 6.54 17.58
CA GLY E 190 15.87 7.08 17.57
C GLY E 190 16.19 7.98 16.44
N VAL E 191 15.22 8.43 15.66
CA VAL E 191 15.44 9.37 14.56
C VAL E 191 15.94 10.71 15.13
N LEU E 192 16.94 11.29 14.46
CA LEU E 192 17.60 12.47 15.01
C LEU E 192 16.88 13.79 14.70
N ASN E 193 16.32 13.88 13.51
CA ASN E 193 16.04 15.22 12.96
C ASN E 193 15.05 15.06 11.79
N PHE E 194 14.48 16.21 11.42
CA PHE E 194 13.66 16.40 10.22
C PHE E 194 14.39 17.26 9.19
N GLU E 195 14.22 16.93 7.93
CA GLU E 195 14.50 17.86 6.80
C GLU E 195 13.61 17.46 5.63
N MET E 196 13.89 17.94 4.43
CA MET E 196 12.91 17.82 3.34
C MET E 196 13.50 17.33 2.03
N GLU E 197 14.75 16.93 1.93
CA GLU E 197 15.41 16.57 0.67
C GLU E 197 16.18 15.25 0.66
N SER E 198 16.63 14.77 1.81
CA SER E 198 17.62 13.68 1.84
C SER E 198 17.01 12.38 1.31
N ALA E 199 15.73 12.09 1.61
CA ALA E 199 15.17 10.84 1.09
C ALA E 199 15.23 10.79 -0.42
N THR E 200 14.85 11.89 -1.08
CA THR E 200 14.92 11.94 -2.54
C THR E 200 16.37 11.81 -3.00
N LEU E 201 17.25 12.67 -2.44
CA LEU E 201 18.62 12.71 -2.90
C LEU E 201 19.28 11.34 -2.75
N LEU E 202 19.17 10.77 -1.54
CA LEU E 202 19.92 9.54 -1.26
C LEU E 202 19.35 8.37 -2.06
N THR E 203 18.02 8.27 -2.20
CA THR E 203 17.42 7.17 -2.98
C THR E 203 17.81 7.28 -4.43
N MET E 204 17.65 8.49 -4.99
CA MET E 204 17.93 8.64 -6.42
CA MET E 204 17.96 8.73 -6.41
C MET E 204 19.41 8.33 -6.67
N CYS E 205 20.34 8.82 -5.82
CA CYS E 205 21.75 8.56 -6.11
C CYS E 205 22.17 7.10 -5.87
N ALA E 206 21.68 6.51 -4.77
CA ALA E 206 22.05 5.10 -4.43
C ALA E 206 21.52 4.13 -5.49
N SER E 207 20.45 4.48 -6.20
CA SER E 207 19.83 3.64 -7.23
C SER E 207 20.29 3.99 -8.65
N SER E 208 21.20 4.98 -8.81
CA SER E 208 21.59 5.55 -10.10
C SER E 208 23.11 5.58 -10.32
N GLY E 209 23.91 5.01 -9.45
CA GLY E 209 25.36 5.00 -9.64
C GLY E 209 25.99 6.32 -9.28
N LEU E 210 25.41 7.10 -8.37
CA LEU E 210 25.94 8.42 -7.97
C LEU E 210 26.22 8.34 -6.48
N LYS E 211 27.26 9.05 -6.01
CA LYS E 211 27.63 9.06 -4.62
C LYS E 211 27.01 10.27 -3.95
N ALA E 212 26.35 10.10 -2.84
CA ALA E 212 25.70 11.24 -2.17
C ALA E 212 25.82 11.12 -0.67
N GLY E 213 25.74 12.24 0.01
CA GLY E 213 25.59 12.27 1.45
C GLY E 213 25.03 13.62 1.86
N CYS E 214 24.65 13.70 3.13
CA CYS E 214 24.01 14.89 3.72
CA CYS E 214 24.03 14.88 3.74
C CYS E 214 24.60 15.18 5.09
N VAL E 215 24.99 16.45 5.28
CA VAL E 215 25.43 16.94 6.58
C VAL E 215 24.62 18.17 6.88
N ALA E 216 24.30 18.38 8.16
CA ALA E 216 23.50 19.54 8.55
C ALA E 216 23.88 20.08 9.91
N GLY E 217 23.81 21.41 10.04
N GLY E 217 23.75 21.41 10.07
CA GLY E 217 23.86 22.06 11.35
CA GLY E 217 23.84 22.05 11.39
C GLY E 217 22.48 22.20 11.98
C GLY E 217 22.47 22.19 12.05
N VAL E 218 22.40 21.85 13.26
N VAL E 218 22.44 21.88 13.36
CA VAL E 218 21.14 21.92 14.01
CA VAL E 218 21.18 21.94 14.12
C VAL E 218 20.88 23.40 14.32
C VAL E 218 20.86 23.43 14.39
N ILE E 219 19.70 23.88 13.91
CA ILE E 219 19.25 25.27 14.14
C ILE E 219 18.14 25.37 15.16
N ILE E 220 17.50 24.26 15.50
CA ILE E 220 16.40 24.28 16.47
C ILE E 220 16.26 22.87 17.01
N ASN E 221 15.73 22.76 18.20
CA ASN E 221 15.42 21.47 18.81
C ASN E 221 13.96 21.54 19.24
N ARG E 222 13.15 20.70 18.60
CA ARG E 222 11.66 20.68 18.77
C ARG E 222 11.32 20.33 20.23
N THR E 223 12.27 19.78 21.01
CA THR E 223 12.00 19.40 22.43
C THR E 223 12.48 20.44 23.42
N GLN E 224 13.16 21.47 23.00
CA GLN E 224 13.70 22.50 23.94
C GLN E 224 12.84 23.77 23.84
N LYS E 225 12.50 24.34 24.97
CA LYS E 225 11.68 25.59 25.01
C LYS E 225 12.57 26.81 24.72
N GLU E 226 13.83 26.74 25.11
CA GLU E 226 14.76 27.89 24.92
C GLU E 226 14.85 28.23 23.44
N ILE E 227 14.96 29.53 23.15
CA ILE E 227 15.21 30.06 21.77
C ILE E 227 16.71 30.25 21.60
N PRO E 228 17.34 29.69 20.54
CA PRO E 228 18.76 29.88 20.34
C PRO E 228 19.02 31.36 20.02
N ASP E 229 20.19 31.87 20.42
CA ASP E 229 20.54 33.28 20.11
C ASP E 229 21.11 33.36 18.69
N HIS E 230 21.08 34.59 18.16
CA HIS E 230 21.48 34.96 16.78
C HIS E 230 22.93 34.52 16.53
N ALA E 231 23.80 34.70 17.54
CA ALA E 231 25.25 34.43 17.46
C ALA E 231 25.47 32.95 17.22
N THR E 232 24.81 32.11 18.00
CA THR E 232 25.00 30.64 17.90
C THR E 232 24.55 30.19 16.51
N LEU E 233 23.45 30.73 16.02
CA LEU E 233 22.91 30.31 14.71
C LEU E 233 23.87 30.75 13.61
N LYS E 234 24.48 31.92 13.76
CA LYS E 234 25.40 32.41 12.72
C LYS E 234 26.64 31.52 12.69
N GLU E 235 27.18 31.18 13.85
CA GLU E 235 28.35 30.31 13.96
C GLU E 235 28.00 28.96 13.33
N THR E 236 26.79 28.47 13.57
CA THR E 236 26.37 27.13 13.09
C THR E 236 26.31 27.14 11.56
N GLU E 237 25.73 28.18 10.96
CA GLU E 237 25.60 28.25 9.49
C GLU E 237 27.00 28.31 8.91
N ALA E 238 27.88 29.08 9.53
CA ALA E 238 29.26 29.25 9.00
C ALA E 238 30.01 27.95 9.10
N ARG E 239 29.86 27.21 10.21
N ARG E 239 29.88 27.23 10.22
CA ARG E 239 30.63 25.96 10.40
CA ARG E 239 30.63 25.96 10.40
C ARG E 239 30.12 24.93 9.39
C ARG E 239 30.12 24.92 9.41
N SER E 240 28.81 24.88 9.12
CA SER E 240 28.25 23.86 8.24
CA SER E 240 28.23 23.86 8.24
C SER E 240 28.88 23.94 6.86
N ILE E 241 29.05 25.16 6.33
CA ILE E 241 29.59 25.26 4.96
C ILE E 241 31.12 25.07 4.98
N LYS E 242 31.81 25.43 6.05
CA LYS E 242 33.24 25.08 6.15
CA LYS E 242 33.25 25.07 6.15
C LYS E 242 33.38 23.55 6.17
N VAL E 243 32.54 22.86 6.95
CA VAL E 243 32.59 21.36 7.03
C VAL E 243 32.34 20.75 5.65
N VAL E 244 31.34 21.21 4.89
CA VAL E 244 31.05 20.51 3.61
C VAL E 244 32.19 20.73 2.62
N VAL E 245 32.85 21.90 2.66
CA VAL E 245 34.01 22.08 1.75
C VAL E 245 35.17 21.14 2.16
N GLU E 246 35.39 20.96 3.46
N GLU E 246 35.40 20.97 3.47
CA GLU E 246 36.45 20.03 3.88
CA GLU E 246 36.44 20.03 3.95
C GLU E 246 36.05 18.59 3.53
C GLU E 246 36.04 18.61 3.56
N ALA E 247 34.74 18.27 3.56
CA ALA E 247 34.33 16.90 3.19
C ALA E 247 34.58 16.73 1.68
N ALA E 248 34.35 17.78 0.88
CA ALA E 248 34.64 17.74 -0.56
C ALA E 248 36.12 17.49 -0.75
N ARG E 249 36.98 18.19 0.01
N ARG E 249 36.98 18.16 0.04
CA ARG E 249 38.46 17.98 -0.09
CA ARG E 249 38.44 17.98 -0.12
C ARG E 249 38.76 16.49 0.07
C ARG E 249 38.80 16.52 0.12
N LYS E 250 38.13 15.90 1.09
CA LYS E 250 38.42 14.47 1.41
C LYS E 250 37.94 13.54 0.31
N MET E 251 36.94 13.94 -0.44
CA MET E 251 36.45 13.12 -1.57
C MET E 251 37.30 13.25 -2.83
N LEU E 252 38.08 14.31 -2.99
CA LEU E 252 38.79 14.50 -4.26
C LEU E 252 39.86 13.44 -4.42
N LYS E 253 40.06 12.97 -5.66
CA LYS E 253 41.00 11.89 -6.05
C LYS E 253 42.22 12.44 -6.80
N LYS F 3 1.03 37.57 12.50
N LYS F 3 4.21 36.36 13.78
CA LYS F 3 2.08 38.61 12.35
CA LYS F 3 3.57 37.54 13.07
C LYS F 3 3.12 38.17 11.32
C LYS F 3 4.15 37.71 11.66
N THR F 4 4.06 37.31 11.67
N THR F 4 5.47 37.54 11.47
CA THR F 4 5.08 36.91 10.66
CA THR F 4 6.06 37.35 10.12
C THR F 4 4.99 35.41 10.30
C THR F 4 6.21 35.85 9.88
N VAL F 5 5.72 35.01 9.25
N VAL F 5 5.69 35.35 8.77
CA VAL F 5 5.75 33.58 8.80
CA VAL F 5 5.70 33.88 8.53
C VAL F 5 7.19 33.05 8.71
C VAL F 5 7.11 33.41 8.20
N PHE F 6 7.43 31.73 8.66
N PHE F 6 7.37 32.13 8.44
CA PHE F 6 8.82 31.21 8.71
CA PHE F 6 8.73 31.63 8.69
C PHE F 6 9.56 31.57 7.44
C PHE F 6 9.58 31.58 7.42
N HIS F 7 8.95 31.46 6.26
CA HIS F 7 9.70 31.42 4.97
C HIS F 7 9.44 32.67 4.14
N LEU F 8 8.20 33.17 4.02
CA LEU F 8 7.89 34.19 3.00
C LEU F 8 8.37 35.58 3.43
N GLY F 9 8.70 35.83 4.68
CA GLY F 9 9.25 37.13 5.04
C GLY F 9 8.28 38.31 4.96
N VAL F 10 6.98 38.05 5.04
CA VAL F 10 5.94 39.09 5.04
C VAL F 10 5.05 38.95 6.27
N THR F 11 4.35 40.01 6.58
CA THR F 11 3.38 40.10 7.67
C THR F 11 1.97 40.22 7.12
N GLU F 12 0.98 39.96 7.96
CA GLU F 12 -0.41 40.16 7.55
C GLU F 12 -0.62 41.60 7.08
N ALA F 13 -0.06 42.57 7.80
CA ALA F 13 -0.29 43.97 7.44
C ALA F 13 0.31 44.25 6.04
N ASP F 14 1.43 43.61 5.67
CA ASP F 14 2.02 43.81 4.35
C ASP F 14 1.04 43.52 3.21
N LEU F 15 0.11 42.59 3.47
CA LEU F 15 -0.81 42.13 2.40
C LEU F 15 -2.00 43.06 2.22
N ASN F 16 -2.20 44.03 3.09
N ASN F 16 -2.22 44.01 3.11
CA ASN F 16 -3.26 45.07 2.93
CA ASN F 16 -3.23 45.07 2.91
C ASN F 16 -4.62 44.43 2.68
C ASN F 16 -4.62 44.47 2.71
N GLY F 17 -4.92 43.37 3.42
CA GLY F 17 -6.25 42.75 3.39
C GLY F 17 -6.43 41.76 2.29
N ALA F 18 -5.41 41.40 1.51
CA ALA F 18 -5.61 40.47 0.38
C ALA F 18 -6.17 39.15 0.88
N THR F 19 -7.13 38.61 0.16
CA THR F 19 -7.65 37.25 0.44
C THR F 19 -7.46 36.35 -0.76
N LEU F 20 -6.82 36.83 -1.82
CA LEU F 20 -6.59 36.06 -3.04
C LEU F 20 -5.13 36.19 -3.43
N ALA F 21 -4.52 35.07 -3.79
CA ALA F 21 -3.15 35.01 -4.30
C ALA F 21 -3.08 34.35 -5.65
N ILE F 22 -2.23 34.89 -6.53
CA ILE F 22 -1.78 34.25 -7.76
C ILE F 22 -0.42 33.66 -7.49
N ILE F 23 -0.24 32.38 -7.79
CA ILE F 23 0.95 31.63 -7.36
C ILE F 23 1.61 30.97 -8.55
N PRO F 24 2.47 31.71 -9.32
CA PRO F 24 3.30 31.07 -10.35
C PRO F 24 4.45 30.29 -9.69
N GLY F 25 5.09 29.45 -10.48
CA GLY F 25 6.27 28.73 -9.95
C GLY F 25 7.56 29.56 -9.94
N ASP F 26 7.81 30.34 -10.99
CA ASP F 26 9.08 31.00 -11.22
C ASP F 26 9.08 32.36 -10.54
N PRO F 27 10.03 32.63 -9.63
CA PRO F 27 10.13 33.94 -8.99
C PRO F 27 10.17 35.09 -10.00
N ALA F 28 10.80 34.87 -11.15
CA ALA F 28 10.92 35.96 -12.15
C ALA F 28 9.58 36.33 -12.78
N ARG F 29 8.55 35.52 -12.65
N ARG F 29 8.55 35.51 -12.63
CA ARG F 29 7.24 35.83 -13.27
CA ARG F 29 7.21 35.78 -13.24
C ARG F 29 6.35 36.64 -12.30
C ARG F 29 6.32 36.59 -12.30
N VAL F 30 6.74 36.79 -11.05
CA VAL F 30 5.90 37.45 -10.06
C VAL F 30 5.68 38.90 -10.45
N GLN F 31 6.76 39.64 -10.76
CA GLN F 31 6.63 41.06 -11.15
C GLN F 31 5.83 41.17 -12.45
N LYS F 32 5.98 40.22 -13.36
N LYS F 32 5.98 40.20 -13.35
CA LYS F 32 5.26 40.31 -14.66
CA LYS F 32 5.31 40.20 -14.67
C LYS F 32 3.75 40.20 -14.41
C LYS F 32 3.79 40.08 -14.50
N ILE F 33 3.34 39.32 -13.52
CA ILE F 33 1.90 39.24 -13.18
C ILE F 33 1.45 40.49 -12.43
N ALA F 34 2.24 40.94 -11.45
CA ALA F 34 1.83 42.06 -10.60
C ALA F 34 1.65 43.33 -11.45
N GLU F 35 2.44 43.52 -12.51
CA GLU F 35 2.39 44.75 -13.31
C GLU F 35 1.16 44.79 -14.21
N LEU F 36 0.44 43.69 -14.34
CA LEU F 36 -0.86 43.72 -15.04
C LEU F 36 -1.94 44.34 -14.16
N MET F 37 -1.69 44.52 -12.88
CA MET F 37 -2.68 45.06 -11.94
C MET F 37 -2.29 46.47 -11.53
N ASP F 38 -3.00 47.03 -10.57
CA ASP F 38 -2.73 48.41 -10.10
C ASP F 38 -1.76 48.44 -8.91
N ASN F 39 -0.92 49.49 -8.87
CA ASN F 39 -0.05 49.74 -7.70
C ASN F 39 0.71 48.48 -7.26
N PRO F 40 1.44 47.80 -8.16
CA PRO F 40 2.27 46.65 -7.75
C PRO F 40 3.42 47.15 -6.84
N VAL F 41 3.67 46.43 -5.74
CA VAL F 41 4.75 46.76 -4.81
C VAL F 41 5.46 45.47 -4.43
N PHE F 42 6.78 45.46 -4.55
CA PHE F 42 7.62 44.37 -4.06
C PHE F 42 7.54 44.31 -2.54
N LEU F 43 7.35 43.10 -2.01
CA LEU F 43 7.32 42.88 -0.55
C LEU F 43 8.56 42.18 -0.04
N ALA F 44 8.96 41.04 -0.63
CA ALA F 44 10.07 40.24 -0.10
C ALA F 44 10.52 39.27 -1.15
N SER F 45 11.78 38.86 -1.01
CA SER F 45 12.33 37.73 -1.76
C SER F 45 13.27 36.93 -0.84
N HIS F 46 12.97 35.66 -0.70
CA HIS F 46 13.75 34.70 0.11
CA HIS F 46 13.80 34.71 0.07
C HIS F 46 13.67 33.35 -0.59
N ARG F 47 14.80 32.68 -0.82
CA ARG F 47 14.78 31.40 -1.48
C ARG F 47 13.97 31.51 -2.78
N GLU F 48 13.14 30.53 -3.10
CA GLU F 48 12.30 30.59 -4.29
C GLU F 48 11.05 31.46 -4.16
N TYR F 49 10.89 32.19 -3.08
CA TYR F 49 9.65 32.90 -2.76
C TYR F 49 9.85 34.41 -3.00
N THR F 50 9.29 34.91 -4.08
CA THR F 50 9.26 36.36 -4.35
C THR F 50 7.79 36.74 -4.20
N VAL F 51 7.54 37.79 -3.45
CA VAL F 51 6.18 38.21 -3.06
C VAL F 51 5.96 39.69 -3.46
N TYR F 52 4.88 39.94 -4.16
CA TYR F 52 4.40 41.29 -4.49
C TYR F 52 2.97 41.44 -4.01
N ARG F 53 2.57 42.66 -3.76
N ARG F 53 2.55 42.66 -3.73
CA ARG F 53 1.16 43.01 -3.62
CA ARG F 53 1.12 42.98 -3.64
C ARG F 53 0.70 43.86 -4.80
C ARG F 53 0.72 43.83 -4.82
N ALA F 54 -0.57 43.82 -5.16
CA ALA F 54 -1.12 44.72 -6.17
C ALA F 54 -2.61 44.91 -5.85
N GLU F 55 -3.30 45.64 -6.70
CA GLU F 55 -4.71 45.94 -6.49
C GLU F 55 -5.47 45.66 -7.78
N LEU F 56 -6.61 44.98 -7.65
CA LEU F 56 -7.44 44.58 -8.78
C LEU F 56 -8.86 45.03 -8.50
N ASP F 57 -9.38 45.96 -9.29
CA ASP F 57 -10.71 46.51 -9.05
C ASP F 57 -10.81 46.99 -7.60
N GLY F 58 -9.76 47.62 -7.11
CA GLY F 58 -9.74 48.20 -5.76
C GLY F 58 -9.51 47.22 -4.64
N GLN F 59 -9.27 45.95 -4.90
CA GLN F 59 -9.05 44.92 -3.87
C GLN F 59 -7.58 44.48 -3.92
N SER F 60 -6.99 44.23 -2.77
N SER F 60 -6.94 44.46 -2.76
CA SER F 60 -5.60 43.74 -2.68
CA SER F 60 -5.56 43.97 -2.64
C SER F 60 -5.49 42.30 -3.15
C SER F 60 -5.52 42.49 -2.97
N VAL F 61 -4.44 42.02 -3.91
N VAL F 61 -4.51 42.11 -3.73
CA VAL F 61 -4.10 40.72 -4.48
CA VAL F 61 -4.18 40.71 -4.02
C VAL F 61 -2.62 40.47 -4.24
C VAL F 61 -2.68 40.55 -3.78
N VAL F 62 -2.28 39.28 -3.72
N VAL F 62 -2.23 39.30 -3.73
CA VAL F 62 -0.88 38.87 -3.59
CA VAL F 62 -0.82 38.98 -3.58
C VAL F 62 -0.46 38.10 -4.83
C VAL F 62 -0.39 38.03 -4.67
N VAL F 63 0.79 38.23 -5.19
CA VAL F 63 1.43 37.35 -6.17
C VAL F 63 2.67 36.79 -5.47
N CYS F 64 2.80 35.46 -5.44
CA CYS F 64 3.87 34.77 -4.71
C CYS F 64 4.35 33.60 -5.54
N SER F 65 5.64 33.50 -5.78
CA SER F 65 6.15 32.29 -6.42
C SER F 65 6.21 31.12 -5.45
N THR F 66 6.20 29.93 -6.00
CA THR F 66 6.14 28.67 -5.24
C THR F 66 7.41 27.88 -5.32
N GLY F 67 8.24 28.10 -6.33
CA GLY F 67 9.25 27.13 -6.68
C GLY F 67 8.66 25.94 -7.43
N ILE F 68 9.53 25.01 -7.85
CA ILE F 68 9.13 23.75 -8.50
C ILE F 68 8.76 22.73 -7.43
N GLY F 69 7.57 22.13 -7.56
CA GLY F 69 7.21 20.97 -6.78
C GLY F 69 6.25 21.23 -5.64
N GLY F 70 5.58 20.17 -5.22
CA GLY F 70 4.65 20.25 -4.12
C GLY F 70 5.22 20.69 -2.80
N PRO F 71 6.45 20.23 -2.40
CA PRO F 71 6.94 20.65 -1.07
C PRO F 71 7.07 22.18 -0.93
N SER F 72 7.74 22.84 -1.89
CA SER F 72 7.93 24.30 -1.75
C SER F 72 6.57 25.00 -1.92
N THR F 73 5.71 24.47 -2.79
CA THR F 73 4.34 25.02 -2.94
C THR F 73 3.58 24.99 -1.64
N SER F 74 3.68 23.85 -0.92
CA SER F 74 2.88 23.66 0.29
C SER F 74 3.25 24.68 1.37
N ILE F 75 4.54 25.06 1.44
CA ILE F 75 4.96 26.09 2.39
C ILE F 75 4.34 27.45 2.05
N ALA F 76 4.39 27.82 0.79
CA ALA F 76 3.87 29.13 0.36
C ALA F 76 2.37 29.20 0.66
N VAL F 77 1.60 28.14 0.31
CA VAL F 77 0.17 28.18 0.48
C VAL F 77 -0.14 28.27 1.95
N GLU F 78 0.49 27.46 2.78
CA GLU F 78 0.23 27.46 4.21
C GLU F 78 0.49 28.85 4.79
N GLU F 79 1.64 29.44 4.45
CA GLU F 79 2.02 30.69 5.10
C GLU F 79 1.09 31.81 4.61
N LEU F 80 0.73 31.83 3.33
CA LEU F 80 -0.24 32.80 2.87
C LEU F 80 -1.55 32.63 3.57
N ALA F 81 -1.98 31.36 3.78
CA ALA F 81 -3.26 31.15 4.48
C ALA F 81 -3.17 31.65 5.92
N GLN F 82 -2.00 31.50 6.60
CA GLN F 82 -1.85 32.07 7.94
C GLN F 82 -2.09 33.57 7.97
N LEU F 83 -1.77 34.24 6.87
CA LEU F 83 -1.89 35.70 6.71
C LEU F 83 -3.20 36.12 6.08
N GLY F 84 -4.14 35.20 5.93
CA GLY F 84 -5.51 35.51 5.55
C GLY F 84 -5.91 35.19 4.13
N VAL F 85 -4.99 34.66 3.31
CA VAL F 85 -5.35 34.31 1.93
C VAL F 85 -6.24 33.05 1.95
N ARG F 86 -7.31 33.07 1.16
CA ARG F 86 -8.29 31.96 1.08
C ARG F 86 -8.48 31.41 -0.32
N THR F 87 -8.00 32.11 -1.34
CA THR F 87 -8.19 31.73 -2.74
C THR F 87 -6.83 31.73 -3.43
N PHE F 88 -6.48 30.68 -4.13
CA PHE F 88 -5.16 30.48 -4.73
C PHE F 88 -5.33 30.13 -6.19
N LEU F 89 -4.81 30.94 -7.10
CA LEU F 89 -4.90 30.69 -8.55
CA LEU F 89 -4.89 30.69 -8.54
C LEU F 89 -3.50 30.37 -9.05
N ARG F 90 -3.30 29.16 -9.57
CA ARG F 90 -1.99 28.76 -10.07
C ARG F 90 -1.99 28.98 -11.58
N VAL F 91 -0.88 29.51 -12.09
CA VAL F 91 -0.72 29.77 -13.49
C VAL F 91 0.65 29.16 -13.76
N GLY F 92 0.78 28.47 -14.86
N GLY F 92 0.80 28.66 -14.97
CA GLY F 92 2.03 27.74 -15.14
CA GLY F 92 2.09 28.32 -15.56
C GLY F 92 2.14 27.27 -16.55
C GLY F 92 1.95 27.83 -16.99
N THR F 93 3.16 26.45 -16.77
N THR F 93 2.97 27.07 -17.42
CA THR F 93 3.46 25.84 -18.08
CA THR F 93 3.09 26.38 -18.73
C THR F 93 3.21 24.36 -17.95
C THR F 93 3.27 24.89 -18.51
N THR F 94 2.97 23.71 -19.07
N THR F 94 3.05 24.05 -19.53
CA THR F 94 2.65 22.27 -19.04
CA THR F 94 2.90 22.59 -19.29
C THR F 94 3.04 21.68 -20.37
C THR F 94 3.22 21.72 -20.51
N GLY F 95 3.39 20.39 -20.32
CA GLY F 95 3.57 19.52 -21.49
C GLY F 95 2.30 18.76 -21.75
N ALA F 96 1.74 18.87 -22.95
CA ALA F 96 0.54 18.07 -23.30
C ALA F 96 0.98 16.70 -23.74
N ILE F 97 0.09 15.75 -23.55
CA ILE F 97 0.35 14.34 -23.94
C ILE F 97 -0.76 13.81 -24.85
N GLN F 98 -1.71 14.64 -25.28
CA GLN F 98 -2.78 14.29 -26.22
C GLN F 98 -2.48 14.95 -27.54
N PRO F 99 -2.61 14.21 -28.65
CA PRO F 99 -2.31 14.81 -29.95
C PRO F 99 -3.22 15.94 -30.36
N HIS F 100 -4.43 16.03 -29.81
CA HIS F 100 -5.37 17.08 -30.24
C HIS F 100 -5.07 18.41 -29.54
N VAL F 101 -4.15 18.44 -28.56
CA VAL F 101 -3.85 19.66 -27.80
C VAL F 101 -2.64 20.32 -28.44
N ASN F 102 -2.73 21.57 -28.83
CA ASN F 102 -1.58 22.18 -29.52
C ASN F 102 -0.82 23.11 -28.58
N VAL F 103 0.45 23.29 -28.90
CA VAL F 103 1.27 24.38 -28.29
C VAL F 103 0.52 25.68 -28.41
N GLY F 104 0.38 26.40 -27.32
CA GLY F 104 -0.36 27.67 -27.25
C GLY F 104 -1.76 27.54 -26.72
N ASP F 105 -2.31 26.33 -26.71
CA ASP F 105 -3.61 26.11 -26.07
C ASP F 105 -3.51 26.31 -24.55
N MET F 106 -4.65 26.43 -23.89
N MET F 106 -4.63 26.44 -23.90
CA MET F 106 -4.73 26.53 -22.40
CA MET F 106 -4.65 26.47 -22.42
C MET F 106 -5.48 25.35 -21.80
C MET F 106 -5.37 25.25 -21.88
N ILE F 107 -5.00 24.86 -20.66
CA ILE F 107 -5.63 23.74 -19.95
C ILE F 107 -6.05 24.22 -18.59
N VAL F 108 -7.29 23.97 -18.25
CA VAL F 108 -7.80 24.19 -16.88
C VAL F 108 -7.99 22.79 -16.26
N THR F 109 -7.29 22.55 -15.17
CA THR F 109 -7.31 21.20 -14.55
C THR F 109 -8.63 20.97 -13.83
N THR F 110 -9.33 19.88 -14.16
CA THR F 110 -10.54 19.49 -13.42
C THR F 110 -10.26 18.48 -12.31
N GLY F 111 -9.09 17.86 -12.32
CA GLY F 111 -8.64 16.92 -11.31
C GLY F 111 -7.22 16.52 -11.63
N SER F 112 -6.45 16.12 -10.63
CA SER F 112 -5.08 15.71 -10.82
C SER F 112 -4.85 14.25 -10.43
N VAL F 113 -4.06 13.57 -11.26
CA VAL F 113 -3.48 12.27 -10.91
C VAL F 113 -2.39 12.55 -9.88
N ARG F 114 -2.48 11.97 -8.68
CA ARG F 114 -1.61 12.32 -7.55
C ARG F 114 -0.32 11.49 -7.62
N LEU F 115 0.61 11.91 -8.47
CA LEU F 115 1.93 11.25 -8.62
C LEU F 115 2.99 11.97 -7.80
N ASP F 116 2.57 12.58 -6.71
CA ASP F 116 3.34 13.39 -5.78
C ASP F 116 3.42 12.73 -4.42
N GLY F 117 4.05 13.37 -3.49
CA GLY F 117 4.13 12.91 -2.10
C GLY F 117 3.40 13.85 -1.20
N ALA F 118 3.46 15.17 -1.41
CA ALA F 118 2.98 16.12 -0.42
C ALA F 118 1.47 16.06 -0.26
N SER F 119 0.75 15.69 -1.33
CA SER F 119 -0.69 15.58 -1.22
C SER F 119 -1.10 14.66 -0.04
N LEU F 120 -0.35 13.56 0.16
CA LEU F 120 -0.57 12.55 1.19
C LEU F 120 -0.36 13.12 2.58
N HIS F 121 0.33 14.27 2.71
CA HIS F 121 0.47 14.92 4.01
C HIS F 121 -0.74 15.73 4.41
N PHE F 122 -1.75 15.81 3.50
CA PHE F 122 -3.01 16.51 3.79
C PHE F 122 -4.22 15.58 3.74
N ALA F 123 -4.20 14.57 2.87
CA ALA F 123 -5.37 13.67 2.76
C ALA F 123 -4.87 12.36 2.21
N PRO F 124 -5.51 11.23 2.59
CA PRO F 124 -5.11 9.92 2.07
C PRO F 124 -5.37 9.85 0.58
N MET F 125 -4.77 8.91 -0.12
CA MET F 125 -4.76 8.83 -1.59
C MET F 125 -6.16 8.79 -2.16
N GLU F 126 -7.12 8.22 -1.43
N GLU F 126 -7.14 8.24 -1.45
CA GLU F 126 -8.54 8.11 -1.87
CA GLU F 126 -8.50 8.13 -2.01
C GLU F 126 -9.12 9.48 -2.18
C GLU F 126 -9.16 9.49 -2.17
N PHE F 127 -8.67 10.54 -1.52
CA PHE F 127 -9.27 11.86 -1.59
C PHE F 127 -8.97 12.45 -2.95
N PRO F 128 -9.92 13.12 -3.61
CA PRO F 128 -9.70 13.60 -4.97
C PRO F 128 -8.93 14.95 -4.97
N ALA F 129 -7.93 15.01 -5.85
CA ALA F 129 -7.20 16.27 -6.08
C ALA F 129 -8.02 17.11 -7.09
N VAL F 130 -8.93 17.91 -6.53
N VAL F 130 -9.03 17.80 -6.59
CA VAL F 130 -10.03 18.57 -7.26
CA VAL F 130 -9.95 18.58 -7.46
C VAL F 130 -9.93 20.09 -7.02
C VAL F 130 -9.93 20.05 -7.06
N PRO F 131 -10.14 20.96 -8.05
CA PRO F 131 -10.18 22.39 -7.80
C PRO F 131 -11.51 22.78 -7.18
N ASP F 132 -11.54 23.96 -6.65
CA ASP F 132 -12.79 24.67 -6.35
C ASP F 132 -13.54 24.94 -7.64
N PHE F 133 -14.82 24.65 -7.64
CA PHE F 133 -15.62 24.74 -8.85
C PHE F 133 -15.74 26.18 -9.35
N ASP F 134 -15.85 27.14 -8.44
CA ASP F 134 -15.92 28.55 -8.87
C ASP F 134 -14.60 28.98 -9.50
N VAL F 135 -13.47 28.55 -8.95
CA VAL F 135 -12.17 28.90 -9.57
C VAL F 135 -12.05 28.29 -10.95
N ALA F 136 -12.36 27.01 -11.07
CA ALA F 136 -12.29 26.36 -12.38
C ALA F 136 -13.19 27.04 -13.38
N THR F 137 -14.39 27.39 -12.96
CA THR F 137 -15.35 28.10 -13.84
C THR F 137 -14.78 29.46 -14.29
N ALA F 138 -14.20 30.23 -13.36
CA ALA F 138 -13.62 31.55 -13.67
C ALA F 138 -12.43 31.40 -14.61
N MET F 139 -11.60 30.36 -14.42
N MET F 139 -11.59 30.38 -14.38
CA MET F 139 -10.45 30.15 -15.29
CA MET F 139 -10.42 30.09 -15.23
C MET F 139 -10.90 29.79 -16.69
C MET F 139 -10.90 29.79 -16.67
N LYS F 140 -11.90 28.92 -16.81
CA LYS F 140 -12.44 28.57 -18.14
C LYS F 140 -12.93 29.82 -18.83
N ALA F 141 -13.74 30.62 -18.15
CA ALA F 141 -14.33 31.82 -18.78
C ALA F 141 -13.18 32.76 -19.21
N ALA F 142 -12.21 33.01 -18.32
CA ALA F 142 -11.15 34.01 -18.67
C ALA F 142 -10.33 33.46 -19.83
N ALA F 143 -10.05 32.15 -19.84
CA ALA F 143 -9.26 31.56 -20.95
C ALA F 143 -10.04 31.74 -22.25
N GLN F 144 -11.32 31.41 -22.26
CA GLN F 144 -12.11 31.53 -23.51
C GLN F 144 -12.15 32.98 -24.00
N GLU F 145 -12.34 33.90 -23.07
CA GLU F 145 -12.49 35.32 -23.43
C GLU F 145 -11.16 35.86 -23.96
N SER F 146 -10.02 35.21 -23.71
CA SER F 146 -8.71 35.68 -24.24
C SER F 146 -8.51 35.26 -25.72
N GLY F 147 -9.42 34.44 -26.23
CA GLY F 147 -9.35 33.95 -27.61
C GLY F 147 -8.60 32.62 -27.67
N ALA F 148 -8.10 32.09 -26.55
CA ALA F 148 -7.35 30.84 -26.51
C ALA F 148 -8.27 29.65 -26.80
N THR F 149 -7.68 28.58 -27.31
CA THR F 149 -8.34 27.26 -27.35
C THR F 149 -8.14 26.65 -25.97
N VAL F 150 -9.22 26.26 -25.30
CA VAL F 150 -9.21 25.85 -23.88
C VAL F 150 -9.68 24.41 -23.75
N HIS F 151 -8.93 23.63 -22.99
CA HIS F 151 -9.30 22.24 -22.65
C HIS F 151 -9.56 22.14 -21.15
N MET F 152 -10.63 21.49 -20.77
CA MET F 152 -10.90 21.12 -19.37
C MET F 152 -10.57 19.64 -19.24
N GLY F 153 -9.80 19.25 -18.23
CA GLY F 153 -9.56 17.82 -18.03
C GLY F 153 -8.55 17.52 -16.98
N VAL F 154 -8.19 16.24 -16.95
CA VAL F 154 -7.31 15.69 -15.90
C VAL F 154 -5.85 15.93 -16.25
N THR F 155 -5.08 16.26 -15.23
CA THR F 155 -3.65 16.54 -15.32
C THR F 155 -2.91 15.49 -14.48
N ALA F 156 -1.81 14.96 -14.99
CA ALA F 156 -0.91 14.06 -14.23
C ALA F 156 0.12 14.94 -13.53
N SER F 157 0.17 14.86 -12.21
CA SER F 157 0.99 15.78 -11.40
C SER F 157 2.10 15.00 -10.69
N SER F 158 3.31 15.16 -11.20
CA SER F 158 4.46 14.33 -10.85
C SER F 158 5.46 15.03 -9.95
N ASP F 159 6.03 14.33 -8.94
CA ASP F 159 7.15 14.79 -8.14
C ASP F 159 8.45 14.82 -8.89
N THR F 160 8.53 14.30 -10.10
CA THR F 160 9.73 14.45 -10.91
C THR F 160 9.42 14.94 -12.29
N PHE F 161 10.39 15.61 -12.90
CA PHE F 161 10.35 16.02 -14.31
C PHE F 161 10.70 14.86 -15.21
N TYR F 162 11.58 13.97 -14.74
CA TYR F 162 12.19 12.95 -15.61
C TYR F 162 11.47 11.61 -15.50
N PRO F 163 11.76 10.72 -14.50
CA PRO F 163 11.12 9.39 -14.59
C PRO F 163 9.62 9.42 -14.41
N GLY F 164 9.09 10.32 -13.59
CA GLY F 164 7.64 10.36 -13.38
C GLY F 164 6.88 10.94 -14.54
N GLN F 165 7.57 11.54 -15.53
CA GLN F 165 6.97 11.91 -16.81
C GLN F 165 7.41 10.93 -17.89
N GLU F 166 7.95 9.78 -17.47
CA GLU F 166 8.46 8.70 -18.35
C GLU F 166 9.39 9.26 -19.44
N ARG F 167 10.38 10.05 -19.02
CA ARG F 167 11.48 10.48 -19.92
CA ARG F 167 11.47 10.47 -19.93
C ARG F 167 12.61 9.46 -19.80
N TYR F 168 13.11 9.01 -20.93
CA TYR F 168 14.26 8.06 -20.99
C TYR F 168 15.55 8.73 -21.42
N ASP F 169 15.52 9.98 -21.86
CA ASP F 169 16.73 10.65 -22.33
C ASP F 169 17.43 11.31 -21.15
N THR F 170 17.97 10.46 -20.28
CA THR F 170 18.51 10.80 -18.97
C THR F 170 19.86 10.19 -18.74
N PHE F 171 20.44 10.55 -17.62
CA PHE F 171 21.74 10.01 -17.24
C PHE F 171 21.69 8.47 -17.21
N THR F 172 20.70 7.87 -16.56
CA THR F 172 20.68 6.38 -16.51
C THR F 172 19.89 5.76 -17.67
N GLY F 173 19.00 6.49 -18.27
CA GLY F 173 18.08 5.95 -19.28
C GLY F 173 17.08 4.96 -18.74
N ARG F 174 16.95 4.88 -17.43
N ARG F 174 16.94 4.88 -17.42
CA ARG F 174 16.00 3.96 -16.80
CA ARG F 174 16.00 3.96 -16.80
C ARG F 174 14.83 4.66 -16.15
C ARG F 174 14.83 4.66 -16.13
N VAL F 175 13.68 4.00 -16.18
CA VAL F 175 12.48 4.43 -15.45
C VAL F 175 12.05 3.29 -14.53
N VAL F 176 11.83 3.61 -13.27
CA VAL F 176 11.37 2.62 -12.29
C VAL F 176 10.09 1.94 -12.78
N ARG F 177 9.92 0.67 -12.37
N ARG F 177 9.92 0.68 -12.37
CA ARG F 177 8.77 -0.18 -12.78
CA ARG F 177 8.78 -0.15 -12.78
C ARG F 177 7.45 0.58 -12.67
C ARG F 177 7.44 0.59 -12.68
N ARG F 178 7.19 1.25 -11.55
CA ARG F 178 5.95 2.00 -11.37
C ARG F 178 5.61 2.86 -12.58
N PHE F 179 6.57 3.52 -13.17
CA PHE F 179 6.33 4.52 -14.23
C PHE F 179 6.59 4.00 -15.62
N GLN F 180 7.06 2.75 -15.78
CA GLN F 180 7.23 2.17 -17.10
C GLN F 180 5.85 2.00 -17.75
N GLY F 181 5.66 2.54 -18.96
CA GLY F 181 4.39 2.48 -19.65
C GLY F 181 3.40 3.47 -19.15
N SER F 182 3.74 4.32 -18.21
CA SER F 182 2.75 5.20 -17.58
C SER F 182 2.25 6.26 -18.55
N MET F 183 3.07 6.82 -19.41
N MET F 183 3.12 6.81 -19.40
CA MET F 183 2.57 7.93 -20.28
CA MET F 183 2.72 7.86 -20.37
C MET F 183 1.45 7.35 -21.16
C MET F 183 1.49 7.34 -21.14
N LYS F 184 1.63 6.17 -21.77
CA LYS F 184 0.59 5.56 -22.60
CA LYS F 184 0.58 5.60 -22.60
C LYS F 184 -0.65 5.30 -21.74
N GLU F 185 -0.50 4.87 -20.49
N GLU F 185 -0.49 4.85 -20.50
N GLU F 185 -0.45 4.82 -20.50
CA GLU F 185 -1.67 4.60 -19.64
CA GLU F 185 -1.65 4.60 -19.64
CA GLU F 185 -1.51 4.54 -19.48
C GLU F 185 -2.45 5.89 -19.43
C GLU F 185 -2.43 5.89 -19.48
C GLU F 185 -2.38 5.81 -19.34
N TRP F 186 -1.77 6.99 -19.12
CA TRP F 186 -2.50 8.23 -18.91
C TRP F 186 -3.10 8.73 -20.22
N GLN F 187 -2.38 8.59 -21.33
CA GLN F 187 -2.93 8.98 -22.64
C GLN F 187 -4.24 8.26 -22.93
N ASP F 188 -4.24 6.96 -22.69
CA ASP F 188 -5.44 6.14 -22.98
C ASP F 188 -6.57 6.47 -22.02
N MET F 189 -6.27 6.97 -20.83
CA MET F 189 -7.28 7.41 -19.86
C MET F 189 -7.72 8.85 -20.08
N GLY F 190 -7.21 9.51 -21.13
CA GLY F 190 -7.71 10.84 -21.47
C GLY F 190 -7.01 11.96 -20.75
N VAL F 191 -5.96 11.67 -20.02
CA VAL F 191 -5.22 12.71 -19.30
C VAL F 191 -4.61 13.68 -20.30
N LEU F 192 -4.68 14.98 -20.01
CA LEU F 192 -4.29 15.98 -21.00
C LEU F 192 -2.78 16.31 -20.95
N ASN F 193 -2.15 16.28 -19.78
CA ASN F 193 -0.87 16.98 -19.62
C ASN F 193 -0.18 16.52 -18.36
N PHE F 194 1.12 16.87 -18.27
CA PHE F 194 1.94 16.69 -17.09
C PHE F 194 2.30 18.06 -16.50
N GLU F 195 2.35 18.13 -15.17
CA GLU F 195 3.07 19.19 -14.47
C GLU F 195 3.49 18.67 -13.12
N MET F 196 3.88 19.52 -12.16
CA MET F 196 4.54 19.07 -10.93
C MET F 196 3.99 19.64 -9.64
N GLU F 197 2.88 20.34 -9.62
CA GLU F 197 2.39 21.02 -8.44
C GLU F 197 0.90 20.87 -8.15
N SER F 198 0.08 20.58 -9.15
CA SER F 198 -1.38 20.64 -8.97
C SER F 198 -1.89 19.59 -8.01
N ALA F 199 -1.33 18.39 -7.98
CA ALA F 199 -1.84 17.42 -7.01
C ALA F 199 -1.70 17.93 -5.58
N THR F 200 -0.53 18.46 -5.25
CA THR F 200 -0.32 18.97 -3.91
C THR F 200 -1.25 20.16 -3.63
N LEU F 201 -1.26 21.13 -4.58
CA LEU F 201 -2.05 22.35 -4.36
C LEU F 201 -3.55 22.02 -4.20
N LEU F 202 -4.07 21.23 -5.12
CA LEU F 202 -5.51 20.97 -5.08
C LEU F 202 -5.91 20.12 -3.89
N THR F 203 -5.11 19.13 -3.56
CA THR F 203 -5.45 18.30 -2.39
C THR F 203 -5.38 19.07 -1.11
N MET F 204 -4.29 19.84 -0.94
N MET F 204 -4.29 19.83 -0.94
CA MET F 204 -4.13 20.66 0.29
CA MET F 204 -4.12 20.63 0.29
C MET F 204 -5.31 21.62 0.43
C MET F 204 -5.28 21.61 0.42
N CYS F 205 -5.64 22.31 -0.63
CA CYS F 205 -6.65 23.35 -0.52
C CYS F 205 -8.07 22.73 -0.32
N ALA F 206 -8.37 21.69 -1.09
CA ALA F 206 -9.70 21.06 -1.01
C ALA F 206 -9.93 20.42 0.33
N SER F 207 -8.90 20.04 1.03
CA SER F 207 -9.01 19.39 2.36
C SER F 207 -8.80 20.38 3.49
N SER F 208 -8.62 21.69 3.17
CA SER F 208 -8.27 22.70 4.21
C SER F 208 -9.14 23.94 4.15
N GLY F 209 -10.25 23.91 3.40
CA GLY F 209 -11.08 25.11 3.41
C GLY F 209 -10.57 26.27 2.56
N LEU F 210 -9.73 25.98 1.58
CA LEU F 210 -9.18 27.01 0.70
C LEU F 210 -9.65 26.72 -0.73
N LYS F 211 -9.87 27.77 -1.50
CA LYS F 211 -10.31 27.65 -2.87
C LYS F 211 -9.08 27.66 -3.78
N ALA F 212 -8.92 26.70 -4.66
CA ALA F 212 -7.76 26.65 -5.57
C ALA F 212 -8.14 26.19 -6.95
N GLY F 213 -7.34 26.59 -7.93
CA GLY F 213 -7.41 26.09 -9.28
C GLY F 213 -6.11 26.29 -10.00
N CYS F 214 -6.00 25.66 -11.15
CA CYS F 214 -4.80 25.65 -11.99
CA CYS F 214 -4.78 25.66 -11.99
C CYS F 214 -5.16 25.89 -13.45
N VAL F 215 -4.46 26.82 -14.09
CA VAL F 215 -4.56 27.06 -15.55
C VAL F 215 -3.14 27.12 -16.10
N ALA F 216 -2.94 26.55 -17.26
CA ALA F 216 -1.58 26.48 -17.83
C ALA F 216 -1.62 26.66 -19.31
N GLY F 217 -0.59 27.31 -19.83
N GLY F 217 -0.57 27.27 -19.83
CA GLY F 217 -0.30 27.32 -21.26
CA GLY F 217 -0.32 27.33 -21.27
C GLY F 217 0.53 26.13 -21.67
C GLY F 217 0.58 26.19 -21.72
N VAL F 218 0.20 25.52 -22.79
CA VAL F 218 0.91 24.36 -23.34
C VAL F 218 2.14 24.86 -24.07
N ILE F 219 3.34 24.43 -23.65
CA ILE F 219 4.63 24.84 -24.22
C ILE F 219 5.24 23.73 -25.03
N ILE F 220 4.76 22.50 -24.87
CA ILE F 220 5.34 21.37 -25.63
C ILE F 220 4.26 20.32 -25.70
N ASN F 221 4.33 19.50 -26.74
CA ASN F 221 3.43 18.34 -26.85
C ASN F 221 4.34 17.10 -27.02
N ARG F 222 4.28 16.18 -26.09
CA ARG F 222 5.17 14.99 -26.05
C ARG F 222 4.96 14.12 -27.29
N THR F 223 3.87 14.31 -28.04
CA THR F 223 3.53 13.48 -29.19
C THR F 223 3.98 14.13 -30.49
N GLN F 224 4.38 15.37 -30.49
CA GLN F 224 4.68 16.15 -31.72
C GLN F 224 6.19 16.36 -31.83
N LYS F 225 6.77 16.03 -32.97
CA LYS F 225 8.21 16.24 -33.25
C LYS F 225 8.50 17.71 -33.52
N GLU F 226 7.56 18.49 -34.09
CA GLU F 226 7.80 19.92 -34.46
C GLU F 226 8.26 20.69 -33.21
N ILE F 227 9.28 21.51 -33.38
CA ILE F 227 9.75 22.43 -32.31
C ILE F 227 8.90 23.69 -32.37
N PRO F 228 8.29 24.13 -31.26
CA PRO F 228 7.50 25.36 -31.29
C PRO F 228 8.46 26.54 -31.44
N ASP F 229 8.07 27.59 -32.19
CA ASP F 229 8.95 28.74 -32.40
C ASP F 229 8.78 29.72 -31.24
N HIS F 230 9.77 30.61 -31.15
CA HIS F 230 10.01 31.54 -30.04
C HIS F 230 8.75 32.42 -29.86
N ALA F 231 8.14 32.85 -30.98
CA ALA F 231 7.03 33.84 -31.01
C ALA F 231 5.77 33.23 -30.39
N THR F 232 5.44 31.99 -30.74
CA THR F 232 4.28 31.25 -30.18
C THR F 232 4.49 31.01 -28.69
N LEU F 233 5.71 30.67 -28.29
CA LEU F 233 6.00 30.55 -26.84
C LEU F 233 5.83 31.89 -26.13
N LYS F 234 6.42 32.95 -26.66
N LYS F 234 6.37 32.96 -26.69
CA LYS F 234 6.29 34.22 -26.01
CA LYS F 234 6.22 34.25 -26.03
C LYS F 234 4.83 34.67 -25.85
C LYS F 234 4.75 34.68 -25.90
N GLU F 235 4.01 34.45 -26.86
N GLU F 235 3.98 34.45 -26.94
CA GLU F 235 2.58 34.85 -26.85
CA GLU F 235 2.53 34.80 -26.96
C GLU F 235 1.84 34.00 -25.82
C GLU F 235 1.83 33.98 -25.87
N THR F 236 2.19 32.71 -25.75
CA THR F 236 1.55 31.78 -24.78
C THR F 236 1.85 32.22 -23.35
N GLU F 237 3.10 32.59 -23.02
N GLU F 237 3.11 32.57 -23.07
CA GLU F 237 3.38 33.00 -21.62
CA GLU F 237 3.49 33.09 -21.72
C GLU F 237 2.61 34.32 -21.32
C GLU F 237 2.59 34.29 -21.37
N ALA F 238 2.55 35.28 -22.27
CA ALA F 238 1.82 36.55 -22.06
C ALA F 238 0.33 36.30 -21.86
N ARG F 239 -0.23 35.42 -22.69
N ARG F 239 -0.23 35.42 -22.68
CA ARG F 239 -1.69 35.18 -22.61
CA ARG F 239 -1.70 35.19 -22.59
C ARG F 239 -2.00 34.47 -21.27
C ARG F 239 -2.01 34.48 -21.27
N SER F 240 -1.16 33.55 -20.83
CA SER F 240 -1.43 32.82 -19.57
CA SER F 240 -1.42 32.79 -19.58
C SER F 240 -1.60 33.76 -18.41
N ILE F 241 -0.74 34.74 -18.29
CA ILE F 241 -0.81 35.63 -17.12
C ILE F 241 -1.93 36.65 -17.28
N LYS F 242 -2.28 37.06 -18.49
N LYS F 242 -2.29 37.05 -18.49
CA LYS F 242 -3.50 37.88 -18.70
CA LYS F 242 -3.51 37.88 -18.70
C LYS F 242 -4.75 37.09 -18.28
C LYS F 242 -4.75 37.09 -18.26
N VAL F 243 -4.78 35.81 -18.62
CA VAL F 243 -5.92 34.94 -18.26
C VAL F 243 -6.02 34.81 -16.73
N VAL F 244 -4.91 34.55 -16.03
CA VAL F 244 -5.03 34.29 -14.58
C VAL F 244 -5.50 35.56 -13.89
N VAL F 245 -5.08 36.75 -14.37
CA VAL F 245 -5.52 37.98 -13.69
C VAL F 245 -7.02 38.20 -13.96
N GLU F 246 -7.49 37.92 -15.16
N GLU F 246 -7.49 37.91 -15.17
CA GLU F 246 -8.94 38.03 -15.44
CA GLU F 246 -8.93 37.99 -15.48
C GLU F 246 -9.70 36.99 -14.62
C GLU F 246 -9.69 36.99 -14.64
N ALA F 247 -9.15 35.78 -14.42
CA ALA F 247 -9.82 34.80 -13.56
C ALA F 247 -9.89 35.37 -12.14
N ALA F 248 -8.84 36.03 -11.67
CA ALA F 248 -8.86 36.61 -10.32
C ALA F 248 -9.96 37.67 -10.25
N ARG F 249 -10.09 38.50 -11.29
N ARG F 249 -10.09 38.48 -11.30
CA ARG F 249 -11.11 39.54 -11.29
CA ARG F 249 -11.11 39.54 -11.31
C ARG F 249 -12.49 38.91 -11.14
C ARG F 249 -12.49 38.91 -11.15
N LYS F 250 -12.73 37.79 -11.81
CA LYS F 250 -14.02 37.09 -11.70
C LYS F 250 -14.26 36.53 -10.29
N MET F 251 -13.21 36.12 -9.63
CA MET F 251 -13.31 35.61 -8.25
C MET F 251 -13.58 36.68 -7.22
N LEU F 252 -13.24 37.92 -7.47
CA LEU F 252 -13.35 38.99 -6.49
C LEU F 252 -14.68 39.69 -6.67
N LYS F 253 -15.44 39.35 -7.70
CA LYS F 253 -16.51 40.22 -8.25
C LYS F 253 -17.63 40.22 -7.22
#